data_2QCW
# 
_entry.id   2QCW 
# 
_audit_conform.dict_name       mmcif_pdbx.dic 
_audit_conform.dict_version    5.398 
_audit_conform.dict_location   http://mmcif.pdb.org/dictionaries/ascii/mmcif_pdbx.dic 
# 
loop_
_database_2.database_id 
_database_2.database_code 
_database_2.pdbx_database_accession 
_database_2.pdbx_DOI 
PDB   2QCW         pdb_00002qcw 10.2210/pdb2qcw/pdb 
RCSB  RCSB043439   ?            ?                   
WWPDB D_1000043439 ?            ?                   
# 
loop_
_pdbx_audit_revision_history.ordinal 
_pdbx_audit_revision_history.data_content_type 
_pdbx_audit_revision_history.major_revision 
_pdbx_audit_revision_history.minor_revision 
_pdbx_audit_revision_history.revision_date 
1 'Structure model' 1 0 2007-10-23 
2 'Structure model' 1 1 2011-07-13 
3 'Structure model' 1 2 2023-08-30 
4 'Structure model' 1 3 2024-11-13 
# 
_pdbx_audit_revision_details.ordinal             1 
_pdbx_audit_revision_details.revision_ordinal    1 
_pdbx_audit_revision_details.data_content_type   'Structure model' 
_pdbx_audit_revision_details.provider            repository 
_pdbx_audit_revision_details.type                'Initial release' 
_pdbx_audit_revision_details.description         ? 
_pdbx_audit_revision_details.details             ? 
# 
loop_
_pdbx_audit_revision_group.ordinal 
_pdbx_audit_revision_group.revision_ordinal 
_pdbx_audit_revision_group.data_content_type 
_pdbx_audit_revision_group.group 
1 2 'Structure model' Advisory                    
2 2 'Structure model' 'Derived calculations'      
3 2 'Structure model' 'Version format compliance' 
4 3 'Structure model' 'Data collection'           
5 3 'Structure model' 'Database references'       
6 3 'Structure model' 'Refinement description'    
7 4 'Structure model' 'Structure summary'         
# 
loop_
_pdbx_audit_revision_category.ordinal 
_pdbx_audit_revision_category.revision_ordinal 
_pdbx_audit_revision_category.data_content_type 
_pdbx_audit_revision_category.category 
1 3 'Structure model' chem_comp_atom                
2 3 'Structure model' chem_comp_bond                
3 3 'Structure model' database_2                    
4 3 'Structure model' pdbx_initial_refinement_model 
5 4 'Structure model' pdbx_entry_details            
6 4 'Structure model' pdbx_modification_feature     
# 
loop_
_pdbx_audit_revision_item.ordinal 
_pdbx_audit_revision_item.revision_ordinal 
_pdbx_audit_revision_item.data_content_type 
_pdbx_audit_revision_item.item 
1 3 'Structure model' '_database_2.pdbx_DOI'                
2 3 'Structure model' '_database_2.pdbx_database_accession' 
# 
_pdbx_database_status.status_code                     REL 
_pdbx_database_status.entry_id                        2QCW 
_pdbx_database_status.recvd_initial_deposition_date   2007-06-19 
_pdbx_database_status.deposit_site                    RCSB 
_pdbx_database_status.process_site                    RCSB 
_pdbx_database_status.status_code_sf                  REL 
_pdbx_database_status.status_code_mr                  ? 
_pdbx_database_status.SG_entry                        ? 
_pdbx_database_status.pdb_format_compatible           Y 
_pdbx_database_status.status_code_cs                  ? 
_pdbx_database_status.status_code_nmr_data            ? 
_pdbx_database_status.methods_development_category    ? 
# 
_pdbx_database_related.db_name        PDB 
_pdbx_database_related.db_id          2QCW 
_pdbx_database_related.details        . 
_pdbx_database_related.content_type   unspecified 
# 
_audit_author.name           'Allendorph, G.P.' 
_audit_author.pdbx_ordinal   1 
# 
_citation.id                        primary 
_citation.title                     'BMP-3 and BMP-6 Structures Illuminate the Nature of Binding Specificity with Receptors.' 
_citation.journal_abbrev            Biochemistry 
_citation.journal_volume            46 
_citation.page_first                12238 
_citation.page_last                 12247 
_citation.year                      2007 
_citation.journal_id_ASTM           BICHAW 
_citation.country                   US 
_citation.journal_id_ISSN           0006-2960 
_citation.journal_id_CSD            0033 
_citation.book_publisher            ? 
_citation.pdbx_database_id_PubMed   17924656 
_citation.pdbx_database_id_DOI      10.1021/bi700907k 
# 
loop_
_citation_author.citation_id 
_citation_author.name 
_citation_author.ordinal 
_citation_author.identifier_ORCID 
primary 'Allendorph, G.P.' 1 ? 
primary 'Isaacs, M.J.'     2 ? 
primary 'Kawakami, Y.'     3 ? 
primary 'Belmonte, J.C.'   4 ? 
primary 'Choe, S.'         5 ? 
# 
loop_
_entity.id 
_entity.type 
_entity.src_method 
_entity.pdbx_description 
_entity.formula_weight 
_entity.pdbx_number_of_molecules 
_entity.pdbx_ec 
_entity.pdbx_mutation 
_entity.pdbx_fragment 
_entity.details 
1 polymer man 'Bone morphogenetic protein 6' 14891.819 2  ? ? ? ? 
2 water   nat water                          18.015    65 ? ? ? ? 
# 
_entity_name_com.entity_id   1 
_entity_name_com.name        BMP-6 
# 
_entity_poly.entity_id                      1 
_entity_poly.type                           'polypeptide(L)' 
_entity_poly.nstd_linkage                   no 
_entity_poly.nstd_monomer                   no 
_entity_poly.pdbx_seq_one_letter_code       
;QQSRNRSTQSQDVARVSSASDYNSSELKTACRKHELYVSFQDLGWQDWIIAPKGYAANYCDGECSFPLNAHMNATNHAIV
QTLVHLMNPEYVPKPCCAPTKLNAISVLYFDDNSNVILKKYRNMVVRACGCH
;
_entity_poly.pdbx_seq_one_letter_code_can   
;QQSRNRSTQSQDVARVSSASDYNSSELKTACRKHELYVSFQDLGWQDWIIAPKGYAANYCDGECSFPLNAHMNATNHAIV
QTLVHLMNPEYVPKPCCAPTKLNAISVLYFDDNSNVILKKYRNMVVRACGCH
;
_entity_poly.pdbx_strand_id                 A,B 
_entity_poly.pdbx_target_identifier         ? 
# 
_pdbx_entity_nonpoly.entity_id   2 
_pdbx_entity_nonpoly.name        water 
_pdbx_entity_nonpoly.comp_id     HOH 
# 
loop_
_entity_poly_seq.entity_id 
_entity_poly_seq.num 
_entity_poly_seq.mon_id 
_entity_poly_seq.hetero 
1 1   GLN n 
1 2   GLN n 
1 3   SER n 
1 4   ARG n 
1 5   ASN n 
1 6   ARG n 
1 7   SER n 
1 8   THR n 
1 9   GLN n 
1 10  SER n 
1 11  GLN n 
1 12  ASP n 
1 13  VAL n 
1 14  ALA n 
1 15  ARG n 
1 16  VAL n 
1 17  SER n 
1 18  SER n 
1 19  ALA n 
1 20  SER n 
1 21  ASP n 
1 22  TYR n 
1 23  ASN n 
1 24  SER n 
1 25  SER n 
1 26  GLU n 
1 27  LEU n 
1 28  LYS n 
1 29  THR n 
1 30  ALA n 
1 31  CYS n 
1 32  ARG n 
1 33  LYS n 
1 34  HIS n 
1 35  GLU n 
1 36  LEU n 
1 37  TYR n 
1 38  VAL n 
1 39  SER n 
1 40  PHE n 
1 41  GLN n 
1 42  ASP n 
1 43  LEU n 
1 44  GLY n 
1 45  TRP n 
1 46  GLN n 
1 47  ASP n 
1 48  TRP n 
1 49  ILE n 
1 50  ILE n 
1 51  ALA n 
1 52  PRO n 
1 53  LYS n 
1 54  GLY n 
1 55  TYR n 
1 56  ALA n 
1 57  ALA n 
1 58  ASN n 
1 59  TYR n 
1 60  CYS n 
1 61  ASP n 
1 62  GLY n 
1 63  GLU n 
1 64  CYS n 
1 65  SER n 
1 66  PHE n 
1 67  PRO n 
1 68  LEU n 
1 69  ASN n 
1 70  ALA n 
1 71  HIS n 
1 72  MET n 
1 73  ASN n 
1 74  ALA n 
1 75  THR n 
1 76  ASN n 
1 77  HIS n 
1 78  ALA n 
1 79  ILE n 
1 80  VAL n 
1 81  GLN n 
1 82  THR n 
1 83  LEU n 
1 84  VAL n 
1 85  HIS n 
1 86  LEU n 
1 87  MET n 
1 88  ASN n 
1 89  PRO n 
1 90  GLU n 
1 91  TYR n 
1 92  VAL n 
1 93  PRO n 
1 94  LYS n 
1 95  PRO n 
1 96  CYS n 
1 97  CYS n 
1 98  ALA n 
1 99  PRO n 
1 100 THR n 
1 101 LYS n 
1 102 LEU n 
1 103 ASN n 
1 104 ALA n 
1 105 ILE n 
1 106 SER n 
1 107 VAL n 
1 108 LEU n 
1 109 TYR n 
1 110 PHE n 
1 111 ASP n 
1 112 ASP n 
1 113 ASN n 
1 114 SER n 
1 115 ASN n 
1 116 VAL n 
1 117 ILE n 
1 118 LEU n 
1 119 LYS n 
1 120 LYS n 
1 121 TYR n 
1 122 ARG n 
1 123 ASN n 
1 124 MET n 
1 125 VAL n 
1 126 VAL n 
1 127 ARG n 
1 128 ALA n 
1 129 CYS n 
1 130 GLY n 
1 131 CYS n 
1 132 HIS n 
# 
_entity_src_gen.entity_id                          1 
_entity_src_gen.pdbx_src_id                        1 
_entity_src_gen.pdbx_alt_source_flag               sample 
_entity_src_gen.pdbx_seq_type                      ? 
_entity_src_gen.pdbx_beg_seq_num                   ? 
_entity_src_gen.pdbx_end_seq_num                   ? 
_entity_src_gen.gene_src_common_name               human 
_entity_src_gen.gene_src_genus                     Homo 
_entity_src_gen.pdbx_gene_src_gene                 BMP6 
_entity_src_gen.gene_src_species                   ? 
_entity_src_gen.gene_src_strain                    ? 
_entity_src_gen.gene_src_tissue                    ? 
_entity_src_gen.gene_src_tissue_fraction           ? 
_entity_src_gen.gene_src_details                   ? 
_entity_src_gen.pdbx_gene_src_fragment             ? 
_entity_src_gen.pdbx_gene_src_scientific_name      'Homo sapiens' 
_entity_src_gen.pdbx_gene_src_ncbi_taxonomy_id     9606 
_entity_src_gen.pdbx_gene_src_variant              ? 
_entity_src_gen.pdbx_gene_src_cell_line            ? 
_entity_src_gen.pdbx_gene_src_atcc                 ? 
_entity_src_gen.pdbx_gene_src_organ                ? 
_entity_src_gen.pdbx_gene_src_organelle            ? 
_entity_src_gen.pdbx_gene_src_cell                 ? 
_entity_src_gen.pdbx_gene_src_cellular_location    ? 
_entity_src_gen.host_org_common_name               ? 
_entity_src_gen.pdbx_host_org_scientific_name      'Escherichia coli BL21' 
_entity_src_gen.pdbx_host_org_ncbi_taxonomy_id     511693 
_entity_src_gen.host_org_genus                     Escherichia 
_entity_src_gen.pdbx_host_org_gene                 ? 
_entity_src_gen.pdbx_host_org_organ                ? 
_entity_src_gen.host_org_species                   'Escherichia coli' 
_entity_src_gen.pdbx_host_org_tissue               ? 
_entity_src_gen.pdbx_host_org_tissue_fraction      ? 
_entity_src_gen.pdbx_host_org_strain               BL21 
_entity_src_gen.pdbx_host_org_variant              ? 
_entity_src_gen.pdbx_host_org_cell_line            ? 
_entity_src_gen.pdbx_host_org_atcc                 ? 
_entity_src_gen.pdbx_host_org_culture_collection   ? 
_entity_src_gen.pdbx_host_org_cell                 ? 
_entity_src_gen.pdbx_host_org_organelle            ? 
_entity_src_gen.pdbx_host_org_cellular_location    ? 
_entity_src_gen.pdbx_host_org_vector_type          plasmid 
_entity_src_gen.pdbx_host_org_vector               ? 
_entity_src_gen.host_org_details                   ? 
_entity_src_gen.expression_system_id               ? 
_entity_src_gen.plasmid_name                       pET21a 
_entity_src_gen.plasmid_details                    ? 
_entity_src_gen.pdbx_description                   ? 
# 
loop_
_chem_comp.id 
_chem_comp.type 
_chem_comp.mon_nstd_flag 
_chem_comp.name 
_chem_comp.pdbx_synonyms 
_chem_comp.formula 
_chem_comp.formula_weight 
ALA 'L-peptide linking' y ALANINE         ? 'C3 H7 N O2'     89.093  
ARG 'L-peptide linking' y ARGININE        ? 'C6 H15 N4 O2 1' 175.209 
ASN 'L-peptide linking' y ASPARAGINE      ? 'C4 H8 N2 O3'    132.118 
ASP 'L-peptide linking' y 'ASPARTIC ACID' ? 'C4 H7 N O4'     133.103 
CYS 'L-peptide linking' y CYSTEINE        ? 'C3 H7 N O2 S'   121.158 
GLN 'L-peptide linking' y GLUTAMINE       ? 'C5 H10 N2 O3'   146.144 
GLU 'L-peptide linking' y 'GLUTAMIC ACID' ? 'C5 H9 N O4'     147.129 
GLY 'peptide linking'   y GLYCINE         ? 'C2 H5 N O2'     75.067  
HIS 'L-peptide linking' y HISTIDINE       ? 'C6 H10 N3 O2 1' 156.162 
HOH non-polymer         . WATER           ? 'H2 O'           18.015  
ILE 'L-peptide linking' y ISOLEUCINE      ? 'C6 H13 N O2'    131.173 
LEU 'L-peptide linking' y LEUCINE         ? 'C6 H13 N O2'    131.173 
LYS 'L-peptide linking' y LYSINE          ? 'C6 H15 N2 O2 1' 147.195 
MET 'L-peptide linking' y METHIONINE      ? 'C5 H11 N O2 S'  149.211 
PHE 'L-peptide linking' y PHENYLALANINE   ? 'C9 H11 N O2'    165.189 
PRO 'L-peptide linking' y PROLINE         ? 'C5 H9 N O2'     115.130 
SER 'L-peptide linking' y SERINE          ? 'C3 H7 N O3'     105.093 
THR 'L-peptide linking' y THREONINE       ? 'C4 H9 N O3'     119.119 
TRP 'L-peptide linking' y TRYPTOPHAN      ? 'C11 H12 N2 O2'  204.225 
TYR 'L-peptide linking' y TYROSINE        ? 'C9 H11 N O3'    181.189 
VAL 'L-peptide linking' y VALINE          ? 'C5 H11 N O2'    117.146 
# 
loop_
_pdbx_poly_seq_scheme.asym_id 
_pdbx_poly_seq_scheme.entity_id 
_pdbx_poly_seq_scheme.seq_id 
_pdbx_poly_seq_scheme.mon_id 
_pdbx_poly_seq_scheme.ndb_seq_num 
_pdbx_poly_seq_scheme.pdb_seq_num 
_pdbx_poly_seq_scheme.auth_seq_num 
_pdbx_poly_seq_scheme.pdb_mon_id 
_pdbx_poly_seq_scheme.auth_mon_id 
_pdbx_poly_seq_scheme.pdb_strand_id 
_pdbx_poly_seq_scheme.pdb_ins_code 
_pdbx_poly_seq_scheme.hetero 
A 1 1   GLN 1   1   ?   ?   ?   A . n 
A 1 2   GLN 2   2   ?   ?   ?   A . n 
A 1 3   SER 3   3   ?   ?   ?   A . n 
A 1 4   ARG 4   4   ?   ?   ?   A . n 
A 1 5   ASN 5   5   ?   ?   ?   A . n 
A 1 6   ARG 6   6   ?   ?   ?   A . n 
A 1 7   SER 7   7   ?   ?   ?   A . n 
A 1 8   THR 8   8   ?   ?   ?   A . n 
A 1 9   GLN 9   9   ?   ?   ?   A . n 
A 1 10  SER 10  10  ?   ?   ?   A . n 
A 1 11  GLN 11  11  ?   ?   ?   A . n 
A 1 12  ASP 12  12  ?   ?   ?   A . n 
A 1 13  VAL 13  13  ?   ?   ?   A . n 
A 1 14  ALA 14  14  ?   ?   ?   A . n 
A 1 15  ARG 15  15  ?   ?   ?   A . n 
A 1 16  VAL 16  16  ?   ?   ?   A . n 
A 1 17  SER 17  17  ?   ?   ?   A . n 
A 1 18  SER 18  18  ?   ?   ?   A . n 
A 1 19  ALA 19  19  ?   ?   ?   A . n 
A 1 20  SER 20  20  ?   ?   ?   A . n 
A 1 21  ASP 21  21  ?   ?   ?   A . n 
A 1 22  TYR 22  22  ?   ?   ?   A . n 
A 1 23  ASN 23  23  ?   ?   ?   A . n 
A 1 24  SER 24  24  ?   ?   ?   A . n 
A 1 25  SER 25  25  ?   ?   ?   A . n 
A 1 26  GLU 26  26  ?   ?   ?   A . n 
A 1 27  LEU 27  27  ?   ?   ?   A . n 
A 1 28  LYS 28  28  ?   ?   ?   A . n 
A 1 29  THR 29  29  29  THR THR A . n 
A 1 30  ALA 30  30  30  ALA ALA A . n 
A 1 31  CYS 31  31  31  CYS CYS A . n 
A 1 32  ARG 32  32  32  ARG ARG A . n 
A 1 33  LYS 33  33  33  LYS LYS A . n 
A 1 34  HIS 34  34  34  HIS HIS A . n 
A 1 35  GLU 35  35  35  GLU GLU A . n 
A 1 36  LEU 36  36  36  LEU LEU A . n 
A 1 37  TYR 37  37  37  TYR TYR A . n 
A 1 38  VAL 38  38  38  VAL VAL A . n 
A 1 39  SER 39  39  39  SER SER A . n 
A 1 40  PHE 40  40  40  PHE PHE A . n 
A 1 41  GLN 41  41  41  GLN GLN A . n 
A 1 42  ASP 42  42  42  ASP ASP A . n 
A 1 43  LEU 43  43  43  LEU LEU A . n 
A 1 44  GLY 44  44  44  GLY GLY A . n 
A 1 45  TRP 45  45  45  TRP TRP A . n 
A 1 46  GLN 46  46  46  GLN GLN A . n 
A 1 47  ASP 47  47  47  ASP ASP A . n 
A 1 48  TRP 48  48  48  TRP TRP A . n 
A 1 49  ILE 49  49  49  ILE ILE A . n 
A 1 50  ILE 50  50  50  ILE ILE A . n 
A 1 51  ALA 51  51  51  ALA ALA A . n 
A 1 52  PRO 52  52  52  PRO PRO A . n 
A 1 53  LYS 53  53  53  LYS LYS A . n 
A 1 54  GLY 54  54  54  GLY GLY A . n 
A 1 55  TYR 55  55  55  TYR TYR A . n 
A 1 56  ALA 56  56  56  ALA ALA A . n 
A 1 57  ALA 57  57  57  ALA ALA A . n 
A 1 58  ASN 58  58  58  ASN ASN A . n 
A 1 59  TYR 59  59  59  TYR TYR A . n 
A 1 60  CYS 60  60  60  CYS CYS A . n 
A 1 61  ASP 61  61  61  ASP ASP A . n 
A 1 62  GLY 62  62  62  GLY GLY A . n 
A 1 63  GLU 63  63  63  GLU GLU A . n 
A 1 64  CYS 64  64  64  CYS CYS A . n 
A 1 65  SER 65  65  65  SER SER A . n 
A 1 66  PHE 66  66  66  PHE PHE A . n 
A 1 67  PRO 67  67  67  PRO PRO A . n 
A 1 68  LEU 68  68  68  LEU LEU A . n 
A 1 69  ASN 69  69  69  ASN ASN A . n 
A 1 70  ALA 70  70  70  ALA ALA A . n 
A 1 71  HIS 71  71  71  HIS HIS A . n 
A 1 72  MET 72  72  72  MET MET A . n 
A 1 73  ASN 73  73  73  ASN ASN A . n 
A 1 74  ALA 74  74  74  ALA ALA A . n 
A 1 75  THR 75  75  75  THR THR A . n 
A 1 76  ASN 76  76  76  ASN ASN A . n 
A 1 77  HIS 77  77  77  HIS HIS A . n 
A 1 78  ALA 78  78  78  ALA ALA A . n 
A 1 79  ILE 79  79  79  ILE ILE A . n 
A 1 80  VAL 80  80  80  VAL VAL A . n 
A 1 81  GLN 81  81  81  GLN GLN A . n 
A 1 82  THR 82  82  82  THR THR A . n 
A 1 83  LEU 83  83  83  LEU LEU A . n 
A 1 84  VAL 84  84  84  VAL VAL A . n 
A 1 85  HIS 85  85  85  HIS HIS A . n 
A 1 86  LEU 86  86  86  LEU LEU A . n 
A 1 87  MET 87  87  87  MET MET A . n 
A 1 88  ASN 88  88  88  ASN ASN A . n 
A 1 89  PRO 89  89  89  PRO PRO A . n 
A 1 90  GLU 90  90  90  GLU GLU A . n 
A 1 91  TYR 91  91  91  TYR TYR A . n 
A 1 92  VAL 92  92  92  VAL VAL A . n 
A 1 93  PRO 93  93  93  PRO PRO A . n 
A 1 94  LYS 94  94  94  LYS LYS A . n 
A 1 95  PRO 95  95  95  PRO PRO A . n 
A 1 96  CYS 96  96  96  CYS CYS A . n 
A 1 97  CYS 97  97  97  CYS CYS A . n 
A 1 98  ALA 98  98  98  ALA ALA A . n 
A 1 99  PRO 99  99  99  PRO PRO A . n 
A 1 100 THR 100 100 100 THR THR A . n 
A 1 101 LYS 101 101 101 LYS LYS A . n 
A 1 102 LEU 102 102 102 LEU LEU A . n 
A 1 103 ASN 103 103 103 ASN ASN A . n 
A 1 104 ALA 104 104 104 ALA ALA A . n 
A 1 105 ILE 105 105 105 ILE ILE A . n 
A 1 106 SER 106 106 106 SER SER A . n 
A 1 107 VAL 107 107 107 VAL VAL A . n 
A 1 108 LEU 108 108 108 LEU LEU A . n 
A 1 109 TYR 109 109 109 TYR TYR A . n 
A 1 110 PHE 110 110 110 PHE PHE A . n 
A 1 111 ASP 111 111 111 ASP ASP A . n 
A 1 112 ASP 112 112 112 ASP ASP A . n 
A 1 113 ASN 113 113 113 ASN ASN A . n 
A 1 114 SER 114 114 114 SER SER A . n 
A 1 115 ASN 115 115 115 ASN ASN A . n 
A 1 116 VAL 116 116 116 VAL VAL A . n 
A 1 117 ILE 117 117 117 ILE ILE A . n 
A 1 118 LEU 118 118 118 LEU LEU A . n 
A 1 119 LYS 119 119 119 LYS LYS A . n 
A 1 120 LYS 120 120 120 LYS LYS A . n 
A 1 121 TYR 121 121 121 TYR TYR A . n 
A 1 122 ARG 122 122 122 ARG ARG A . n 
A 1 123 ASN 123 123 123 ASN ASN A . n 
A 1 124 MET 124 124 124 MET MET A . n 
A 1 125 VAL 125 125 125 VAL VAL A . n 
A 1 126 VAL 126 126 126 VAL VAL A . n 
A 1 127 ARG 127 127 127 ARG ARG A . n 
A 1 128 ALA 128 128 128 ALA ALA A . n 
A 1 129 CYS 129 129 129 CYS CYS A . n 
A 1 130 GLY 130 130 130 GLY GLY A . n 
A 1 131 CYS 131 131 131 CYS CYS A . n 
A 1 132 HIS 132 132 132 HIS HIS A . n 
B 1 1   GLN 1   1   ?   ?   ?   B . n 
B 1 2   GLN 2   2   ?   ?   ?   B . n 
B 1 3   SER 3   3   ?   ?   ?   B . n 
B 1 4   ARG 4   4   ?   ?   ?   B . n 
B 1 5   ASN 5   5   ?   ?   ?   B . n 
B 1 6   ARG 6   6   ?   ?   ?   B . n 
B 1 7   SER 7   7   ?   ?   ?   B . n 
B 1 8   THR 8   8   ?   ?   ?   B . n 
B 1 9   GLN 9   9   ?   ?   ?   B . n 
B 1 10  SER 10  10  ?   ?   ?   B . n 
B 1 11  GLN 11  11  ?   ?   ?   B . n 
B 1 12  ASP 12  12  ?   ?   ?   B . n 
B 1 13  VAL 13  13  ?   ?   ?   B . n 
B 1 14  ALA 14  14  ?   ?   ?   B . n 
B 1 15  ARG 15  15  ?   ?   ?   B . n 
B 1 16  VAL 16  16  ?   ?   ?   B . n 
B 1 17  SER 17  17  ?   ?   ?   B . n 
B 1 18  SER 18  18  ?   ?   ?   B . n 
B 1 19  ALA 19  19  ?   ?   ?   B . n 
B 1 20  SER 20  20  ?   ?   ?   B . n 
B 1 21  ASP 21  21  ?   ?   ?   B . n 
B 1 22  TYR 22  22  ?   ?   ?   B . n 
B 1 23  ASN 23  23  ?   ?   ?   B . n 
B 1 24  SER 24  24  ?   ?   ?   B . n 
B 1 25  SER 25  25  ?   ?   ?   B . n 
B 1 26  GLU 26  26  ?   ?   ?   B . n 
B 1 27  LEU 27  27  ?   ?   ?   B . n 
B 1 28  LYS 28  28  ?   ?   ?   B . n 
B 1 29  THR 29  29  29  THR THR B . n 
B 1 30  ALA 30  30  30  ALA ALA B . n 
B 1 31  CYS 31  31  31  CYS CYS B . n 
B 1 32  ARG 32  32  32  ARG ARG B . n 
B 1 33  LYS 33  33  33  LYS LYS B . n 
B 1 34  HIS 34  34  34  HIS HIS B . n 
B 1 35  GLU 35  35  35  GLU GLU B . n 
B 1 36  LEU 36  36  36  LEU LEU B . n 
B 1 37  TYR 37  37  37  TYR TYR B . n 
B 1 38  VAL 38  38  38  VAL VAL B . n 
B 1 39  SER 39  39  39  SER SER B . n 
B 1 40  PHE 40  40  40  PHE PHE B . n 
B 1 41  GLN 41  41  41  GLN GLN B . n 
B 1 42  ASP 42  42  42  ASP ASP B . n 
B 1 43  LEU 43  43  43  LEU LEU B . n 
B 1 44  GLY 44  44  44  GLY GLY B . n 
B 1 45  TRP 45  45  45  TRP TRP B . n 
B 1 46  GLN 46  46  46  GLN GLN B . n 
B 1 47  ASP 47  47  47  ASP ASP B . n 
B 1 48  TRP 48  48  48  TRP TRP B . n 
B 1 49  ILE 49  49  49  ILE ILE B . n 
B 1 50  ILE 50  50  50  ILE ILE B . n 
B 1 51  ALA 51  51  51  ALA ALA B . n 
B 1 52  PRO 52  52  52  PRO PRO B . n 
B 1 53  LYS 53  53  53  LYS LYS B . n 
B 1 54  GLY 54  54  54  GLY GLY B . n 
B 1 55  TYR 55  55  55  TYR TYR B . n 
B 1 56  ALA 56  56  56  ALA ALA B . n 
B 1 57  ALA 57  57  57  ALA ALA B . n 
B 1 58  ASN 58  58  58  ASN ASN B . n 
B 1 59  TYR 59  59  59  TYR TYR B . n 
B 1 60  CYS 60  60  60  CYS CYS B . n 
B 1 61  ASP 61  61  61  ASP ASP B . n 
B 1 62  GLY 62  62  62  GLY GLY B . n 
B 1 63  GLU 63  63  63  GLU GLU B . n 
B 1 64  CYS 64  64  64  CYS CYS B . n 
B 1 65  SER 65  65  65  SER SER B . n 
B 1 66  PHE 66  66  66  PHE PHE B . n 
B 1 67  PRO 67  67  67  PRO PRO B . n 
B 1 68  LEU 68  68  68  LEU LEU B . n 
B 1 69  ASN 69  69  69  ASN ASN B . n 
B 1 70  ALA 70  70  70  ALA ALA B . n 
B 1 71  HIS 71  71  71  HIS HIS B . n 
B 1 72  MET 72  72  72  MET MET B . n 
B 1 73  ASN 73  73  73  ASN ASN B . n 
B 1 74  ALA 74  74  74  ALA ALA B . n 
B 1 75  THR 75  75  75  THR THR B . n 
B 1 76  ASN 76  76  76  ASN ASN B . n 
B 1 77  HIS 77  77  77  HIS HIS B . n 
B 1 78  ALA 78  78  78  ALA ALA B . n 
B 1 79  ILE 79  79  79  ILE ILE B . n 
B 1 80  VAL 80  80  80  VAL VAL B . n 
B 1 81  GLN 81  81  81  GLN GLN B . n 
B 1 82  THR 82  82  82  THR THR B . n 
B 1 83  LEU 83  83  83  LEU LEU B . n 
B 1 84  VAL 84  84  84  VAL VAL B . n 
B 1 85  HIS 85  85  85  HIS HIS B . n 
B 1 86  LEU 86  86  86  LEU LEU B . n 
B 1 87  MET 87  87  87  MET MET B . n 
B 1 88  ASN 88  88  88  ASN ASN B . n 
B 1 89  PRO 89  89  89  PRO PRO B . n 
B 1 90  GLU 90  90  90  GLU GLU B . n 
B 1 91  TYR 91  91  91  TYR TYR B . n 
B 1 92  VAL 92  92  92  VAL VAL B . n 
B 1 93  PRO 93  93  93  PRO PRO B . n 
B 1 94  LYS 94  94  94  LYS LYS B . n 
B 1 95  PRO 95  95  95  PRO PRO B . n 
B 1 96  CYS 96  96  96  CYS CYS B . n 
B 1 97  CYS 97  97  97  CYS CYS B . n 
B 1 98  ALA 98  98  98  ALA ALA B . n 
B 1 99  PRO 99  99  99  PRO PRO B . n 
B 1 100 THR 100 100 100 THR THR B . n 
B 1 101 LYS 101 101 101 LYS LYS B . n 
B 1 102 LEU 102 102 102 LEU LEU B . n 
B 1 103 ASN 103 103 103 ASN ASN B . n 
B 1 104 ALA 104 104 104 ALA ALA B . n 
B 1 105 ILE 105 105 105 ILE ILE B . n 
B 1 106 SER 106 106 106 SER SER B . n 
B 1 107 VAL 107 107 107 VAL VAL B . n 
B 1 108 LEU 108 108 108 LEU LEU B . n 
B 1 109 TYR 109 109 109 TYR TYR B . n 
B 1 110 PHE 110 110 110 PHE PHE B . n 
B 1 111 ASP 111 111 111 ASP ASP B . n 
B 1 112 ASP 112 112 112 ASP ASP B . n 
B 1 113 ASN 113 113 113 ASN ASN B . n 
B 1 114 SER 114 114 114 SER SER B . n 
B 1 115 ASN 115 115 115 ASN ASN B . n 
B 1 116 VAL 116 116 116 VAL VAL B . n 
B 1 117 ILE 117 117 117 ILE ILE B . n 
B 1 118 LEU 118 118 118 LEU LEU B . n 
B 1 119 LYS 119 119 119 LYS LYS B . n 
B 1 120 LYS 120 120 120 LYS LYS B . n 
B 1 121 TYR 121 121 121 TYR TYR B . n 
B 1 122 ARG 122 122 122 ARG ARG B . n 
B 1 123 ASN 123 123 123 ASN ASN B . n 
B 1 124 MET 124 124 124 MET MET B . n 
B 1 125 VAL 125 125 125 VAL VAL B . n 
B 1 126 VAL 126 126 126 VAL VAL B . n 
B 1 127 ARG 127 127 127 ARG ARG B . n 
B 1 128 ALA 128 128 128 ALA ALA B . n 
B 1 129 CYS 129 129 129 CYS CYS B . n 
B 1 130 GLY 130 130 130 GLY GLY B . n 
B 1 131 CYS 131 131 131 CYS CYS B . n 
B 1 132 HIS 132 132 132 HIS HIS B . n 
# 
loop_
_pdbx_nonpoly_scheme.asym_id 
_pdbx_nonpoly_scheme.entity_id 
_pdbx_nonpoly_scheme.mon_id 
_pdbx_nonpoly_scheme.ndb_seq_num 
_pdbx_nonpoly_scheme.pdb_seq_num 
_pdbx_nonpoly_scheme.auth_seq_num 
_pdbx_nonpoly_scheme.pdb_mon_id 
_pdbx_nonpoly_scheme.auth_mon_id 
_pdbx_nonpoly_scheme.pdb_strand_id 
_pdbx_nonpoly_scheme.pdb_ins_code 
C 2 HOH 1  133 1  HOH HOH A . 
C 2 HOH 2  134 5  HOH HOH A . 
C 2 HOH 3  135 6  HOH HOH A . 
C 2 HOH 4  136 10 HOH HOH A . 
C 2 HOH 5  137 11 HOH HOH A . 
C 2 HOH 6  138 14 HOH HOH A . 
C 2 HOH 7  139 15 HOH HOH A . 
C 2 HOH 8  140 16 HOH HOH A . 
C 2 HOH 9  141 17 HOH HOH A . 
C 2 HOH 10 142 21 HOH HOH A . 
C 2 HOH 11 143 22 HOH HOH A . 
C 2 HOH 12 144 24 HOH HOH A . 
C 2 HOH 13 145 25 HOH HOH A . 
C 2 HOH 14 146 29 HOH HOH A . 
C 2 HOH 15 147 30 HOH HOH A . 
C 2 HOH 16 148 31 HOH HOH A . 
C 2 HOH 17 149 33 HOH HOH A . 
C 2 HOH 18 150 36 HOH HOH A . 
C 2 HOH 19 151 42 HOH HOH A . 
C 2 HOH 20 152 43 HOH HOH A . 
C 2 HOH 21 153 44 HOH HOH A . 
C 2 HOH 22 154 45 HOH HOH A . 
C 2 HOH 23 155 48 HOH HOH A . 
C 2 HOH 24 156 50 HOH HOH A . 
C 2 HOH 25 157 53 HOH HOH A . 
C 2 HOH 26 158 54 HOH HOH A . 
C 2 HOH 27 159 56 HOH HOH A . 
C 2 HOH 28 160 57 HOH HOH A . 
C 2 HOH 29 161 59 HOH HOH A . 
C 2 HOH 30 162 64 HOH HOH A . 
D 2 HOH 1  133 2  HOH HOH B . 
D 2 HOH 2  134 3  HOH HOH B . 
D 2 HOH 3  135 4  HOH HOH B . 
D 2 HOH 4  136 7  HOH HOH B . 
D 2 HOH 5  137 8  HOH HOH B . 
D 2 HOH 6  138 9  HOH HOH B . 
D 2 HOH 7  139 12 HOH HOH B . 
D 2 HOH 8  140 13 HOH HOH B . 
D 2 HOH 9  141 18 HOH HOH B . 
D 2 HOH 10 142 19 HOH HOH B . 
D 2 HOH 11 143 20 HOH HOH B . 
D 2 HOH 12 144 23 HOH HOH B . 
D 2 HOH 13 145 26 HOH HOH B . 
D 2 HOH 14 146 27 HOH HOH B . 
D 2 HOH 15 147 28 HOH HOH B . 
D 2 HOH 16 148 32 HOH HOH B . 
D 2 HOH 17 149 34 HOH HOH B . 
D 2 HOH 18 150 35 HOH HOH B . 
D 2 HOH 19 151 37 HOH HOH B . 
D 2 HOH 20 152 39 HOH HOH B . 
D 2 HOH 21 153 40 HOH HOH B . 
D 2 HOH 22 154 41 HOH HOH B . 
D 2 HOH 23 155 46 HOH HOH B . 
D 2 HOH 24 156 47 HOH HOH B . 
D 2 HOH 25 157 49 HOH HOH B . 
D 2 HOH 26 158 51 HOH HOH B . 
D 2 HOH 27 159 52 HOH HOH B . 
D 2 HOH 28 160 55 HOH HOH B . 
D 2 HOH 29 161 58 HOH HOH B . 
D 2 HOH 30 162 60 HOH HOH B . 
D 2 HOH 31 163 61 HOH HOH B . 
D 2 HOH 32 164 62 HOH HOH B . 
D 2 HOH 33 165 63 HOH HOH B . 
D 2 HOH 34 166 65 HOH HOH B . 
D 2 HOH 35 167 66 HOH HOH B . 
# 
loop_
_software.name 
_software.classification 
_software.version 
_software.citation_id 
_software.pdbx_ordinal 
REFMAC   refinement        5.2.0019 ? 1 
HKL-2000 'data collection' .        ? 2 
HKL-2000 'data reduction'  .        ? 3 
HKL-2000 'data scaling'    .        ? 4 
PHASER   phasing           .        ? 5 
# 
_cell.entry_id           2QCW 
_cell.length_a           97.446 
_cell.length_b           97.446 
_cell.length_c           87.377 
_cell.angle_alpha        90.00 
_cell.angle_beta         90.00 
_cell.angle_gamma        120.00 
_cell.Z_PDB              12 
_cell.pdbx_unique_axis   ? 
_cell.length_a_esd       ? 
_cell.length_b_esd       ? 
_cell.length_c_esd       ? 
_cell.angle_alpha_esd    ? 
_cell.angle_beta_esd     ? 
_cell.angle_gamma_esd    ? 
# 
_symmetry.entry_id                         2QCW 
_symmetry.space_group_name_H-M             'P 31 2 1' 
_symmetry.pdbx_full_space_group_name_H-M   ? 
_symmetry.cell_setting                     ? 
_symmetry.Int_Tables_number                152 
_symmetry.space_group_name_Hall            ? 
# 
_exptl.entry_id          2QCW 
_exptl.method            'X-RAY DIFFRACTION' 
_exptl.crystals_number   1 
# 
_exptl_crystal.id                    1 
_exptl_crystal.density_meas          ? 
_exptl_crystal.density_Matthews      4.02 
_exptl_crystal.density_percent_sol   69.40 
_exptl_crystal.description           ? 
_exptl_crystal.F_000                 ? 
_exptl_crystal.preparation           ? 
# 
_exptl_crystal_grow.crystal_id      1 
_exptl_crystal_grow.method          'VAPOR DIFFUSION, HANGING DROP' 
_exptl_crystal_grow.temp            296 
_exptl_crystal_grow.temp_details    ? 
_exptl_crystal_grow.pH              7.5 
_exptl_crystal_grow.pdbx_details    
'15% 2-methyl-2,4-pentanediol (MPD), 0.2 M Tri-Na Citrate, pH 7.5, VAPOR DIFFUSION, HANGING DROP, temperature 296K' 
_exptl_crystal_grow.pdbx_pH_range   . 
# 
_diffrn.id                     1 
_diffrn.ambient_temp           100 
_diffrn.ambient_temp_details   ? 
_diffrn.crystal_id             1 
# 
_diffrn_detector.diffrn_id              1 
_diffrn_detector.detector               CCD 
_diffrn_detector.type                   'MARMOSAIC 325 mm CCD' 
_diffrn_detector.pdbx_collection_date   2006-07-31 
_diffrn_detector.details                ? 
# 
_diffrn_radiation.diffrn_id                        1 
_diffrn_radiation.wavelength_id                    1 
_diffrn_radiation.pdbx_monochromatic_or_laue_m_l   M 
_diffrn_radiation.monochromator                    'Double crystal monochromator, Si(111)' 
_diffrn_radiation.pdbx_diffrn_protocol             'SINGLE WAVELENGTH' 
_diffrn_radiation.pdbx_scattering_type             x-ray 
# 
_diffrn_radiation_wavelength.id           1 
_diffrn_radiation_wavelength.wavelength   0.98 
_diffrn_radiation_wavelength.wt           1.0 
# 
_diffrn_source.diffrn_id                   1 
_diffrn_source.source                      SYNCHROTRON 
_diffrn_source.type                        'SSRL BEAMLINE BL9-2' 
_diffrn_source.pdbx_synchrotron_site       SSRL 
_diffrn_source.pdbx_synchrotron_beamline   BL9-2 
_diffrn_source.pdbx_wavelength             ? 
_diffrn_source.pdbx_wavelength_list        0.98 
# 
_reflns.entry_id                     2QCW 
_reflns.observed_criterion_sigma_F   ? 
_reflns.observed_criterion_sigma_I   ? 
_reflns.d_resolution_high            2.49 
_reflns.d_resolution_low             42.5 
_reflns.number_all                   ? 
_reflns.number_obs                   16679 
_reflns.percent_possible_obs         93.00 
_reflns.pdbx_Rmerge_I_obs            .053 
_reflns.pdbx_Rsym_value              ? 
_reflns.pdbx_netI_over_sigmaI        12.6 
_reflns.B_iso_Wilson_estimate        ? 
_reflns.pdbx_redundancy              5.3 
_reflns.R_free_details               ? 
_reflns.limit_h_max                  ? 
_reflns.limit_h_min                  ? 
_reflns.limit_k_max                  ? 
_reflns.limit_k_min                  ? 
_reflns.limit_l_max                  ? 
_reflns.limit_l_min                  ? 
_reflns.observed_criterion_F_max     ? 
_reflns.observed_criterion_F_min     ? 
_reflns.pdbx_chi_squared             ? 
_reflns.pdbx_scaling_rejects         ? 
_reflns.pdbx_ordinal                 1 
_reflns.pdbx_diffrn_id               1 
# 
_reflns_shell.d_res_high             2.49 
_reflns_shell.d_res_low              2.59 
_reflns_shell.percent_possible_all   57.2 
_reflns_shell.Rmerge_I_obs           0.437 
_reflns_shell.pdbx_Rsym_value        ? 
_reflns_shell.meanI_over_sigI_obs    ? 
_reflns_shell.pdbx_redundancy        2.8 
_reflns_shell.percent_possible_obs   ? 
_reflns_shell.number_unique_all      1092 
_reflns_shell.number_measured_all    ? 
_reflns_shell.number_measured_obs    ? 
_reflns_shell.number_unique_obs      ? 
_reflns_shell.pdbx_chi_squared       ? 
_reflns_shell.pdbx_ordinal           1 
_reflns_shell.pdbx_diffrn_id         1 
# 
_refine.entry_id                                 2QCW 
_refine.ls_number_reflns_obs                     15112 
_refine.ls_number_reflns_all                     ? 
_refine.pdbx_ls_sigma_I                          ? 
_refine.pdbx_ls_sigma_F                          ? 
_refine.pdbx_data_cutoff_high_absF               ? 
_refine.pdbx_data_cutoff_low_absF                ? 
_refine.pdbx_data_cutoff_high_rms_absF           ? 
_refine.ls_d_res_low                             42.50 
_refine.ls_d_res_high                            2.49 
_refine.ls_percent_reflns_obs                    92.70 
_refine.ls_R_factor_obs                          0.23486 
_refine.ls_R_factor_all                          ? 
_refine.ls_R_factor_R_work                       0.23285 
_refine.ls_R_factor_R_free                       0.27589 
_refine.ls_R_factor_R_free_error                 ? 
_refine.ls_R_factor_R_free_error_details         ? 
_refine.ls_percent_reflns_R_free                 5.1 
_refine.ls_number_reflns_R_free                  808 
_refine.ls_number_parameters                     ? 
_refine.ls_number_restraints                     ? 
_refine.occupancy_min                            ? 
_refine.occupancy_max                            ? 
_refine.correlation_coeff_Fo_to_Fc               0.940 
_refine.correlation_coeff_Fo_to_Fc_free          0.917 
_refine.B_iso_mean                               63.308 
_refine.aniso_B[1][1]                            -1.59 
_refine.aniso_B[2][2]                            -1.59 
_refine.aniso_B[3][3]                            2.39 
_refine.aniso_B[1][2]                            -0.80 
_refine.aniso_B[1][3]                            0.00 
_refine.aniso_B[2][3]                            0.00 
_refine.solvent_model_details                    MASK 
_refine.solvent_model_param_ksol                 ? 
_refine.solvent_model_param_bsol                 ? 
_refine.pdbx_solvent_vdw_probe_radii             1.40 
_refine.pdbx_solvent_ion_probe_radii             0.80 
_refine.pdbx_solvent_shrinkage_radii             0.80 
_refine.pdbx_ls_cross_valid_method               THROUGHOUT 
_refine.details                                  'HYDROGENS HAVE BEEN ADDED IN THE RIDING POSITIONS' 
_refine.pdbx_starting_model                      'BMP-7 ligand monomer taken from PDB entry 1lxi' 
_refine.pdbx_method_to_determine_struct          'MOLECULAR REPLACEMENT' 
_refine.pdbx_isotropic_thermal_model             ? 
_refine.pdbx_stereochemistry_target_values       'MAXIMUM LIKELIHOOD' 
_refine.pdbx_stereochem_target_val_spec_case     ? 
_refine.pdbx_R_Free_selection_details            RANDOM 
_refine.pdbx_overall_ESU_R                       0.279 
_refine.pdbx_overall_ESU_R_Free                  0.243 
_refine.overall_SU_ML                            0.194 
_refine.overall_SU_B                             17.153 
_refine.ls_redundancy_reflns_obs                 ? 
_refine.B_iso_min                                ? 
_refine.B_iso_max                                ? 
_refine.overall_SU_R_Cruickshank_DPI             ? 
_refine.overall_SU_R_free                        ? 
_refine.ls_wR_factor_R_free                      ? 
_refine.ls_wR_factor_R_work                      ? 
_refine.overall_FOM_free_R_set                   ? 
_refine.overall_FOM_work_R_set                   ? 
_refine.pdbx_overall_phase_error                 ? 
_refine.pdbx_refine_id                           'X-RAY DIFFRACTION' 
_refine.pdbx_TLS_residual_ADP_flag               'LIKELY RESIDUAL' 
_refine.pdbx_diffrn_id                           1 
_refine.pdbx_overall_SU_R_free_Cruickshank_DPI   ? 
_refine.pdbx_overall_SU_R_Blow_DPI               ? 
_refine.pdbx_overall_SU_R_free_Blow_DPI          ? 
# 
_refine_hist.pdbx_refine_id                   'X-RAY DIFFRACTION' 
_refine_hist.cycle_id                         LAST 
_refine_hist.pdbx_number_atoms_protein        1646 
_refine_hist.pdbx_number_atoms_nucleic_acid   0 
_refine_hist.pdbx_number_atoms_ligand         0 
_refine_hist.number_atoms_solvent             65 
_refine_hist.number_atoms_total               1711 
_refine_hist.d_res_high                       2.49 
_refine_hist.d_res_low                        42.50 
# 
loop_
_refine_ls_restr.type 
_refine_ls_restr.dev_ideal 
_refine_ls_restr.dev_ideal_target 
_refine_ls_restr.weight 
_refine_ls_restr.number 
_refine_ls_restr.pdbx_refine_id 
_refine_ls_restr.pdbx_restraint_function 
r_bond_refined_d             0.010  0.022  ? 1713 'X-RAY DIFFRACTION' ? 
r_bond_other_d               ?      ?      ? ?    'X-RAY DIFFRACTION' ? 
r_angle_refined_deg          1.396  1.941  ? 2340 'X-RAY DIFFRACTION' ? 
r_angle_other_deg            ?      ?      ? ?    'X-RAY DIFFRACTION' ? 
r_dihedral_angle_1_deg       6.809  5.000  ? 206  'X-RAY DIFFRACTION' ? 
r_dihedral_angle_2_deg       39.524 24.359 ? 78   'X-RAY DIFFRACTION' ? 
r_dihedral_angle_3_deg       19.713 15.000 ? 266  'X-RAY DIFFRACTION' ? 
r_dihedral_angle_4_deg       22.308 15.000 ? 6    'X-RAY DIFFRACTION' ? 
r_chiral_restr               0.088  0.200  ? 252  'X-RAY DIFFRACTION' ? 
r_gen_planes_refined         0.005  0.020  ? 1308 'X-RAY DIFFRACTION' ? 
r_gen_planes_other           ?      ?      ? ?    'X-RAY DIFFRACTION' ? 
r_nbd_refined                0.226  0.200  ? 693  'X-RAY DIFFRACTION' ? 
r_nbd_other                  ?      ?      ? ?    'X-RAY DIFFRACTION' ? 
r_nbtor_refined              0.314  0.200  ? 1135 'X-RAY DIFFRACTION' ? 
r_nbtor_other                ?      ?      ? ?    'X-RAY DIFFRACTION' ? 
r_xyhbond_nbd_refined        0.174  0.200  ? 95   'X-RAY DIFFRACTION' ? 
r_xyhbond_nbd_other          ?      ?      ? ?    'X-RAY DIFFRACTION' ? 
r_metal_ion_refined          ?      ?      ? ?    'X-RAY DIFFRACTION' ? 
r_metal_ion_other            ?      ?      ? ?    'X-RAY DIFFRACTION' ? 
r_symmetry_vdw_refined       0.205  0.200  ? 47   'X-RAY DIFFRACTION' ? 
r_symmetry_vdw_other         ?      ?      ? ?    'X-RAY DIFFRACTION' ? 
r_symmetry_hbond_refined     0.156  0.200  ? 8    'X-RAY DIFFRACTION' ? 
r_symmetry_hbond_other       ?      ?      ? ?    'X-RAY DIFFRACTION' ? 
r_symmetry_metal_ion_refined ?      ?      ? ?    'X-RAY DIFFRACTION' ? 
r_symmetry_metal_ion_other   ?      ?      ? ?    'X-RAY DIFFRACTION' ? 
r_mcbond_it                  0.679  1.500  ? 1061 'X-RAY DIFFRACTION' ? 
r_mcbond_other               ?      ?      ? ?    'X-RAY DIFFRACTION' ? 
r_mcangle_it                 1.225  2.000  ? 1688 'X-RAY DIFFRACTION' ? 
r_scbond_it                  1.410  3.000  ? 742  'X-RAY DIFFRACTION' ? 
r_scangle_it                 2.293  4.500  ? 652  'X-RAY DIFFRACTION' ? 
r_rigid_bond_restr           ?      ?      ? ?    'X-RAY DIFFRACTION' ? 
r_sphericity_free            ?      ?      ? ?    'X-RAY DIFFRACTION' ? 
r_sphericity_bonded          ?      ?      ? ?    'X-RAY DIFFRACTION' ? 
# 
_refine_ls_shell.pdbx_total_number_of_bins_used   20 
_refine_ls_shell.d_res_high                       2.490 
_refine_ls_shell.d_res_low                        2.554 
_refine_ls_shell.number_reflns_R_work             660 
_refine_ls_shell.R_factor_R_work                  0.341 
_refine_ls_shell.percent_reflns_obs               56.17 
_refine_ls_shell.R_factor_R_free                  0.406 
_refine_ls_shell.R_factor_R_free_error            ? 
_refine_ls_shell.percent_reflns_R_free            ? 
_refine_ls_shell.number_reflns_R_free             41 
_refine_ls_shell.number_reflns_all                ? 
_refine_ls_shell.R_factor_all                     ? 
_refine_ls_shell.number_reflns_obs                ? 
_refine_ls_shell.redundancy_reflns_obs            ? 
_refine_ls_shell.pdbx_refine_id                   'X-RAY DIFFRACTION' 
# 
_struct.entry_id                  2QCW 
_struct.title                     'Crystal Structure of Bone Morphogenetic Protein-6 (BMP-6)' 
_struct.pdbx_model_details        ? 
_struct.pdbx_CASP_flag            ? 
_struct.pdbx_model_type_details   ? 
# 
_struct_keywords.entry_id        2QCW 
_struct_keywords.pdbx_keywords   'SIGNALING PROTEIN' 
_struct_keywords.text            'BMP, TGF-beta, SIGNALING PROTEIN' 
# 
loop_
_struct_asym.id 
_struct_asym.pdbx_blank_PDB_chainid_flag 
_struct_asym.pdbx_modified 
_struct_asym.entity_id 
_struct_asym.details 
A N N 1 ? 
B N N 1 ? 
C N N 2 ? 
D N N 2 ? 
# 
_struct_ref.id                         1 
_struct_ref.db_name                    UNP 
_struct_ref.db_code                    BMP6_HUMAN 
_struct_ref.pdbx_db_accession          P22004 
_struct_ref.entity_id                  1 
_struct_ref.pdbx_seq_one_letter_code   
;QQSRNRSTQSQDVARVSSASDYNSSELKTACRKHELYVSFQDLGWQDWIIAPKGYAANYCDGECSFPLNAHMNATNHAIV
QTLVHLMNPEYVPKPCCAPTKLNAISVLYFDDNSNVILKKYRNMVVRACGCH
;
_struct_ref.pdbx_align_begin           382 
_struct_ref.pdbx_db_isoform            ? 
# 
loop_
_struct_ref_seq.align_id 
_struct_ref_seq.ref_id 
_struct_ref_seq.pdbx_PDB_id_code 
_struct_ref_seq.pdbx_strand_id 
_struct_ref_seq.seq_align_beg 
_struct_ref_seq.pdbx_seq_align_beg_ins_code 
_struct_ref_seq.seq_align_end 
_struct_ref_seq.pdbx_seq_align_end_ins_code 
_struct_ref_seq.pdbx_db_accession 
_struct_ref_seq.db_align_beg 
_struct_ref_seq.pdbx_db_align_beg_ins_code 
_struct_ref_seq.db_align_end 
_struct_ref_seq.pdbx_db_align_end_ins_code 
_struct_ref_seq.pdbx_auth_seq_align_beg 
_struct_ref_seq.pdbx_auth_seq_align_end 
1 1 2QCW A 1 ? 132 ? P22004 382 ? 513 ? 1 132 
2 1 2QCW B 1 ? 132 ? P22004 382 ? 513 ? 1 132 
# 
_pdbx_struct_assembly.id                   1 
_pdbx_struct_assembly.details              author_and_software_defined_assembly 
_pdbx_struct_assembly.method_details       PISA,PQS 
_pdbx_struct_assembly.oligomeric_details   dimeric 
_pdbx_struct_assembly.oligomeric_count     2 
# 
loop_
_pdbx_struct_assembly_prop.biol_id 
_pdbx_struct_assembly_prop.type 
_pdbx_struct_assembly_prop.value 
_pdbx_struct_assembly_prop.details 
1 'ABSA (A^2)' 2370  ? 
1 MORE         -25   ? 
1 'SSA (A^2)'  12140 ? 
# 
_pdbx_struct_assembly_gen.assembly_id       1 
_pdbx_struct_assembly_gen.oper_expression   1 
_pdbx_struct_assembly_gen.asym_id_list      A,B,C,D 
# 
_pdbx_struct_oper_list.id                   1 
_pdbx_struct_oper_list.type                 'identity operation' 
_pdbx_struct_oper_list.name                 1_555 
_pdbx_struct_oper_list.symmetry_operation   x,y,z 
_pdbx_struct_oper_list.matrix[1][1]         1.0000000000 
_pdbx_struct_oper_list.matrix[1][2]         0.0000000000 
_pdbx_struct_oper_list.matrix[1][3]         0.0000000000 
_pdbx_struct_oper_list.vector[1]            0.0000000000 
_pdbx_struct_oper_list.matrix[2][1]         0.0000000000 
_pdbx_struct_oper_list.matrix[2][2]         1.0000000000 
_pdbx_struct_oper_list.matrix[2][3]         0.0000000000 
_pdbx_struct_oper_list.vector[2]            0.0000000000 
_pdbx_struct_oper_list.matrix[3][1]         0.0000000000 
_pdbx_struct_oper_list.matrix[3][2]         0.0000000000 
_pdbx_struct_oper_list.matrix[3][3]         1.0000000000 
_pdbx_struct_oper_list.vector[3]            0.0000000000 
# 
_struct_biol.id        1 
_struct_biol.details   'The biologically active unit is the dimer which is founf in the asymmetric unit.' 
# 
loop_
_struct_conf.conf_type_id 
_struct_conf.id 
_struct_conf.pdbx_PDB_helix_id 
_struct_conf.beg_label_comp_id 
_struct_conf.beg_label_asym_id 
_struct_conf.beg_label_seq_id 
_struct_conf.pdbx_beg_PDB_ins_code 
_struct_conf.end_label_comp_id 
_struct_conf.end_label_asym_id 
_struct_conf.end_label_seq_id 
_struct_conf.pdbx_end_PDB_ins_code 
_struct_conf.beg_auth_comp_id 
_struct_conf.beg_auth_asym_id 
_struct_conf.beg_auth_seq_id 
_struct_conf.end_auth_comp_id 
_struct_conf.end_auth_asym_id 
_struct_conf.end_auth_seq_id 
_struct_conf.pdbx_PDB_helix_class 
_struct_conf.details 
_struct_conf.pdbx_PDB_helix_length 
HELX_P HELX_P1 1 PHE A 40 ? GLY A 44 ? PHE A 40 GLY A 44 1 ? 5  
HELX_P HELX_P2 2 THR A 75 ? ASN A 88 ? THR A 75 ASN A 88 1 ? 14 
HELX_P HELX_P3 3 THR B 75 ? MET B 87 ? THR B 75 MET B 87 1 ? 13 
# 
_struct_conf_type.id          HELX_P 
_struct_conf_type.criteria    ? 
_struct_conf_type.reference   ? 
# 
loop_
_struct_conn.id 
_struct_conn.conn_type_id 
_struct_conn.pdbx_leaving_atom_flag 
_struct_conn.pdbx_PDB_id 
_struct_conn.ptnr1_label_asym_id 
_struct_conn.ptnr1_label_comp_id 
_struct_conn.ptnr1_label_seq_id 
_struct_conn.ptnr1_label_atom_id 
_struct_conn.pdbx_ptnr1_label_alt_id 
_struct_conn.pdbx_ptnr1_PDB_ins_code 
_struct_conn.pdbx_ptnr1_standard_comp_id 
_struct_conn.ptnr1_symmetry 
_struct_conn.ptnr2_label_asym_id 
_struct_conn.ptnr2_label_comp_id 
_struct_conn.ptnr2_label_seq_id 
_struct_conn.ptnr2_label_atom_id 
_struct_conn.pdbx_ptnr2_label_alt_id 
_struct_conn.pdbx_ptnr2_PDB_ins_code 
_struct_conn.ptnr1_auth_asym_id 
_struct_conn.ptnr1_auth_comp_id 
_struct_conn.ptnr1_auth_seq_id 
_struct_conn.ptnr2_auth_asym_id 
_struct_conn.ptnr2_auth_comp_id 
_struct_conn.ptnr2_auth_seq_id 
_struct_conn.ptnr2_symmetry 
_struct_conn.pdbx_ptnr3_label_atom_id 
_struct_conn.pdbx_ptnr3_label_seq_id 
_struct_conn.pdbx_ptnr3_label_comp_id 
_struct_conn.pdbx_ptnr3_label_asym_id 
_struct_conn.pdbx_ptnr3_label_alt_id 
_struct_conn.pdbx_ptnr3_PDB_ins_code 
_struct_conn.details 
_struct_conn.pdbx_dist_value 
_struct_conn.pdbx_value_order 
_struct_conn.pdbx_role 
disulf1 disulf ? ? A CYS 31 SG ? ? ? 1_555 A CYS 97  SG ? ? A CYS 31 A CYS 97  1_555 ? ? ? ? ? ? ? 2.036 ? ? 
disulf2 disulf ? ? A CYS 60 SG ? ? ? 1_555 A CYS 129 SG ? ? A CYS 60 A CYS 129 1_555 ? ? ? ? ? ? ? 2.008 ? ? 
disulf3 disulf ? ? A CYS 64 SG ? ? ? 1_555 A CYS 131 SG ? ? A CYS 64 A CYS 131 1_555 ? ? ? ? ? ? ? 2.055 ? ? 
disulf4 disulf ? ? A CYS 96 SG ? ? ? 1_555 B CYS 96  SG ? ? A CYS 96 B CYS 96  1_555 ? ? ? ? ? ? ? 2.025 ? ? 
disulf5 disulf ? ? B CYS 31 SG ? ? ? 1_555 B CYS 97  SG ? ? B CYS 31 B CYS 97  1_555 ? ? ? ? ? ? ? 2.048 ? ? 
disulf6 disulf ? ? B CYS 60 SG ? ? ? 1_555 B CYS 129 SG ? ? B CYS 60 B CYS 129 1_555 ? ? ? ? ? ? ? 2.035 ? ? 
disulf7 disulf ? ? B CYS 64 SG ? ? ? 1_555 B CYS 131 SG ? ? B CYS 64 B CYS 131 1_555 ? ? ? ? ? ? ? 2.039 ? ? 
# 
_struct_conn_type.id          disulf 
_struct_conn_type.criteria    ? 
_struct_conn_type.reference   ? 
# 
loop_
_pdbx_modification_feature.ordinal 
_pdbx_modification_feature.label_comp_id 
_pdbx_modification_feature.label_asym_id 
_pdbx_modification_feature.label_seq_id 
_pdbx_modification_feature.label_alt_id 
_pdbx_modification_feature.modified_residue_label_comp_id 
_pdbx_modification_feature.modified_residue_label_asym_id 
_pdbx_modification_feature.modified_residue_label_seq_id 
_pdbx_modification_feature.modified_residue_label_alt_id 
_pdbx_modification_feature.auth_comp_id 
_pdbx_modification_feature.auth_asym_id 
_pdbx_modification_feature.auth_seq_id 
_pdbx_modification_feature.PDB_ins_code 
_pdbx_modification_feature.symmetry 
_pdbx_modification_feature.modified_residue_auth_comp_id 
_pdbx_modification_feature.modified_residue_auth_asym_id 
_pdbx_modification_feature.modified_residue_auth_seq_id 
_pdbx_modification_feature.modified_residue_PDB_ins_code 
_pdbx_modification_feature.modified_residue_symmetry 
_pdbx_modification_feature.comp_id_linking_atom 
_pdbx_modification_feature.modified_residue_id_linking_atom 
_pdbx_modification_feature.modified_residue_id 
_pdbx_modification_feature.ref_pcm_id 
_pdbx_modification_feature.ref_comp_id 
_pdbx_modification_feature.type 
_pdbx_modification_feature.category 
1 CYS A 31 ? CYS A 97  ? CYS A 31 ? 1_555 CYS A 97  ? 1_555 SG SG . . . None 'Disulfide bridge' 
2 CYS A 60 ? CYS A 129 ? CYS A 60 ? 1_555 CYS A 129 ? 1_555 SG SG . . . None 'Disulfide bridge' 
3 CYS A 64 ? CYS A 131 ? CYS A 64 ? 1_555 CYS A 131 ? 1_555 SG SG . . . None 'Disulfide bridge' 
4 CYS A 96 ? CYS B 96  ? CYS A 96 ? 1_555 CYS B 96  ? 1_555 SG SG . . . None 'Disulfide bridge' 
5 CYS B 31 ? CYS B 97  ? CYS B 31 ? 1_555 CYS B 97  ? 1_555 SG SG . . . None 'Disulfide bridge' 
6 CYS B 60 ? CYS B 129 ? CYS B 60 ? 1_555 CYS B 129 ? 1_555 SG SG . . . None 'Disulfide bridge' 
7 CYS B 64 ? CYS B 131 ? CYS B 64 ? 1_555 CYS B 131 ? 1_555 SG SG . . . None 'Disulfide bridge' 
# 
loop_
_struct_mon_prot_cis.pdbx_id 
_struct_mon_prot_cis.label_comp_id 
_struct_mon_prot_cis.label_seq_id 
_struct_mon_prot_cis.label_asym_id 
_struct_mon_prot_cis.label_alt_id 
_struct_mon_prot_cis.pdbx_PDB_ins_code 
_struct_mon_prot_cis.auth_comp_id 
_struct_mon_prot_cis.auth_seq_id 
_struct_mon_prot_cis.auth_asym_id 
_struct_mon_prot_cis.pdbx_label_comp_id_2 
_struct_mon_prot_cis.pdbx_label_seq_id_2 
_struct_mon_prot_cis.pdbx_label_asym_id_2 
_struct_mon_prot_cis.pdbx_PDB_ins_code_2 
_struct_mon_prot_cis.pdbx_auth_comp_id_2 
_struct_mon_prot_cis.pdbx_auth_seq_id_2 
_struct_mon_prot_cis.pdbx_auth_asym_id_2 
_struct_mon_prot_cis.pdbx_PDB_model_num 
_struct_mon_prot_cis.pdbx_omega_angle 
1 ALA 51 A . ? ALA 51 A PRO 52 A ? PRO 52 A 1 1.40  
2 PHE 66 A . ? PHE 66 A PRO 67 A ? PRO 67 A 1 0.45  
3 ALA 51 B . ? ALA 51 B PRO 52 B ? PRO 52 B 1 -8.98 
4 PHE 66 B . ? PHE 66 B PRO 67 B ? PRO 67 B 1 -1.11 
# 
loop_
_struct_sheet.id 
_struct_sheet.type 
_struct_sheet.number_strands 
_struct_sheet.details 
A ? 2 ? 
B ? 2 ? 
C ? 3 ? 
D ? 2 ? 
E ? 2 ? 
F ? 3 ? 
# 
loop_
_struct_sheet_order.sheet_id 
_struct_sheet_order.range_id_1 
_struct_sheet_order.range_id_2 
_struct_sheet_order.offset 
_struct_sheet_order.sense 
A 1 2 ? anti-parallel 
B 1 2 ? anti-parallel 
C 1 2 ? anti-parallel 
C 2 3 ? anti-parallel 
D 1 2 ? anti-parallel 
E 1 2 ? anti-parallel 
F 1 2 ? anti-parallel 
F 2 3 ? anti-parallel 
# 
loop_
_struct_sheet_range.sheet_id 
_struct_sheet_range.id 
_struct_sheet_range.beg_label_comp_id 
_struct_sheet_range.beg_label_asym_id 
_struct_sheet_range.beg_label_seq_id 
_struct_sheet_range.pdbx_beg_PDB_ins_code 
_struct_sheet_range.end_label_comp_id 
_struct_sheet_range.end_label_asym_id 
_struct_sheet_range.end_label_seq_id 
_struct_sheet_range.pdbx_end_PDB_ins_code 
_struct_sheet_range.beg_auth_comp_id 
_struct_sheet_range.beg_auth_asym_id 
_struct_sheet_range.beg_auth_seq_id 
_struct_sheet_range.end_auth_comp_id 
_struct_sheet_range.end_auth_asym_id 
_struct_sheet_range.end_auth_seq_id 
A 1 ARG A 32  ? HIS A 34  ? ARG A 32  HIS A 34  
A 2 TYR A 59  ? ASP A 61  ? TYR A 59  ASP A 61  
B 1 TYR A 37  ? SER A 39  ? TYR A 37  SER A 39  
B 2 GLY A 54  ? ALA A 56  ? GLY A 54  ALA A 56  
C 1 ILE A 49  ? ALA A 51  ? ILE A 49  ALA A 51  
C 2 CYS A 96  ? PHE A 110 ? CYS A 96  PHE A 110 
C 3 VAL A 116 ? HIS A 132 ? VAL A 116 HIS A 132 
D 1 ARG B 32  ? HIS B 34  ? ARG B 32  HIS B 34  
D 2 TYR B 59  ? ASP B 61  ? TYR B 59  ASP B 61  
E 1 TYR B 37  ? SER B 39  ? TYR B 37  SER B 39  
E 2 GLY B 54  ? ALA B 56  ? GLY B 54  ALA B 56  
F 1 ILE B 49  ? ALA B 51  ? ILE B 49  ALA B 51  
F 2 CYS B 96  ? TYR B 109 ? CYS B 96  TYR B 109 
F 3 ILE B 117 ? HIS B 132 ? ILE B 117 HIS B 132 
# 
loop_
_pdbx_struct_sheet_hbond.sheet_id 
_pdbx_struct_sheet_hbond.range_id_1 
_pdbx_struct_sheet_hbond.range_id_2 
_pdbx_struct_sheet_hbond.range_1_label_atom_id 
_pdbx_struct_sheet_hbond.range_1_label_comp_id 
_pdbx_struct_sheet_hbond.range_1_label_asym_id 
_pdbx_struct_sheet_hbond.range_1_label_seq_id 
_pdbx_struct_sheet_hbond.range_1_PDB_ins_code 
_pdbx_struct_sheet_hbond.range_1_auth_atom_id 
_pdbx_struct_sheet_hbond.range_1_auth_comp_id 
_pdbx_struct_sheet_hbond.range_1_auth_asym_id 
_pdbx_struct_sheet_hbond.range_1_auth_seq_id 
_pdbx_struct_sheet_hbond.range_2_label_atom_id 
_pdbx_struct_sheet_hbond.range_2_label_comp_id 
_pdbx_struct_sheet_hbond.range_2_label_asym_id 
_pdbx_struct_sheet_hbond.range_2_label_seq_id 
_pdbx_struct_sheet_hbond.range_2_PDB_ins_code 
_pdbx_struct_sheet_hbond.range_2_auth_atom_id 
_pdbx_struct_sheet_hbond.range_2_auth_comp_id 
_pdbx_struct_sheet_hbond.range_2_auth_asym_id 
_pdbx_struct_sheet_hbond.range_2_auth_seq_id 
A 1 2 N HIS A 34  ? N HIS A 34  O TYR A 59  ? O TYR A 59  
B 1 2 N VAL A 38  ? N VAL A 38  O TYR A 55  ? O TYR A 55  
C 1 2 N ALA A 51  ? N ALA A 51  O LEU A 108 ? O LEU A 108 
C 2 3 N ILE A 105 ? N ILE A 105 O TYR A 121 ? O TYR A 121 
D 1 2 N HIS B 34  ? N HIS B 34  O TYR B 59  ? O TYR B 59  
E 1 2 N VAL B 38  ? N VAL B 38  O TYR B 55  ? O TYR B 55  
F 1 2 N ILE B 50  ? N ILE B 50  O LEU B 108 ? O LEU B 108 
F 2 3 N LYS B 101 ? N LYS B 101 O ARG B 127 ? O ARG B 127 
# 
_pdbx_entry_details.entry_id                   2QCW 
_pdbx_entry_details.compound_details           ? 
_pdbx_entry_details.source_details             ? 
_pdbx_entry_details.nonpolymer_details         ? 
_pdbx_entry_details.sequence_details           ? 
_pdbx_entry_details.has_ligand_of_interest     ? 
_pdbx_entry_details.has_protein_modification   Y 
# 
loop_
_pdbx_validate_close_contact.id 
_pdbx_validate_close_contact.PDB_model_num 
_pdbx_validate_close_contact.auth_atom_id_1 
_pdbx_validate_close_contact.auth_asym_id_1 
_pdbx_validate_close_contact.auth_comp_id_1 
_pdbx_validate_close_contact.auth_seq_id_1 
_pdbx_validate_close_contact.PDB_ins_code_1 
_pdbx_validate_close_contact.label_alt_id_1 
_pdbx_validate_close_contact.auth_atom_id_2 
_pdbx_validate_close_contact.auth_asym_id_2 
_pdbx_validate_close_contact.auth_comp_id_2 
_pdbx_validate_close_contact.auth_seq_id_2 
_pdbx_validate_close_contact.PDB_ins_code_2 
_pdbx_validate_close_contact.label_alt_id_2 
_pdbx_validate_close_contact.dist 
1 1 O B HOH 137 ? ? O B HOH 160 ? ? 2.10 
2 1 O A HOH 135 ? ? O A HOH 156 ? ? 2.19 
# 
_pdbx_validate_symm_contact.id                1 
_pdbx_validate_symm_contact.PDB_model_num     1 
_pdbx_validate_symm_contact.auth_atom_id_1    OD2 
_pdbx_validate_symm_contact.auth_asym_id_1    B 
_pdbx_validate_symm_contact.auth_comp_id_1    ASP 
_pdbx_validate_symm_contact.auth_seq_id_1     47 
_pdbx_validate_symm_contact.PDB_ins_code_1    ? 
_pdbx_validate_symm_contact.label_alt_id_1    ? 
_pdbx_validate_symm_contact.site_symmetry_1   1_555 
_pdbx_validate_symm_contact.auth_atom_id_2    O 
_pdbx_validate_symm_contact.auth_asym_id_2    A 
_pdbx_validate_symm_contact.auth_comp_id_2    HOH 
_pdbx_validate_symm_contact.auth_seq_id_2     147 
_pdbx_validate_symm_contact.PDB_ins_code_2    ? 
_pdbx_validate_symm_contact.label_alt_id_2    ? 
_pdbx_validate_symm_contact.site_symmetry_2   6_445 
_pdbx_validate_symm_contact.dist              1.93 
# 
loop_
_pdbx_validate_torsion.id 
_pdbx_validate_torsion.PDB_model_num 
_pdbx_validate_torsion.auth_comp_id 
_pdbx_validate_torsion.auth_asym_id 
_pdbx_validate_torsion.auth_seq_id 
_pdbx_validate_torsion.PDB_ins_code 
_pdbx_validate_torsion.label_alt_id 
_pdbx_validate_torsion.phi 
_pdbx_validate_torsion.psi 
1  1 ASN A 58  ? ? 63.15   170.47  
2  1 MET A 72  ? ? -105.60 56.09   
3  1 ASN A 73  ? ? -46.99  58.57   
4  1 ALA A 74  ? ? -39.48  139.03  
5  1 ASN A 88  ? ? -151.40 54.12   
6  1 ASP A 111 ? ? -41.90  168.12  
7  1 GLN B 46  ? ? -47.17  -13.72  
8  1 ASP B 47  ? ? -81.19  -77.00  
9  1 ASN B 58  ? ? 60.33   -174.77 
10 1 MET B 72  ? ? -131.16 -68.90  
11 1 ASN B 88  ? ? 176.53  46.80   
12 1 ASP B 112 ? ? -42.72  -76.42  
13 1 SER B 114 ? ? -70.90  46.81   
# 
_pdbx_validate_peptide_omega.id               1 
_pdbx_validate_peptide_omega.PDB_model_num    1 
_pdbx_validate_peptide_omega.auth_comp_id_1   MET 
_pdbx_validate_peptide_omega.auth_asym_id_1   A 
_pdbx_validate_peptide_omega.auth_seq_id_1    72 
_pdbx_validate_peptide_omega.PDB_ins_code_1   ? 
_pdbx_validate_peptide_omega.label_alt_id_1   ? 
_pdbx_validate_peptide_omega.auth_comp_id_2   ASN 
_pdbx_validate_peptide_omega.auth_asym_id_2   A 
_pdbx_validate_peptide_omega.auth_seq_id_2    73 
_pdbx_validate_peptide_omega.PDB_ins_code_2   ? 
_pdbx_validate_peptide_omega.label_alt_id_2   ? 
_pdbx_validate_peptide_omega.omega            -148.10 
# 
loop_
_pdbx_refine_tls.id 
_pdbx_refine_tls.details 
_pdbx_refine_tls.method 
_pdbx_refine_tls.origin_x 
_pdbx_refine_tls.origin_y 
_pdbx_refine_tls.origin_z 
_pdbx_refine_tls.T[1][1] 
_pdbx_refine_tls.T[2][2] 
_pdbx_refine_tls.T[3][3] 
_pdbx_refine_tls.T[1][2] 
_pdbx_refine_tls.T[1][3] 
_pdbx_refine_tls.T[2][3] 
_pdbx_refine_tls.L[1][1] 
_pdbx_refine_tls.L[2][2] 
_pdbx_refine_tls.L[3][3] 
_pdbx_refine_tls.L[1][2] 
_pdbx_refine_tls.L[1][3] 
_pdbx_refine_tls.L[2][3] 
_pdbx_refine_tls.S[1][1] 
_pdbx_refine_tls.S[1][2] 
_pdbx_refine_tls.S[1][3] 
_pdbx_refine_tls.S[2][1] 
_pdbx_refine_tls.S[2][2] 
_pdbx_refine_tls.S[2][3] 
_pdbx_refine_tls.S[3][1] 
_pdbx_refine_tls.S[3][2] 
_pdbx_refine_tls.S[3][3] 
_pdbx_refine_tls.pdbx_refine_id 
1 ? refined 3.1062  8.2107  -2.1490 -0.0244 -0.1427 -0.0395 0.0545 -0.1234 0.0311 2.0818 16.2249 3.5605 -3.2665 1.6038  -4.6010 -0.3156 0.1580 0.5392  0.7983  -0.3316 -1.3511 -0.2718 0.2944  0.6472 'X-RAY DIFFRACTION' 
2 ? refined -3.2029 -8.1469 2.2826  -0.1244 -0.1112 -0.1706 0.0318 0.0350  0.0309 1.8430 13.5576 8.3526 1.7486  -1.2732 -9.3092 -0.0770 0.1547 -0.1743 -0.2487 -0.1192 -0.0803 0.3822  -0.1090 0.1962 'X-RAY DIFFRACTION' 
# 
loop_
_pdbx_refine_tls_group.id 
_pdbx_refine_tls_group.refine_tls_id 
_pdbx_refine_tls_group.beg_auth_asym_id 
_pdbx_refine_tls_group.beg_auth_seq_id 
_pdbx_refine_tls_group.beg_label_asym_id 
_pdbx_refine_tls_group.beg_label_seq_id 
_pdbx_refine_tls_group.end_auth_asym_id 
_pdbx_refine_tls_group.end_auth_seq_id 
_pdbx_refine_tls_group.end_label_asym_id 
_pdbx_refine_tls_group.end_label_seq_id 
_pdbx_refine_tls_group.selection 
_pdbx_refine_tls_group.pdbx_refine_id 
_pdbx_refine_tls_group.selection_details 
1 1 A 29 A 29 A 104 A 104 ? 'X-RAY DIFFRACTION' ? 
2 2 B 29 B 29 B 104 B 104 ? 'X-RAY DIFFRACTION' ? 
# 
loop_
_pdbx_unobs_or_zero_occ_residues.id 
_pdbx_unobs_or_zero_occ_residues.PDB_model_num 
_pdbx_unobs_or_zero_occ_residues.polymer_flag 
_pdbx_unobs_or_zero_occ_residues.occupancy_flag 
_pdbx_unobs_or_zero_occ_residues.auth_asym_id 
_pdbx_unobs_or_zero_occ_residues.auth_comp_id 
_pdbx_unobs_or_zero_occ_residues.auth_seq_id 
_pdbx_unobs_or_zero_occ_residues.PDB_ins_code 
_pdbx_unobs_or_zero_occ_residues.label_asym_id 
_pdbx_unobs_or_zero_occ_residues.label_comp_id 
_pdbx_unobs_or_zero_occ_residues.label_seq_id 
1  1 Y 1 A GLN 1  ? A GLN 1  
2  1 Y 1 A GLN 2  ? A GLN 2  
3  1 Y 1 A SER 3  ? A SER 3  
4  1 Y 1 A ARG 4  ? A ARG 4  
5  1 Y 1 A ASN 5  ? A ASN 5  
6  1 Y 1 A ARG 6  ? A ARG 6  
7  1 Y 1 A SER 7  ? A SER 7  
8  1 Y 1 A THR 8  ? A THR 8  
9  1 Y 1 A GLN 9  ? A GLN 9  
10 1 Y 1 A SER 10 ? A SER 10 
11 1 Y 1 A GLN 11 ? A GLN 11 
12 1 Y 1 A ASP 12 ? A ASP 12 
13 1 Y 1 A VAL 13 ? A VAL 13 
14 1 Y 1 A ALA 14 ? A ALA 14 
15 1 Y 1 A ARG 15 ? A ARG 15 
16 1 Y 1 A VAL 16 ? A VAL 16 
17 1 Y 1 A SER 17 ? A SER 17 
18 1 Y 1 A SER 18 ? A SER 18 
19 1 Y 1 A ALA 19 ? A ALA 19 
20 1 Y 1 A SER 20 ? A SER 20 
21 1 Y 1 A ASP 21 ? A ASP 21 
22 1 Y 1 A TYR 22 ? A TYR 22 
23 1 Y 1 A ASN 23 ? A ASN 23 
24 1 Y 1 A SER 24 ? A SER 24 
25 1 Y 1 A SER 25 ? A SER 25 
26 1 Y 1 A GLU 26 ? A GLU 26 
27 1 Y 1 A LEU 27 ? A LEU 27 
28 1 Y 1 A LYS 28 ? A LYS 28 
29 1 Y 1 B GLN 1  ? B GLN 1  
30 1 Y 1 B GLN 2  ? B GLN 2  
31 1 Y 1 B SER 3  ? B SER 3  
32 1 Y 1 B ARG 4  ? B ARG 4  
33 1 Y 1 B ASN 5  ? B ASN 5  
34 1 Y 1 B ARG 6  ? B ARG 6  
35 1 Y 1 B SER 7  ? B SER 7  
36 1 Y 1 B THR 8  ? B THR 8  
37 1 Y 1 B GLN 9  ? B GLN 9  
38 1 Y 1 B SER 10 ? B SER 10 
39 1 Y 1 B GLN 11 ? B GLN 11 
40 1 Y 1 B ASP 12 ? B ASP 12 
41 1 Y 1 B VAL 13 ? B VAL 13 
42 1 Y 1 B ALA 14 ? B ALA 14 
43 1 Y 1 B ARG 15 ? B ARG 15 
44 1 Y 1 B VAL 16 ? B VAL 16 
45 1 Y 1 B SER 17 ? B SER 17 
46 1 Y 1 B SER 18 ? B SER 18 
47 1 Y 1 B ALA 19 ? B ALA 19 
48 1 Y 1 B SER 20 ? B SER 20 
49 1 Y 1 B ASP 21 ? B ASP 21 
50 1 Y 1 B TYR 22 ? B TYR 22 
51 1 Y 1 B ASN 23 ? B ASN 23 
52 1 Y 1 B SER 24 ? B SER 24 
53 1 Y 1 B SER 25 ? B SER 25 
54 1 Y 1 B GLU 26 ? B GLU 26 
55 1 Y 1 B LEU 27 ? B LEU 27 
56 1 Y 1 B LYS 28 ? B LYS 28 
# 
loop_
_chem_comp_atom.comp_id 
_chem_comp_atom.atom_id 
_chem_comp_atom.type_symbol 
_chem_comp_atom.pdbx_aromatic_flag 
_chem_comp_atom.pdbx_stereo_config 
_chem_comp_atom.pdbx_ordinal 
ALA N    N N N 1   
ALA CA   C N S 2   
ALA C    C N N 3   
ALA O    O N N 4   
ALA CB   C N N 5   
ALA OXT  O N N 6   
ALA H    H N N 7   
ALA H2   H N N 8   
ALA HA   H N N 9   
ALA HB1  H N N 10  
ALA HB2  H N N 11  
ALA HB3  H N N 12  
ALA HXT  H N N 13  
ARG N    N N N 14  
ARG CA   C N S 15  
ARG C    C N N 16  
ARG O    O N N 17  
ARG CB   C N N 18  
ARG CG   C N N 19  
ARG CD   C N N 20  
ARG NE   N N N 21  
ARG CZ   C N N 22  
ARG NH1  N N N 23  
ARG NH2  N N N 24  
ARG OXT  O N N 25  
ARG H    H N N 26  
ARG H2   H N N 27  
ARG HA   H N N 28  
ARG HB2  H N N 29  
ARG HB3  H N N 30  
ARG HG2  H N N 31  
ARG HG3  H N N 32  
ARG HD2  H N N 33  
ARG HD3  H N N 34  
ARG HE   H N N 35  
ARG HH11 H N N 36  
ARG HH12 H N N 37  
ARG HH21 H N N 38  
ARG HH22 H N N 39  
ARG HXT  H N N 40  
ASN N    N N N 41  
ASN CA   C N S 42  
ASN C    C N N 43  
ASN O    O N N 44  
ASN CB   C N N 45  
ASN CG   C N N 46  
ASN OD1  O N N 47  
ASN ND2  N N N 48  
ASN OXT  O N N 49  
ASN H    H N N 50  
ASN H2   H N N 51  
ASN HA   H N N 52  
ASN HB2  H N N 53  
ASN HB3  H N N 54  
ASN HD21 H N N 55  
ASN HD22 H N N 56  
ASN HXT  H N N 57  
ASP N    N N N 58  
ASP CA   C N S 59  
ASP C    C N N 60  
ASP O    O N N 61  
ASP CB   C N N 62  
ASP CG   C N N 63  
ASP OD1  O N N 64  
ASP OD2  O N N 65  
ASP OXT  O N N 66  
ASP H    H N N 67  
ASP H2   H N N 68  
ASP HA   H N N 69  
ASP HB2  H N N 70  
ASP HB3  H N N 71  
ASP HD2  H N N 72  
ASP HXT  H N N 73  
CYS N    N N N 74  
CYS CA   C N R 75  
CYS C    C N N 76  
CYS O    O N N 77  
CYS CB   C N N 78  
CYS SG   S N N 79  
CYS OXT  O N N 80  
CYS H    H N N 81  
CYS H2   H N N 82  
CYS HA   H N N 83  
CYS HB2  H N N 84  
CYS HB3  H N N 85  
CYS HG   H N N 86  
CYS HXT  H N N 87  
GLN N    N N N 88  
GLN CA   C N S 89  
GLN C    C N N 90  
GLN O    O N N 91  
GLN CB   C N N 92  
GLN CG   C N N 93  
GLN CD   C N N 94  
GLN OE1  O N N 95  
GLN NE2  N N N 96  
GLN OXT  O N N 97  
GLN H    H N N 98  
GLN H2   H N N 99  
GLN HA   H N N 100 
GLN HB2  H N N 101 
GLN HB3  H N N 102 
GLN HG2  H N N 103 
GLN HG3  H N N 104 
GLN HE21 H N N 105 
GLN HE22 H N N 106 
GLN HXT  H N N 107 
GLU N    N N N 108 
GLU CA   C N S 109 
GLU C    C N N 110 
GLU O    O N N 111 
GLU CB   C N N 112 
GLU CG   C N N 113 
GLU CD   C N N 114 
GLU OE1  O N N 115 
GLU OE2  O N N 116 
GLU OXT  O N N 117 
GLU H    H N N 118 
GLU H2   H N N 119 
GLU HA   H N N 120 
GLU HB2  H N N 121 
GLU HB3  H N N 122 
GLU HG2  H N N 123 
GLU HG3  H N N 124 
GLU HE2  H N N 125 
GLU HXT  H N N 126 
GLY N    N N N 127 
GLY CA   C N N 128 
GLY C    C N N 129 
GLY O    O N N 130 
GLY OXT  O N N 131 
GLY H    H N N 132 
GLY H2   H N N 133 
GLY HA2  H N N 134 
GLY HA3  H N N 135 
GLY HXT  H N N 136 
HIS N    N N N 137 
HIS CA   C N S 138 
HIS C    C N N 139 
HIS O    O N N 140 
HIS CB   C N N 141 
HIS CG   C Y N 142 
HIS ND1  N Y N 143 
HIS CD2  C Y N 144 
HIS CE1  C Y N 145 
HIS NE2  N Y N 146 
HIS OXT  O N N 147 
HIS H    H N N 148 
HIS H2   H N N 149 
HIS HA   H N N 150 
HIS HB2  H N N 151 
HIS HB3  H N N 152 
HIS HD1  H N N 153 
HIS HD2  H N N 154 
HIS HE1  H N N 155 
HIS HE2  H N N 156 
HIS HXT  H N N 157 
HOH O    O N N 158 
HOH H1   H N N 159 
HOH H2   H N N 160 
ILE N    N N N 161 
ILE CA   C N S 162 
ILE C    C N N 163 
ILE O    O N N 164 
ILE CB   C N S 165 
ILE CG1  C N N 166 
ILE CG2  C N N 167 
ILE CD1  C N N 168 
ILE OXT  O N N 169 
ILE H    H N N 170 
ILE H2   H N N 171 
ILE HA   H N N 172 
ILE HB   H N N 173 
ILE HG12 H N N 174 
ILE HG13 H N N 175 
ILE HG21 H N N 176 
ILE HG22 H N N 177 
ILE HG23 H N N 178 
ILE HD11 H N N 179 
ILE HD12 H N N 180 
ILE HD13 H N N 181 
ILE HXT  H N N 182 
LEU N    N N N 183 
LEU CA   C N S 184 
LEU C    C N N 185 
LEU O    O N N 186 
LEU CB   C N N 187 
LEU CG   C N N 188 
LEU CD1  C N N 189 
LEU CD2  C N N 190 
LEU OXT  O N N 191 
LEU H    H N N 192 
LEU H2   H N N 193 
LEU HA   H N N 194 
LEU HB2  H N N 195 
LEU HB3  H N N 196 
LEU HG   H N N 197 
LEU HD11 H N N 198 
LEU HD12 H N N 199 
LEU HD13 H N N 200 
LEU HD21 H N N 201 
LEU HD22 H N N 202 
LEU HD23 H N N 203 
LEU HXT  H N N 204 
LYS N    N N N 205 
LYS CA   C N S 206 
LYS C    C N N 207 
LYS O    O N N 208 
LYS CB   C N N 209 
LYS CG   C N N 210 
LYS CD   C N N 211 
LYS CE   C N N 212 
LYS NZ   N N N 213 
LYS OXT  O N N 214 
LYS H    H N N 215 
LYS H2   H N N 216 
LYS HA   H N N 217 
LYS HB2  H N N 218 
LYS HB3  H N N 219 
LYS HG2  H N N 220 
LYS HG3  H N N 221 
LYS HD2  H N N 222 
LYS HD3  H N N 223 
LYS HE2  H N N 224 
LYS HE3  H N N 225 
LYS HZ1  H N N 226 
LYS HZ2  H N N 227 
LYS HZ3  H N N 228 
LYS HXT  H N N 229 
MET N    N N N 230 
MET CA   C N S 231 
MET C    C N N 232 
MET O    O N N 233 
MET CB   C N N 234 
MET CG   C N N 235 
MET SD   S N N 236 
MET CE   C N N 237 
MET OXT  O N N 238 
MET H    H N N 239 
MET H2   H N N 240 
MET HA   H N N 241 
MET HB2  H N N 242 
MET HB3  H N N 243 
MET HG2  H N N 244 
MET HG3  H N N 245 
MET HE1  H N N 246 
MET HE2  H N N 247 
MET HE3  H N N 248 
MET HXT  H N N 249 
PHE N    N N N 250 
PHE CA   C N S 251 
PHE C    C N N 252 
PHE O    O N N 253 
PHE CB   C N N 254 
PHE CG   C Y N 255 
PHE CD1  C Y N 256 
PHE CD2  C Y N 257 
PHE CE1  C Y N 258 
PHE CE2  C Y N 259 
PHE CZ   C Y N 260 
PHE OXT  O N N 261 
PHE H    H N N 262 
PHE H2   H N N 263 
PHE HA   H N N 264 
PHE HB2  H N N 265 
PHE HB3  H N N 266 
PHE HD1  H N N 267 
PHE HD2  H N N 268 
PHE HE1  H N N 269 
PHE HE2  H N N 270 
PHE HZ   H N N 271 
PHE HXT  H N N 272 
PRO N    N N N 273 
PRO CA   C N S 274 
PRO C    C N N 275 
PRO O    O N N 276 
PRO CB   C N N 277 
PRO CG   C N N 278 
PRO CD   C N N 279 
PRO OXT  O N N 280 
PRO H    H N N 281 
PRO HA   H N N 282 
PRO HB2  H N N 283 
PRO HB3  H N N 284 
PRO HG2  H N N 285 
PRO HG3  H N N 286 
PRO HD2  H N N 287 
PRO HD3  H N N 288 
PRO HXT  H N N 289 
SER N    N N N 290 
SER CA   C N S 291 
SER C    C N N 292 
SER O    O N N 293 
SER CB   C N N 294 
SER OG   O N N 295 
SER OXT  O N N 296 
SER H    H N N 297 
SER H2   H N N 298 
SER HA   H N N 299 
SER HB2  H N N 300 
SER HB3  H N N 301 
SER HG   H N N 302 
SER HXT  H N N 303 
THR N    N N N 304 
THR CA   C N S 305 
THR C    C N N 306 
THR O    O N N 307 
THR CB   C N R 308 
THR OG1  O N N 309 
THR CG2  C N N 310 
THR OXT  O N N 311 
THR H    H N N 312 
THR H2   H N N 313 
THR HA   H N N 314 
THR HB   H N N 315 
THR HG1  H N N 316 
THR HG21 H N N 317 
THR HG22 H N N 318 
THR HG23 H N N 319 
THR HXT  H N N 320 
TRP N    N N N 321 
TRP CA   C N S 322 
TRP C    C N N 323 
TRP O    O N N 324 
TRP CB   C N N 325 
TRP CG   C Y N 326 
TRP CD1  C Y N 327 
TRP CD2  C Y N 328 
TRP NE1  N Y N 329 
TRP CE2  C Y N 330 
TRP CE3  C Y N 331 
TRP CZ2  C Y N 332 
TRP CZ3  C Y N 333 
TRP CH2  C Y N 334 
TRP OXT  O N N 335 
TRP H    H N N 336 
TRP H2   H N N 337 
TRP HA   H N N 338 
TRP HB2  H N N 339 
TRP HB3  H N N 340 
TRP HD1  H N N 341 
TRP HE1  H N N 342 
TRP HE3  H N N 343 
TRP HZ2  H N N 344 
TRP HZ3  H N N 345 
TRP HH2  H N N 346 
TRP HXT  H N N 347 
TYR N    N N N 348 
TYR CA   C N S 349 
TYR C    C N N 350 
TYR O    O N N 351 
TYR CB   C N N 352 
TYR CG   C Y N 353 
TYR CD1  C Y N 354 
TYR CD2  C Y N 355 
TYR CE1  C Y N 356 
TYR CE2  C Y N 357 
TYR CZ   C Y N 358 
TYR OH   O N N 359 
TYR OXT  O N N 360 
TYR H    H N N 361 
TYR H2   H N N 362 
TYR HA   H N N 363 
TYR HB2  H N N 364 
TYR HB3  H N N 365 
TYR HD1  H N N 366 
TYR HD2  H N N 367 
TYR HE1  H N N 368 
TYR HE2  H N N 369 
TYR HH   H N N 370 
TYR HXT  H N N 371 
VAL N    N N N 372 
VAL CA   C N S 373 
VAL C    C N N 374 
VAL O    O N N 375 
VAL CB   C N N 376 
VAL CG1  C N N 377 
VAL CG2  C N N 378 
VAL OXT  O N N 379 
VAL H    H N N 380 
VAL H2   H N N 381 
VAL HA   H N N 382 
VAL HB   H N N 383 
VAL HG11 H N N 384 
VAL HG12 H N N 385 
VAL HG13 H N N 386 
VAL HG21 H N N 387 
VAL HG22 H N N 388 
VAL HG23 H N N 389 
VAL HXT  H N N 390 
# 
loop_
_chem_comp_bond.comp_id 
_chem_comp_bond.atom_id_1 
_chem_comp_bond.atom_id_2 
_chem_comp_bond.value_order 
_chem_comp_bond.pdbx_aromatic_flag 
_chem_comp_bond.pdbx_stereo_config 
_chem_comp_bond.pdbx_ordinal 
ALA N   CA   sing N N 1   
ALA N   H    sing N N 2   
ALA N   H2   sing N N 3   
ALA CA  C    sing N N 4   
ALA CA  CB   sing N N 5   
ALA CA  HA   sing N N 6   
ALA C   O    doub N N 7   
ALA C   OXT  sing N N 8   
ALA CB  HB1  sing N N 9   
ALA CB  HB2  sing N N 10  
ALA CB  HB3  sing N N 11  
ALA OXT HXT  sing N N 12  
ARG N   CA   sing N N 13  
ARG N   H    sing N N 14  
ARG N   H2   sing N N 15  
ARG CA  C    sing N N 16  
ARG CA  CB   sing N N 17  
ARG CA  HA   sing N N 18  
ARG C   O    doub N N 19  
ARG C   OXT  sing N N 20  
ARG CB  CG   sing N N 21  
ARG CB  HB2  sing N N 22  
ARG CB  HB3  sing N N 23  
ARG CG  CD   sing N N 24  
ARG CG  HG2  sing N N 25  
ARG CG  HG3  sing N N 26  
ARG CD  NE   sing N N 27  
ARG CD  HD2  sing N N 28  
ARG CD  HD3  sing N N 29  
ARG NE  CZ   sing N N 30  
ARG NE  HE   sing N N 31  
ARG CZ  NH1  sing N N 32  
ARG CZ  NH2  doub N N 33  
ARG NH1 HH11 sing N N 34  
ARG NH1 HH12 sing N N 35  
ARG NH2 HH21 sing N N 36  
ARG NH2 HH22 sing N N 37  
ARG OXT HXT  sing N N 38  
ASN N   CA   sing N N 39  
ASN N   H    sing N N 40  
ASN N   H2   sing N N 41  
ASN CA  C    sing N N 42  
ASN CA  CB   sing N N 43  
ASN CA  HA   sing N N 44  
ASN C   O    doub N N 45  
ASN C   OXT  sing N N 46  
ASN CB  CG   sing N N 47  
ASN CB  HB2  sing N N 48  
ASN CB  HB3  sing N N 49  
ASN CG  OD1  doub N N 50  
ASN CG  ND2  sing N N 51  
ASN ND2 HD21 sing N N 52  
ASN ND2 HD22 sing N N 53  
ASN OXT HXT  sing N N 54  
ASP N   CA   sing N N 55  
ASP N   H    sing N N 56  
ASP N   H2   sing N N 57  
ASP CA  C    sing N N 58  
ASP CA  CB   sing N N 59  
ASP CA  HA   sing N N 60  
ASP C   O    doub N N 61  
ASP C   OXT  sing N N 62  
ASP CB  CG   sing N N 63  
ASP CB  HB2  sing N N 64  
ASP CB  HB3  sing N N 65  
ASP CG  OD1  doub N N 66  
ASP CG  OD2  sing N N 67  
ASP OD2 HD2  sing N N 68  
ASP OXT HXT  sing N N 69  
CYS N   CA   sing N N 70  
CYS N   H    sing N N 71  
CYS N   H2   sing N N 72  
CYS CA  C    sing N N 73  
CYS CA  CB   sing N N 74  
CYS CA  HA   sing N N 75  
CYS C   O    doub N N 76  
CYS C   OXT  sing N N 77  
CYS CB  SG   sing N N 78  
CYS CB  HB2  sing N N 79  
CYS CB  HB3  sing N N 80  
CYS SG  HG   sing N N 81  
CYS OXT HXT  sing N N 82  
GLN N   CA   sing N N 83  
GLN N   H    sing N N 84  
GLN N   H2   sing N N 85  
GLN CA  C    sing N N 86  
GLN CA  CB   sing N N 87  
GLN CA  HA   sing N N 88  
GLN C   O    doub N N 89  
GLN C   OXT  sing N N 90  
GLN CB  CG   sing N N 91  
GLN CB  HB2  sing N N 92  
GLN CB  HB3  sing N N 93  
GLN CG  CD   sing N N 94  
GLN CG  HG2  sing N N 95  
GLN CG  HG3  sing N N 96  
GLN CD  OE1  doub N N 97  
GLN CD  NE2  sing N N 98  
GLN NE2 HE21 sing N N 99  
GLN NE2 HE22 sing N N 100 
GLN OXT HXT  sing N N 101 
GLU N   CA   sing N N 102 
GLU N   H    sing N N 103 
GLU N   H2   sing N N 104 
GLU CA  C    sing N N 105 
GLU CA  CB   sing N N 106 
GLU CA  HA   sing N N 107 
GLU C   O    doub N N 108 
GLU C   OXT  sing N N 109 
GLU CB  CG   sing N N 110 
GLU CB  HB2  sing N N 111 
GLU CB  HB3  sing N N 112 
GLU CG  CD   sing N N 113 
GLU CG  HG2  sing N N 114 
GLU CG  HG3  sing N N 115 
GLU CD  OE1  doub N N 116 
GLU CD  OE2  sing N N 117 
GLU OE2 HE2  sing N N 118 
GLU OXT HXT  sing N N 119 
GLY N   CA   sing N N 120 
GLY N   H    sing N N 121 
GLY N   H2   sing N N 122 
GLY CA  C    sing N N 123 
GLY CA  HA2  sing N N 124 
GLY CA  HA3  sing N N 125 
GLY C   O    doub N N 126 
GLY C   OXT  sing N N 127 
GLY OXT HXT  sing N N 128 
HIS N   CA   sing N N 129 
HIS N   H    sing N N 130 
HIS N   H2   sing N N 131 
HIS CA  C    sing N N 132 
HIS CA  CB   sing N N 133 
HIS CA  HA   sing N N 134 
HIS C   O    doub N N 135 
HIS C   OXT  sing N N 136 
HIS CB  CG   sing N N 137 
HIS CB  HB2  sing N N 138 
HIS CB  HB3  sing N N 139 
HIS CG  ND1  sing Y N 140 
HIS CG  CD2  doub Y N 141 
HIS ND1 CE1  doub Y N 142 
HIS ND1 HD1  sing N N 143 
HIS CD2 NE2  sing Y N 144 
HIS CD2 HD2  sing N N 145 
HIS CE1 NE2  sing Y N 146 
HIS CE1 HE1  sing N N 147 
HIS NE2 HE2  sing N N 148 
HIS OXT HXT  sing N N 149 
HOH O   H1   sing N N 150 
HOH O   H2   sing N N 151 
ILE N   CA   sing N N 152 
ILE N   H    sing N N 153 
ILE N   H2   sing N N 154 
ILE CA  C    sing N N 155 
ILE CA  CB   sing N N 156 
ILE CA  HA   sing N N 157 
ILE C   O    doub N N 158 
ILE C   OXT  sing N N 159 
ILE CB  CG1  sing N N 160 
ILE CB  CG2  sing N N 161 
ILE CB  HB   sing N N 162 
ILE CG1 CD1  sing N N 163 
ILE CG1 HG12 sing N N 164 
ILE CG1 HG13 sing N N 165 
ILE CG2 HG21 sing N N 166 
ILE CG2 HG22 sing N N 167 
ILE CG2 HG23 sing N N 168 
ILE CD1 HD11 sing N N 169 
ILE CD1 HD12 sing N N 170 
ILE CD1 HD13 sing N N 171 
ILE OXT HXT  sing N N 172 
LEU N   CA   sing N N 173 
LEU N   H    sing N N 174 
LEU N   H2   sing N N 175 
LEU CA  C    sing N N 176 
LEU CA  CB   sing N N 177 
LEU CA  HA   sing N N 178 
LEU C   O    doub N N 179 
LEU C   OXT  sing N N 180 
LEU CB  CG   sing N N 181 
LEU CB  HB2  sing N N 182 
LEU CB  HB3  sing N N 183 
LEU CG  CD1  sing N N 184 
LEU CG  CD2  sing N N 185 
LEU CG  HG   sing N N 186 
LEU CD1 HD11 sing N N 187 
LEU CD1 HD12 sing N N 188 
LEU CD1 HD13 sing N N 189 
LEU CD2 HD21 sing N N 190 
LEU CD2 HD22 sing N N 191 
LEU CD2 HD23 sing N N 192 
LEU OXT HXT  sing N N 193 
LYS N   CA   sing N N 194 
LYS N   H    sing N N 195 
LYS N   H2   sing N N 196 
LYS CA  C    sing N N 197 
LYS CA  CB   sing N N 198 
LYS CA  HA   sing N N 199 
LYS C   O    doub N N 200 
LYS C   OXT  sing N N 201 
LYS CB  CG   sing N N 202 
LYS CB  HB2  sing N N 203 
LYS CB  HB3  sing N N 204 
LYS CG  CD   sing N N 205 
LYS CG  HG2  sing N N 206 
LYS CG  HG3  sing N N 207 
LYS CD  CE   sing N N 208 
LYS CD  HD2  sing N N 209 
LYS CD  HD3  sing N N 210 
LYS CE  NZ   sing N N 211 
LYS CE  HE2  sing N N 212 
LYS CE  HE3  sing N N 213 
LYS NZ  HZ1  sing N N 214 
LYS NZ  HZ2  sing N N 215 
LYS NZ  HZ3  sing N N 216 
LYS OXT HXT  sing N N 217 
MET N   CA   sing N N 218 
MET N   H    sing N N 219 
MET N   H2   sing N N 220 
MET CA  C    sing N N 221 
MET CA  CB   sing N N 222 
MET CA  HA   sing N N 223 
MET C   O    doub N N 224 
MET C   OXT  sing N N 225 
MET CB  CG   sing N N 226 
MET CB  HB2  sing N N 227 
MET CB  HB3  sing N N 228 
MET CG  SD   sing N N 229 
MET CG  HG2  sing N N 230 
MET CG  HG3  sing N N 231 
MET SD  CE   sing N N 232 
MET CE  HE1  sing N N 233 
MET CE  HE2  sing N N 234 
MET CE  HE3  sing N N 235 
MET OXT HXT  sing N N 236 
PHE N   CA   sing N N 237 
PHE N   H    sing N N 238 
PHE N   H2   sing N N 239 
PHE CA  C    sing N N 240 
PHE CA  CB   sing N N 241 
PHE CA  HA   sing N N 242 
PHE C   O    doub N N 243 
PHE C   OXT  sing N N 244 
PHE CB  CG   sing N N 245 
PHE CB  HB2  sing N N 246 
PHE CB  HB3  sing N N 247 
PHE CG  CD1  doub Y N 248 
PHE CG  CD2  sing Y N 249 
PHE CD1 CE1  sing Y N 250 
PHE CD1 HD1  sing N N 251 
PHE CD2 CE2  doub Y N 252 
PHE CD2 HD2  sing N N 253 
PHE CE1 CZ   doub Y N 254 
PHE CE1 HE1  sing N N 255 
PHE CE2 CZ   sing Y N 256 
PHE CE2 HE2  sing N N 257 
PHE CZ  HZ   sing N N 258 
PHE OXT HXT  sing N N 259 
PRO N   CA   sing N N 260 
PRO N   CD   sing N N 261 
PRO N   H    sing N N 262 
PRO CA  C    sing N N 263 
PRO CA  CB   sing N N 264 
PRO CA  HA   sing N N 265 
PRO C   O    doub N N 266 
PRO C   OXT  sing N N 267 
PRO CB  CG   sing N N 268 
PRO CB  HB2  sing N N 269 
PRO CB  HB3  sing N N 270 
PRO CG  CD   sing N N 271 
PRO CG  HG2  sing N N 272 
PRO CG  HG3  sing N N 273 
PRO CD  HD2  sing N N 274 
PRO CD  HD3  sing N N 275 
PRO OXT HXT  sing N N 276 
SER N   CA   sing N N 277 
SER N   H    sing N N 278 
SER N   H2   sing N N 279 
SER CA  C    sing N N 280 
SER CA  CB   sing N N 281 
SER CA  HA   sing N N 282 
SER C   O    doub N N 283 
SER C   OXT  sing N N 284 
SER CB  OG   sing N N 285 
SER CB  HB2  sing N N 286 
SER CB  HB3  sing N N 287 
SER OG  HG   sing N N 288 
SER OXT HXT  sing N N 289 
THR N   CA   sing N N 290 
THR N   H    sing N N 291 
THR N   H2   sing N N 292 
THR CA  C    sing N N 293 
THR CA  CB   sing N N 294 
THR CA  HA   sing N N 295 
THR C   O    doub N N 296 
THR C   OXT  sing N N 297 
THR CB  OG1  sing N N 298 
THR CB  CG2  sing N N 299 
THR CB  HB   sing N N 300 
THR OG1 HG1  sing N N 301 
THR CG2 HG21 sing N N 302 
THR CG2 HG22 sing N N 303 
THR CG2 HG23 sing N N 304 
THR OXT HXT  sing N N 305 
TRP N   CA   sing N N 306 
TRP N   H    sing N N 307 
TRP N   H2   sing N N 308 
TRP CA  C    sing N N 309 
TRP CA  CB   sing N N 310 
TRP CA  HA   sing N N 311 
TRP C   O    doub N N 312 
TRP C   OXT  sing N N 313 
TRP CB  CG   sing N N 314 
TRP CB  HB2  sing N N 315 
TRP CB  HB3  sing N N 316 
TRP CG  CD1  doub Y N 317 
TRP CG  CD2  sing Y N 318 
TRP CD1 NE1  sing Y N 319 
TRP CD1 HD1  sing N N 320 
TRP CD2 CE2  doub Y N 321 
TRP CD2 CE3  sing Y N 322 
TRP NE1 CE2  sing Y N 323 
TRP NE1 HE1  sing N N 324 
TRP CE2 CZ2  sing Y N 325 
TRP CE3 CZ3  doub Y N 326 
TRP CE3 HE3  sing N N 327 
TRP CZ2 CH2  doub Y N 328 
TRP CZ2 HZ2  sing N N 329 
TRP CZ3 CH2  sing Y N 330 
TRP CZ3 HZ3  sing N N 331 
TRP CH2 HH2  sing N N 332 
TRP OXT HXT  sing N N 333 
TYR N   CA   sing N N 334 
TYR N   H    sing N N 335 
TYR N   H2   sing N N 336 
TYR CA  C    sing N N 337 
TYR CA  CB   sing N N 338 
TYR CA  HA   sing N N 339 
TYR C   O    doub N N 340 
TYR C   OXT  sing N N 341 
TYR CB  CG   sing N N 342 
TYR CB  HB2  sing N N 343 
TYR CB  HB3  sing N N 344 
TYR CG  CD1  doub Y N 345 
TYR CG  CD2  sing Y N 346 
TYR CD1 CE1  sing Y N 347 
TYR CD1 HD1  sing N N 348 
TYR CD2 CE2  doub Y N 349 
TYR CD2 HD2  sing N N 350 
TYR CE1 CZ   doub Y N 351 
TYR CE1 HE1  sing N N 352 
TYR CE2 CZ   sing Y N 353 
TYR CE2 HE2  sing N N 354 
TYR CZ  OH   sing N N 355 
TYR OH  HH   sing N N 356 
TYR OXT HXT  sing N N 357 
VAL N   CA   sing N N 358 
VAL N   H    sing N N 359 
VAL N   H2   sing N N 360 
VAL CA  C    sing N N 361 
VAL CA  CB   sing N N 362 
VAL CA  HA   sing N N 363 
VAL C   O    doub N N 364 
VAL C   OXT  sing N N 365 
VAL CB  CG1  sing N N 366 
VAL CB  CG2  sing N N 367 
VAL CB  HB   sing N N 368 
VAL CG1 HG11 sing N N 369 
VAL CG1 HG12 sing N N 370 
VAL CG1 HG13 sing N N 371 
VAL CG2 HG21 sing N N 372 
VAL CG2 HG22 sing N N 373 
VAL CG2 HG23 sing N N 374 
VAL OXT HXT  sing N N 375 
# 
_pdbx_initial_refinement_model.id               1 
_pdbx_initial_refinement_model.entity_id_list   ? 
_pdbx_initial_refinement_model.type             'experimental model' 
_pdbx_initial_refinement_model.source_name      PDB 
_pdbx_initial_refinement_model.accession_code   1LXI 
_pdbx_initial_refinement_model.details          'BMP-7 ligand monomer taken from PDB entry 1lxi' 
# 
_atom_sites.entry_id                    2QCW 
_atom_sites.fract_transf_matrix[1][1]   0.00396904 
_atom_sites.fract_transf_matrix[1][2]   0.00042984 
_atom_sites.fract_transf_matrix[1][3]   -0.01115689 
_atom_sites.fract_transf_matrix[2][1]   -0.00240388 
_atom_sites.fract_transf_matrix[2][2]   0.00941272 
_atom_sites.fract_transf_matrix[2][3]   -0.00678562 
_atom_sites.fract_transf_matrix[3][1]   0.00960929 
_atom_sites.fract_transf_matrix[3][2]   0.00505896 
_atom_sites.fract_transf_matrix[3][3]   0.00361338 
_atom_sites.fract_transf_vector[1]      -0.475981 
_atom_sites.fract_transf_vector[2]      0.002222 
_atom_sites.fract_transf_vector[3]      0.088286 
# 
loop_
_atom_type.symbol 
C 
N 
O 
S 
# 
loop_
_atom_site.group_PDB 
_atom_site.id 
_atom_site.type_symbol 
_atom_site.label_atom_id 
_atom_site.label_alt_id 
_atom_site.label_comp_id 
_atom_site.label_asym_id 
_atom_site.label_entity_id 
_atom_site.label_seq_id 
_atom_site.pdbx_PDB_ins_code 
_atom_site.Cartn_x 
_atom_site.Cartn_y 
_atom_site.Cartn_z 
_atom_site.occupancy 
_atom_site.B_iso_or_equiv 
_atom_site.pdbx_formal_charge 
_atom_site.auth_seq_id 
_atom_site.auth_comp_id 
_atom_site.auth_asym_id 
_atom_site.auth_atom_id 
_atom_site.pdbx_PDB_model_num 
ATOM   1    N N   . THR A 1 29  ? 18.150  -1.029  -3.038  1.00 63.85 ? 29  THR A N   1 
ATOM   2    C CA  . THR A 1 29  ? 17.199  -1.872  -3.832  1.00 63.73 ? 29  THR A CA  1 
ATOM   3    C C   . THR A 1 29  ? 15.919  -2.292  -3.070  1.00 63.41 ? 29  THR A C   1 
ATOM   4    O O   . THR A 1 29  ? 14.892  -2.589  -3.689  1.00 63.31 ? 29  THR A O   1 
ATOM   5    C CB  . THR A 1 29  ? 17.911  -3.094  -4.495  1.00 63.84 ? 29  THR A CB  1 
ATOM   6    O OG1 . THR A 1 29  ? 17.121  -4.277  -4.314  1.00 64.24 ? 29  THR A OG1 1 
ATOM   7    C CG2 . THR A 1 29  ? 19.305  -3.329  -3.895  1.00 64.37 ? 29  THR A CG2 1 
ATOM   8    N N   . ALA A 1 30  ? 15.990  -2.315  -1.736  1.00 62.75 ? 30  ALA A N   1 
ATOM   9    C CA  . ALA A 1 30  ? 14.838  -2.625  -0.883  1.00 62.08 ? 30  ALA A CA  1 
ATOM   10   C C   . ALA A 1 30  ? 13.807  -1.497  -0.907  1.00 61.73 ? 30  ALA A C   1 
ATOM   11   O O   . ALA A 1 30  ? 14.050  -0.453  -1.496  1.00 61.78 ? 30  ALA A O   1 
ATOM   12   C CB  . ALA A 1 30  ? 15.295  -2.887  0.539   1.00 62.00 ? 30  ALA A CB  1 
ATOM   13   N N   . CYS A 1 31  ? 12.669  -1.717  -0.249  1.00 61.24 ? 31  CYS A N   1 
ATOM   14   C CA  . CYS A 1 31  ? 11.553  -0.769  -0.220  1.00 61.34 ? 31  CYS A CA  1 
ATOM   15   C C   . CYS A 1 31  ? 11.889  0.494   0.572   1.00 61.68 ? 31  CYS A C   1 
ATOM   16   O O   . CYS A 1 31  ? 12.231  0.425   1.757   1.00 61.74 ? 31  CYS A O   1 
ATOM   17   C CB  . CYS A 1 31  ? 10.324  -1.437  0.383   1.00 61.25 ? 31  CYS A CB  1 
ATOM   18   S SG  . CYS A 1 31  ? 8.973   -0.325  0.783   1.00 60.05 ? 31  CYS A SG  1 
ATOM   19   N N   . ARG A 1 32  ? 11.776  1.644   -0.081  1.00 61.77 ? 32  ARG A N   1 
ATOM   20   C CA  . ARG A 1 32  ? 12.141  2.906   0.541   1.00 62.06 ? 32  ARG A CA  1 
ATOM   21   C C   . ARG A 1 32  ? 11.669  4.156   -0.177  1.00 61.52 ? 32  ARG A C   1 
ATOM   22   O O   . ARG A 1 32  ? 11.321  4.137   -1.337  1.00 61.38 ? 32  ARG A O   1 
ATOM   23   C CB  . ARG A 1 32  ? 13.643  2.988   0.699   1.00 62.38 ? 32  ARG A CB  1 
ATOM   24   C CG  . ARG A 1 32  ? 14.363  2.951   -0.618  1.00 64.35 ? 32  ARG A CG  1 
ATOM   25   C CD  . ARG A 1 32  ? 15.754  3.440   -0.479  1.00 67.42 ? 32  ARG A CD  1 
ATOM   26   N NE  . ARG A 1 32  ? 16.466  3.385   -1.741  1.00 71.43 ? 32  ARG A NE  1 
ATOM   27   C CZ  . ARG A 1 32  ? 17.078  4.425   -2.290  1.00 72.65 ? 32  ARG A CZ  1 
ATOM   28   N NH1 . ARG A 1 32  ? 17.712  4.289   -3.442  1.00 73.13 ? 32  ARG A NH1 1 
ATOM   29   N NH2 . ARG A 1 32  ? 17.046  5.607   -1.693  1.00 71.25 ? 32  ARG A NH2 1 
ATOM   30   N N   . LYS A 1 33  ? 11.720  5.255   0.547   1.00 61.19 ? 33  LYS A N   1 
ATOM   31   C CA  . LYS A 1 33  ? 11.322  6.562   0.056   1.00 60.74 ? 33  LYS A CA  1 
ATOM   32   C C   . LYS A 1 33  ? 12.355  7.089   -0.922  1.00 60.42 ? 33  LYS A C   1 
ATOM   33   O O   . LYS A 1 33  ? 13.549  6.983   -0.673  1.00 60.49 ? 33  LYS A O   1 
ATOM   34   C CB  . LYS A 1 33  ? 11.191  7.518   1.240   1.00 60.73 ? 33  LYS A CB  1 
ATOM   35   C CG  . LYS A 1 33  ? 10.552  8.870   0.913   1.00 61.72 ? 33  LYS A CG  1 
ATOM   36   C CD  . LYS A 1 33  ? 10.540  9.759   2.145   1.00 62.41 ? 33  LYS A CD  1 
ATOM   37   C CE  . LYS A 1 33  ? 11.872  10.444  2.349   1.00 62.83 ? 33  LYS A CE  1 
ATOM   38   N NZ  . LYS A 1 33  ? 12.059  10.801  3.776   1.00 64.20 ? 33  LYS A NZ  1 
ATOM   39   N N   . HIS A 1 34  ? 11.890  7.642   -2.037  1.00 60.09 ? 34  HIS A N   1 
ATOM   40   C CA  . HIS A 1 34  ? 12.761  8.302   -3.006  1.00 60.06 ? 34  HIS A CA  1 
ATOM   41   C C   . HIS A 1 34  ? 12.342  9.754   -3.174  1.00 60.03 ? 34  HIS A C   1 
ATOM   42   O O   . HIS A 1 34  ? 11.154  10.048  -3.192  1.00 59.97 ? 34  HIS A O   1 
ATOM   43   C CB  . HIS A 1 34  ? 12.652  7.629   -4.366  1.00 60.19 ? 34  HIS A CB  1 
ATOM   44   C CG  . HIS A 1 34  ? 13.119  6.209   -4.387  1.00 60.08 ? 34  HIS A CG  1 
ATOM   45   N ND1 . HIS A 1 34  ? 14.450  5.859   -4.315  1.00 59.43 ? 34  HIS A ND1 1 
ATOM   46   C CD2 . HIS A 1 34  ? 12.425  5.047   -4.444  1.00 59.62 ? 34  HIS A CD2 1 
ATOM   47   C CE1 . HIS A 1 34  ? 14.556  4.544   -4.343  1.00 59.13 ? 34  HIS A CE1 1 
ATOM   48   N NE2 . HIS A 1 34  ? 13.343  4.029   -4.420  1.00 59.07 ? 34  HIS A NE2 1 
ATOM   49   N N   . GLU A 1 35  ? 13.308  10.639  -3.328  1.00 60.17 ? 35  GLU A N   1 
ATOM   50   C CA  . GLU A 1 35  ? 13.031  12.032  -3.584  1.00 60.47 ? 35  GLU A CA  1 
ATOM   51   C C   . GLU A 1 35  ? 12.272  12.201  -4.860  1.00 59.83 ? 35  GLU A C   1 
ATOM   52   O O   . GLU A 1 35  ? 12.618  11.641  -5.868  1.00 60.09 ? 35  GLU A O   1 
ATOM   53   C CB  . GLU A 1 35  ? 14.324  12.802  -3.688  1.00 60.81 ? 35  GLU A CB  1 
ATOM   54   C CG  . GLU A 1 35  ? 15.375  12.309  -2.779  1.00 64.67 ? 35  GLU A CG  1 
ATOM   55   C CD  . GLU A 1 35  ? 15.601  13.249  -1.659  1.00 68.49 ? 35  GLU A CD  1 
ATOM   56   O OE1 . GLU A 1 35  ? 16.516  14.088  -1.783  1.00 69.04 ? 35  GLU A OE1 1 
ATOM   57   O OE2 . GLU A 1 35  ? 14.852  13.155  -0.664  1.00 70.37 ? 35  GLU A OE2 1 
ATOM   58   N N   . LEU A 1 36  ? 11.242  13.013  -4.818  1.00 58.85 ? 36  LEU A N   1 
ATOM   59   C CA  . LEU A 1 36  ? 10.618  13.437  -6.050  1.00 58.36 ? 36  LEU A CA  1 
ATOM   60   C C   . LEU A 1 36  ? 10.012  14.825  -5.904  1.00 58.26 ? 36  LEU A C   1 
ATOM   61   O O   . LEU A 1 36  ? 9.069   15.024  -5.128  1.00 58.53 ? 36  LEU A O   1 
ATOM   62   C CB  . LEU A 1 36  ? 9.545   12.440  -6.476  1.00 58.56 ? 36  LEU A CB  1 
ATOM   63   C CG  . LEU A 1 36  ? 8.623   12.912  -7.592  1.00 57.07 ? 36  LEU A CG  1 
ATOM   64   C CD1 . LEU A 1 36  ? 9.329   12.861  -8.926  1.00 57.69 ? 36  LEU A CD1 1 
ATOM   65   C CD2 . LEU A 1 36  ? 7.433   12.031  -7.614  1.00 57.70 ? 36  LEU A CD2 1 
ATOM   66   N N   . TYR A 1 37  ? 10.544  15.789  -6.650  1.00 57.73 ? 37  TYR A N   1 
ATOM   67   C CA  . TYR A 1 37  ? 9.909   17.103  -6.699  1.00 57.22 ? 37  TYR A CA  1 
ATOM   68   C C   . TYR A 1 37  ? 8.817   17.155  -7.750  1.00 57.03 ? 37  TYR A C   1 
ATOM   69   O O   . TYR A 1 37  ? 8.998   16.706  -8.881  1.00 56.79 ? 37  TYR A O   1 
ATOM   70   C CB  . TYR A 1 37  ? 10.919  18.209  -6.942  1.00 56.93 ? 37  TYR A CB  1 
ATOM   71   C CG  . TYR A 1 37  ? 10.339  19.582  -6.775  1.00 56.45 ? 37  TYR A CG  1 
ATOM   72   C CD1 . TYR A 1 37  ? 10.221  20.165  -5.512  1.00 55.48 ? 37  TYR A CD1 1 
ATOM   73   C CD2 . TYR A 1 37  ? 9.909   20.308  -7.885  1.00 56.65 ? 37  TYR A CD2 1 
ATOM   74   C CE1 . TYR A 1 37  ? 9.684   21.444  -5.359  1.00 55.87 ? 37  TYR A CE1 1 
ATOM   75   C CE2 . TYR A 1 37  ? 9.375   21.577  -7.748  1.00 56.54 ? 37  TYR A CE2 1 
ATOM   76   C CZ  . TYR A 1 37  ? 9.263   22.144  -6.486  1.00 56.66 ? 37  TYR A CZ  1 
ATOM   77   O OH  . TYR A 1 37  ? 8.737   23.420  -6.371  1.00 56.90 ? 37  TYR A OH  1 
ATOM   78   N N   . VAL A 1 38  ? 7.677   17.696  -7.346  1.00 57.15 ? 38  VAL A N   1 
ATOM   79   C CA  . VAL A 1 38  ? 6.551   17.872  -8.248  1.00 57.45 ? 38  VAL A CA  1 
ATOM   80   C C   . VAL A 1 38  ? 6.267   19.357  -8.407  1.00 57.62 ? 38  VAL A C   1 
ATOM   81   O O   . VAL A 1 38  ? 5.930   20.061  -7.453  1.00 57.63 ? 38  VAL A O   1 
ATOM   82   C CB  . VAL A 1 38  ? 5.311   17.082  -7.782  1.00 57.40 ? 38  VAL A CB  1 
ATOM   83   C CG1 . VAL A 1 38  ? 4.086   17.499  -8.558  1.00 57.48 ? 38  VAL A CG1 1 
ATOM   84   C CG2 . VAL A 1 38  ? 5.559   15.596  -7.969  1.00 57.22 ? 38  VAL A CG2 1 
ATOM   85   N N   . SER A 1 39  ? 6.475   19.831  -9.623  1.00 57.86 ? 39  SER A N   1 
ATOM   86   C CA  . SER A 1 39  ? 6.210   21.211  -9.956  1.00 58.13 ? 39  SER A CA  1 
ATOM   87   C C   . SER A 1 39  ? 4.897   21.243  -10.702 1.00 58.36 ? 39  SER A C   1 
ATOM   88   O O   . SER A 1 39  ? 4.645   20.403  -11.591 1.00 57.94 ? 39  SER A O   1 
ATOM   89   C CB  . SER A 1 39  ? 7.336   21.789  -10.806 1.00 57.90 ? 39  SER A CB  1 
ATOM   90   O OG  . SER A 1 39  ? 6.837   22.774  -11.690 1.00 58.42 ? 39  SER A OG  1 
ATOM   91   N N   . PHE A 1 40  ? 4.057   22.201  -10.318 1.00 58.73 ? 40  PHE A N   1 
ATOM   92   C CA  . PHE A 1 40  ? 2.740   22.335  -10.903 1.00 59.32 ? 40  PHE A CA  1 
ATOM   93   C C   . PHE A 1 40  ? 2.869   22.818  -12.320 1.00 60.24 ? 40  PHE A C   1 
ATOM   94   O O   . PHE A 1 40  ? 1.974   22.589  -13.121 1.00 60.67 ? 40  PHE A O   1 
ATOM   95   C CB  . PHE A 1 40  ? 1.846   23.261  -10.086 1.00 59.09 ? 40  PHE A CB  1 
ATOM   96   C CG  . PHE A 1 40  ? 1.450   22.695  -8.758  1.00 58.58 ? 40  PHE A CG  1 
ATOM   97   C CD1 . PHE A 1 40  ? 0.848   21.446  -8.669  1.00 57.59 ? 40  PHE A CD1 1 
ATOM   98   C CD2 . PHE A 1 40  ? 1.686   23.410  -7.589  1.00 59.16 ? 40  PHE A CD2 1 
ATOM   99   C CE1 . PHE A 1 40  ? 0.481   20.917  -7.438  1.00 58.15 ? 40  PHE A CE1 1 
ATOM   100  C CE2 . PHE A 1 40  ? 1.326   22.883  -6.335  1.00 58.69 ? 40  PHE A CE2 1 
ATOM   101  C CZ  . PHE A 1 40  ? 0.718   21.637  -6.262  1.00 58.22 ? 40  PHE A CZ  1 
ATOM   102  N N   . GLN A 1 41  ? 3.990   23.461  -12.642 1.00 61.15 ? 41  GLN A N   1 
ATOM   103  C CA  . GLN A 1 41  ? 4.266   23.760  -14.033 1.00 62.13 ? 41  GLN A CA  1 
ATOM   104  C C   . GLN A 1 41  ? 4.448   22.497  -14.892 1.00 62.85 ? 41  GLN A C   1 
ATOM   105  O O   . GLN A 1 41  ? 3.836   22.422  -15.955 1.00 63.34 ? 41  GLN A O   1 
ATOM   106  C CB  . GLN A 1 41  ? 5.425   24.735  -14.212 1.00 62.09 ? 41  GLN A CB  1 
ATOM   107  C CG  . GLN A 1 41  ? 5.294   25.517  -15.507 1.00 62.33 ? 41  GLN A CG  1 
ATOM   108  C CD  . GLN A 1 41  ? 6.492   26.390  -15.829 1.00 63.04 ? 41  GLN A CD  1 
ATOM   109  O OE1 . GLN A 1 41  ? 7.598   26.161  -15.339 1.00 62.38 ? 41  GLN A OE1 1 
ATOM   110  N NE2 . GLN A 1 41  ? 6.276   27.393  -16.682 1.00 63.04 ? 41  GLN A NE2 1 
ATOM   111  N N   . ASP A 1 42  ? 5.249   21.510  -14.468 1.00 63.52 ? 42  ASP A N   1 
ATOM   112  C CA  . ASP A 1 42  ? 5.352   20.298  -15.302 1.00 64.40 ? 42  ASP A CA  1 
ATOM   113  C C   . ASP A 1 42  ? 3.991   19.637  -15.481 1.00 64.37 ? 42  ASP A C   1 
ATOM   114  O O   . ASP A 1 42  ? 3.696   19.121  -16.557 1.00 64.37 ? 42  ASP A O   1 
ATOM   115  C CB  . ASP A 1 42  ? 6.443   19.253  -14.916 1.00 65.13 ? 42  ASP A CB  1 
ATOM   116  C CG  . ASP A 1 42  ? 7.203   19.573  -13.624 1.00 66.58 ? 42  ASP A CG  1 
ATOM   117  O OD1 . ASP A 1 42  ? 7.942   20.586  -13.612 1.00 66.98 ? 42  ASP A OD1 1 
ATOM   118  O OD2 . ASP A 1 42  ? 7.128   18.757  -12.658 1.00 67.47 ? 42  ASP A OD2 1 
ATOM   119  N N   . LEU A 1 43  ? 3.168   19.690  -14.432 1.00 64.44 ? 43  LEU A N   1 
ATOM   120  C CA  . LEU A 1 43  ? 1.812   19.126  -14.454 1.00 64.24 ? 43  LEU A CA  1 
ATOM   121  C C   . LEU A 1 43  ? 0.837   19.868  -15.380 1.00 64.42 ? 43  LEU A C   1 
ATOM   122  O O   . LEU A 1 43  ? -0.180  19.306  -15.799 1.00 64.94 ? 43  LEU A O   1 
ATOM   123  C CB  . LEU A 1 43  ? 1.232   19.046  -13.041 1.00 63.75 ? 43  LEU A CB  1 
ATOM   124  C CG  . LEU A 1 43  ? 1.814   18.012  -12.072 1.00 63.67 ? 43  LEU A CG  1 
ATOM   125  C CD1 . LEU A 1 43  ? 1.057   18.034  -10.752 1.00 62.16 ? 43  LEU A CD1 1 
ATOM   126  C CD2 . LEU A 1 43  ? 1.857   16.580  -12.656 1.00 62.78 ? 43  LEU A CD2 1 
ATOM   127  N N   . GLY A 1 44  ? 1.146   21.116  -15.708 1.00 64.03 ? 44  GLY A N   1 
ATOM   128  C CA  . GLY A 1 44  ? 0.264   21.911  -16.544 1.00 63.70 ? 44  GLY A CA  1 
ATOM   129  C C   . GLY A 1 44  ? -0.690  22.791  -15.757 1.00 63.66 ? 44  GLY A C   1 
ATOM   130  O O   . GLY A 1 44  ? -1.511  23.502  -16.349 1.00 64.06 ? 44  GLY A O   1 
ATOM   131  N N   . TRP A 1 45  ? -0.572  22.770  -14.433 1.00 63.05 ? 45  TRP A N   1 
ATOM   132  C CA  . TRP A 1 45  ? -1.466  23.525  -13.565 1.00 63.05 ? 45  TRP A CA  1 
ATOM   133  C C   . TRP A 1 45  ? -0.942  24.896  -13.114 1.00 64.05 ? 45  TRP A C   1 
ATOM   134  O O   . TRP A 1 45  ? -1.467  25.480  -12.163 1.00 64.10 ? 45  TRP A O   1 
ATOM   135  C CB  . TRP A 1 45  ? -1.838  22.712  -12.322 1.00 62.26 ? 45  TRP A CB  1 
ATOM   136  C CG  . TRP A 1 45  ? -2.207  21.282  -12.544 1.00 60.90 ? 45  TRP A CG  1 
ATOM   137  C CD1 . TRP A 1 45  ? -2.454  20.654  -13.733 1.00 60.29 ? 45  TRP A CD1 1 
ATOM   138  C CD2 . TRP A 1 45  ? -2.405  20.299  -11.523 1.00 60.21 ? 45  TRP A CD2 1 
ATOM   139  N NE1 . TRP A 1 45  ? -2.762  19.321  -13.512 1.00 59.03 ? 45  TRP A NE1 1 
ATOM   140  C CE2 . TRP A 1 45  ? -2.745  19.087  -12.165 1.00 59.20 ? 45  TRP A CE2 1 
ATOM   141  C CE3 . TRP A 1 45  ? -2.309  20.321  -10.128 1.00 59.98 ? 45  TRP A CE3 1 
ATOM   142  C CZ2 . TRP A 1 45  ? -2.990  17.921  -11.462 1.00 60.33 ? 45  TRP A CZ2 1 
ATOM   143  C CZ3 . TRP A 1 45  ? -2.555  19.161  -9.429  1.00 60.52 ? 45  TRP A CZ3 1 
ATOM   144  C CH2 . TRP A 1 45  ? -2.888  17.972  -10.095 1.00 61.04 ? 45  TRP A CH2 1 
ATOM   145  N N   . GLN A 1 46  ? 0.083   25.410  -13.788 1.00 65.29 ? 46  GLN A N   1 
ATOM   146  C CA  . GLN A 1 46  ? 0.704   26.674  -13.394 1.00 66.40 ? 46  GLN A CA  1 
ATOM   147  C C   . GLN A 1 46  ? -0.251  27.849  -13.554 1.00 67.31 ? 46  GLN A C   1 
ATOM   148  O O   . GLN A 1 46  ? -0.149  28.832  -12.823 1.00 67.78 ? 46  GLN A O   1 
ATOM   149  C CB  . GLN A 1 46  ? 2.020   26.924  -14.161 1.00 66.42 ? 46  GLN A CB  1 
ATOM   150  C CG  . GLN A 1 46  ? 1.889   27.234  -15.666 1.00 67.00 ? 46  GLN A CG  1 
ATOM   151  C CD  . GLN A 1 46  ? 1.191   26.121  -16.445 1.00 68.45 ? 46  GLN A CD  1 
ATOM   152  O OE1 . GLN A 1 46  ? 1.594   24.948  -16.382 1.00 68.25 ? 46  GLN A OE1 1 
ATOM   153  N NE2 . GLN A 1 46  ? 0.126   26.482  -17.172 1.00 68.12 ? 46  GLN A NE2 1 
ATOM   154  N N   . ASP A 1 47  ? -1.174  27.741  -14.508 1.00 68.03 ? 47  ASP A N   1 
ATOM   155  C CA  . ASP A 1 47  ? -2.107  28.823  -14.820 1.00 68.55 ? 47  ASP A CA  1 
ATOM   156  C C   . ASP A 1 47  ? -2.881  29.340  -13.604 1.00 68.28 ? 47  ASP A C   1 
ATOM   157  O O   . ASP A 1 47  ? -2.976  30.552  -13.387 1.00 68.31 ? 47  ASP A O   1 
ATOM   158  C CB  . ASP A 1 47  ? -3.112  28.363  -15.885 1.00 69.11 ? 47  ASP A CB  1 
ATOM   159  C CG  . ASP A 1 47  ? -2.668  28.692  -17.301 1.00 70.75 ? 47  ASP A CG  1 
ATOM   160  O OD1 . ASP A 1 47  ? -1.672  29.443  -17.469 1.00 72.11 ? 47  ASP A OD1 1 
ATOM   161  O OD2 . ASP A 1 47  ? -3.332  28.198  -18.246 1.00 71.56 ? 47  ASP A OD2 1 
ATOM   162  N N   . TRP A 1 48  ? -3.428  28.414  -12.816 1.00 67.66 ? 48  TRP A N   1 
ATOM   163  C CA  . TRP A 1 48  ? -4.397  28.782  -11.783 1.00 66.89 ? 48  TRP A CA  1 
ATOM   164  C C   . TRP A 1 48  ? -3.919  28.540  -10.355 1.00 66.22 ? 48  TRP A C   1 
ATOM   165  O O   . TRP A 1 48  ? -4.420  29.164  -9.423  1.00 66.17 ? 48  TRP A O   1 
ATOM   166  C CB  . TRP A 1 48  ? -5.719  28.051  -12.014 1.00 66.70 ? 48  TRP A CB  1 
ATOM   167  C CG  . TRP A 1 48  ? -5.586  26.566  -11.996 1.00 66.02 ? 48  TRP A CG  1 
ATOM   168  C CD1 . TRP A 1 48  ? -5.766  25.731  -10.922 1.00 66.20 ? 48  TRP A CD1 1 
ATOM   169  C CD2 . TRP A 1 48  ? -5.249  25.730  -13.104 1.00 65.94 ? 48  TRP A CD2 1 
ATOM   170  N NE1 . TRP A 1 48  ? -5.563  24.416  -11.301 1.00 66.02 ? 48  TRP A NE1 1 
ATOM   171  C CE2 . TRP A 1 48  ? -5.239  24.389  -12.633 1.00 65.70 ? 48  TRP A CE2 1 
ATOM   172  C CE3 . TRP A 1 48  ? -4.953  25.978  -14.451 1.00 65.88 ? 48  TRP A CE3 1 
ATOM   173  C CZ2 . TRP A 1 48  ? -4.950  23.299  -13.474 1.00 65.76 ? 48  TRP A CZ2 1 
ATOM   174  C CZ3 . TRP A 1 48  ? -4.654  24.881  -15.290 1.00 66.10 ? 48  TRP A CZ3 1 
ATOM   175  C CH2 . TRP A 1 48  ? -4.659  23.567  -14.796 1.00 65.54 ? 48  TRP A CH2 1 
ATOM   176  N N   . ILE A 1 49  ? -2.968  27.631  -10.181 1.00 65.53 ? 49  ILE A N   1 
ATOM   177  C CA  . ILE A 1 49  ? -2.390  27.403  -8.861  1.00 64.80 ? 49  ILE A CA  1 
ATOM   178  C C   . ILE A 1 49  ? -1.496  28.567  -8.499  1.00 64.51 ? 49  ILE A C   1 
ATOM   179  O O   . ILE A 1 49  ? -0.483  28.820  -9.156  1.00 64.72 ? 49  ILE A O   1 
ATOM   180  C CB  . ILE A 1 49  ? -1.647  26.056  -8.764  1.00 64.54 ? 49  ILE A CB  1 
ATOM   181  C CG1 . ILE A 1 49  ? -2.678  24.920  -8.770  1.00 63.54 ? 49  ILE A CG1 1 
ATOM   182  C CG2 . ILE A 1 49  ? -0.714  26.046  -7.538  1.00 64.55 ? 49  ILE A CG2 1 
ATOM   183  C CD1 . ILE A 1 49  ? -2.259  23.630  -8.127  1.00 62.07 ? 49  ILE A CD1 1 
ATOM   184  N N   . ILE A 1 50  ? -1.904  29.292  -7.467  1.00 64.21 ? 50  ILE A N   1 
ATOM   185  C CA  . ILE A 1 50  ? -1.208  30.501  -7.055  1.00 64.11 ? 50  ILE A CA  1 
ATOM   186  C C   . ILE A 1 50  ? 0.052   30.087  -6.327  1.00 64.34 ? 50  ILE A C   1 
ATOM   187  O O   . ILE A 1 50  ? 1.154   30.437  -6.749  1.00 64.74 ? 50  ILE A O   1 
ATOM   188  C CB  . ILE A 1 50  ? -2.091  31.383  -6.126  1.00 64.14 ? 50  ILE A CB  1 
ATOM   189  C CG1 . ILE A 1 50  ? -3.269  31.979  -6.907  1.00 63.17 ? 50  ILE A CG1 1 
ATOM   190  C CG2 . ILE A 1 50  ? -1.269  32.476  -5.454  1.00 63.32 ? 50  ILE A CG2 1 
ATOM   191  C CD1 . ILE A 1 50  ? -4.480  32.267  -6.046  1.00 62.43 ? 50  ILE A CD1 1 
ATOM   192  N N   . ALA A 1 51  ? -0.134  29.324  -5.249  1.00 64.06 ? 51  ALA A N   1 
ATOM   193  C CA  . ALA A 1 51  ? 0.949   28.883  -4.370  1.00 63.64 ? 51  ALA A CA  1 
ATOM   194  C C   . ALA A 1 51  ? 0.611   27.508  -3.750  1.00 63.12 ? 51  ALA A C   1 
ATOM   195  O O   . ALA A 1 51  ? -0.553  27.252  -3.425  1.00 63.21 ? 51  ALA A O   1 
ATOM   196  C CB  . ALA A 1 51  ? 1.192   29.925  -3.286  1.00 63.30 ? 51  ALA A CB  1 
ATOM   197  N N   . PRO A 1 52  ? 1.616   26.619  -3.598  1.00 62.46 ? 52  PRO A N   1 
ATOM   198  C CA  . PRO A 1 52  ? 3.012   26.839  -3.939  1.00 61.97 ? 52  PRO A CA  1 
ATOM   199  C C   . PRO A 1 52  ? 3.284   26.549  -5.409  1.00 61.41 ? 52  PRO A C   1 
ATOM   200  O O   . PRO A 1 52  ? 2.405   26.104  -6.122  1.00 61.45 ? 52  PRO A O   1 
ATOM   201  C CB  . PRO A 1 52  ? 3.761   25.834  -3.040  1.00 61.92 ? 52  PRO A CB  1 
ATOM   202  C CG  . PRO A 1 52  ? 2.694   24.999  -2.352  1.00 62.32 ? 52  PRO A CG  1 
ATOM   203  C CD  . PRO A 1 52  ? 1.414   25.257  -3.072  1.00 62.52 ? 52  PRO A CD  1 
ATOM   204  N N   . LYS A 1 53  ? 4.501   26.818  -5.853  1.00 61.25 ? 53  LYS A N   1 
ATOM   205  C CA  . LYS A 1 53  ? 4.897   26.542  -7.227  1.00 61.05 ? 53  LYS A CA  1 
ATOM   206  C C   . LYS A 1 53  ? 5.067   25.049  -7.463  1.00 60.48 ? 53  LYS A C   1 
ATOM   207  O O   . LYS A 1 53  ? 4.859   24.562  -8.576  1.00 59.93 ? 53  LYS A O   1 
ATOM   208  C CB  . LYS A 1 53  ? 6.183   27.299  -7.563  1.00 60.96 ? 53  LYS A CB  1 
ATOM   209  C CG  . LYS A 1 53  ? 6.024   28.827  -7.502  1.00 63.04 ? 53  LYS A CG  1 
ATOM   210  C CD  . LYS A 1 53  ? 4.696   29.286  -8.116  1.00 64.04 ? 53  LYS A CD  1 
ATOM   211  C CE  . LYS A 1 53  ? 4.415   30.743  -7.812  1.00 65.30 ? 53  LYS A CE  1 
ATOM   212  N NZ  . LYS A 1 53  ? 3.184   31.214  -8.546  1.00 66.66 ? 53  LYS A NZ  1 
ATOM   213  N N   . GLY A 1 54  ? 5.453   24.348  -6.397  1.00 60.16 ? 54  GLY A N   1 
ATOM   214  C CA  . GLY A 1 54  ? 5.589   22.897  -6.382  1.00 60.34 ? 54  GLY A CA  1 
ATOM   215  C C   . GLY A 1 54  ? 5.982   22.389  -5.003  1.00 60.36 ? 54  GLY A C   1 
ATOM   216  O O   . GLY A 1 54  ? 6.046   23.168  -4.044  1.00 60.70 ? 54  GLY A O   1 
ATOM   217  N N   . TYR A 1 55  ? 6.267   21.094  -4.892  1.00 59.77 ? 55  TYR A N   1 
ATOM   218  C CA  . TYR A 1 55  ? 6.501   20.500  -3.579  1.00 59.65 ? 55  TYR A CA  1 
ATOM   219  C C   . TYR A 1 55  ? 7.136   19.106  -3.658  1.00 59.10 ? 55  TYR A C   1 
ATOM   220  O O   . TYR A 1 55  ? 6.953   18.362  -4.629  1.00 58.62 ? 55  TYR A O   1 
ATOM   221  C CB  . TYR A 1 55  ? 5.184   20.433  -2.798  1.00 59.99 ? 55  TYR A CB  1 
ATOM   222  C CG  . TYR A 1 55  ? 4.254   19.390  -3.362  1.00 61.25 ? 55  TYR A CG  1 
ATOM   223  C CD1 . TYR A 1 55  ? 3.599   19.598  -4.583  1.00 59.83 ? 55  TYR A CD1 1 
ATOM   224  C CD2 . TYR A 1 55  ? 4.064   18.165  -2.700  1.00 60.81 ? 55  TYR A CD2 1 
ATOM   225  C CE1 . TYR A 1 55  ? 2.763   18.629  -5.122  1.00 60.54 ? 55  TYR A CE1 1 
ATOM   226  C CE2 . TYR A 1 55  ? 3.231   17.196  -3.225  1.00 60.40 ? 55  TYR A CE2 1 
ATOM   227  C CZ  . TYR A 1 55  ? 2.587   17.431  -4.435  1.00 61.53 ? 55  TYR A CZ  1 
ATOM   228  O OH  . TYR A 1 55  ? 1.765   16.466  -4.958  1.00 63.07 ? 55  TYR A OH  1 
ATOM   229  N N   . ALA A 1 56  ? 7.884   18.770  -2.617  1.00 58.79 ? 56  ALA A N   1 
ATOM   230  C CA  . ALA A 1 56  ? 8.524   17.464  -2.499  1.00 58.43 ? 56  ALA A CA  1 
ATOM   231  C C   . ALA A 1 56  ? 7.445   16.408  -2.250  1.00 58.17 ? 56  ALA A C   1 
ATOM   232  O O   . ALA A 1 56  ? 6.860   16.347  -1.171  1.00 58.70 ? 56  ALA A O   1 
ATOM   233  C CB  . ALA A 1 56  ? 9.527   17.490  -1.379  1.00 58.00 ? 56  ALA A CB  1 
ATOM   234  N N   . ALA A 1 57  ? 7.142   15.611  -3.264  1.00 57.22 ? 57  ALA A N   1 
ATOM   235  C CA  . ALA A 1 57  ? 6.067   14.662  -3.139  1.00 56.44 ? 57  ALA A CA  1 
ATOM   236  C C   . ALA A 1 57  ? 6.623   13.331  -2.662  1.00 56.56 ? 57  ALA A C   1 
ATOM   237  O O   . ALA A 1 57  ? 5.989   12.634  -1.851  1.00 56.49 ? 57  ALA A O   1 
ATOM   238  C CB  . ALA A 1 57  ? 5.377   14.496  -4.446  1.00 56.38 ? 57  ALA A CB  1 
ATOM   239  N N   . ASN A 1 58  ? 7.810   12.988  -3.172  1.00 55.93 ? 58  ASN A N   1 
ATOM   240  C CA  . ASN A 1 58  ? 8.455   11.709  -2.884  1.00 55.52 ? 58  ASN A CA  1 
ATOM   241  C C   . ASN A 1 58  ? 7.626   10.561  -3.401  1.00 55.64 ? 58  ASN A C   1 
ATOM   242  O O   . ASN A 1 58  ? 6.482   10.750  -3.836  1.00 55.89 ? 58  ASN A O   1 
ATOM   243  C CB  . ASN A 1 58  ? 8.686   11.543  -1.387  1.00 54.86 ? 58  ASN A CB  1 
ATOM   244  C CG  . ASN A 1 58  ? 9.490   12.677  -0.807  1.00 54.55 ? 58  ASN A CG  1 
ATOM   245  O OD1 . ASN A 1 58  ? 10.358  13.233  -1.477  1.00 54.39 ? 58  ASN A OD1 1 
ATOM   246  N ND2 . ASN A 1 58  ? 9.208   13.035  0.440   1.00 53.30 ? 58  ASN A ND2 1 
ATOM   247  N N   . TYR A 1 59  ? 8.209   9.379   -3.367  1.00 55.52 ? 59  TYR A N   1 
ATOM   248  C CA  . TYR A 1 59  ? 7.473   8.158   -3.634  1.00 56.10 ? 59  TYR A CA  1 
ATOM   249  C C   . TYR A 1 59  ? 8.208   6.946   -3.058  1.00 56.10 ? 59  TYR A C   1 
ATOM   250  O O   . TYR A 1 59  ? 9.350   7.063   -2.587  1.00 56.35 ? 59  TYR A O   1 
ATOM   251  C CB  . TYR A 1 59  ? 7.264   7.990   -5.129  1.00 56.31 ? 59  TYR A CB  1 
ATOM   252  C CG  . TYR A 1 59  ? 8.539   7.698   -5.887  1.00 56.18 ? 59  TYR A CG  1 
ATOM   253  C CD1 . TYR A 1 59  ? 9.359   8.738   -6.332  1.00 57.43 ? 59  TYR A CD1 1 
ATOM   254  C CD2 . TYR A 1 59  ? 8.906   6.398   -6.182  1.00 54.52 ? 59  TYR A CD2 1 
ATOM   255  C CE1 . TYR A 1 59  ? 10.523  8.485   -7.033  1.00 56.70 ? 59  TYR A CE1 1 
ATOM   256  C CE2 . TYR A 1 59  ? 10.065  6.137   -6.889  1.00 56.72 ? 59  TYR A CE2 1 
ATOM   257  C CZ  . TYR A 1 59  ? 10.865  7.187   -7.311  1.00 56.40 ? 59  TYR A CZ  1 
ATOM   258  O OH  . TYR A 1 59  ? 12.016  6.933   -8.001  1.00 56.89 ? 59  TYR A OH  1 
ATOM   259  N N   . CYS A 1 60  ? 7.547   5.793   -3.120  1.00 56.20 ? 60  CYS A N   1 
ATOM   260  C CA  . CYS A 1 60  ? 8.038   4.526   -2.560  1.00 56.08 ? 60  CYS A CA  1 
ATOM   261  C C   . CYS A 1 60  ? 8.399   3.619   -3.710  1.00 56.73 ? 60  CYS A C   1 
ATOM   262  O O   . CYS A 1 60  ? 7.696   3.565   -4.712  1.00 57.04 ? 60  CYS A O   1 
ATOM   263  C CB  . CYS A 1 60  ? 6.940   3.873   -1.738  1.00 55.69 ? 60  CYS A CB  1 
ATOM   264  S SG  . CYS A 1 60  ? 6.415   4.870   -0.320  1.00 56.01 ? 60  CYS A SG  1 
ATOM   265  N N   . ASP A 1 61  ? 9.518   2.933   -3.597  1.00 57.58 ? 61  ASP A N   1 
ATOM   266  C CA  . ASP A 1 61  ? 9.913   2.000   -4.629  1.00 58.60 ? 61  ASP A CA  1 
ATOM   267  C C   . ASP A 1 61  ? 10.818  0.969   -3.998  1.00 58.92 ? 61  ASP A C   1 
ATOM   268  O O   . ASP A 1 61  ? 11.359  1.207   -2.920  1.00 59.11 ? 61  ASP A O   1 
ATOM   269  C CB  . ASP A 1 61  ? 10.618  2.727   -5.778  1.00 58.62 ? 61  ASP A CB  1 
ATOM   270  C CG  . ASP A 1 61  ? 10.512  1.977   -7.104  1.00 59.22 ? 61  ASP A CG  1 
ATOM   271  O OD1 . ASP A 1 61  ? 9.753   0.994   -7.164  1.00 58.05 ? 61  ASP A OD1 1 
ATOM   272  O OD2 . ASP A 1 61  ? 11.184  2.373   -8.092  1.00 60.59 ? 61  ASP A OD2 1 
ATOM   273  N N   . GLY A 1 62  ? 10.952  -0.182  -4.650  1.00 59.56 ? 62  GLY A N   1 
ATOM   274  C CA  . GLY A 1 62  ? 11.913  -1.206  -4.226  1.00 60.46 ? 62  GLY A CA  1 
ATOM   275  C C   . GLY A 1 62  ? 11.297  -2.486  -3.690  1.00 61.08 ? 62  GLY A C   1 
ATOM   276  O O   . GLY A 1 62  ? 10.147  -2.496  -3.253  1.00 61.34 ? 62  GLY A O   1 
ATOM   277  N N   . GLU A 1 63  ? 12.087  -3.560  -3.728  1.00 61.79 ? 63  GLU A N   1 
ATOM   278  C CA  . GLU A 1 63  ? 11.697  -4.912  -3.302  1.00 62.47 ? 63  GLU A CA  1 
ATOM   279  C C   . GLU A 1 63  ? 11.202  -5.019  -1.859  1.00 61.87 ? 63  GLU A C   1 
ATOM   280  O O   . GLU A 1 63  ? 11.873  -4.559  -0.933  1.00 62.01 ? 63  GLU A O   1 
ATOM   281  C CB  . GLU A 1 63  ? 12.902  -5.855  -3.432  1.00 62.69 ? 63  GLU A CB  1 
ATOM   282  C CG  . GLU A 1 63  ? 13.405  -6.173  -4.837  1.00 63.60 ? 63  GLU A CG  1 
ATOM   283  C CD  . GLU A 1 63  ? 14.647  -7.084  -4.796  1.00 64.26 ? 63  GLU A CD  1 
ATOM   284  O OE1 . GLU A 1 63  ? 15.114  -7.414  -3.676  1.00 66.13 ? 63  GLU A OE1 1 
ATOM   285  O OE2 . GLU A 1 63  ? 15.163  -7.469  -5.877  1.00 66.92 ? 63  GLU A OE2 1 
ATOM   286  N N   . CYS A 1 64  ? 10.044  -5.655  -1.679  1.00 61.60 ? 64  CYS A N   1 
ATOM   287  C CA  . CYS A 1 64  ? 9.609   -6.154  -0.367  1.00 61.01 ? 64  CYS A CA  1 
ATOM   288  C C   . CYS A 1 64  ? 9.959   -7.628  -0.189  1.00 61.30 ? 64  CYS A C   1 
ATOM   289  O O   . CYS A 1 64  ? 9.257   -8.512  -0.679  1.00 61.71 ? 64  CYS A O   1 
ATOM   290  C CB  . CYS A 1 64  ? 8.108   -5.953  -0.173  1.00 61.12 ? 64  CYS A CB  1 
ATOM   291  S SG  . CYS A 1 64  ? 7.621   -4.235  0.095   1.00 58.92 ? 64  CYS A SG  1 
ATOM   292  N N   . SER A 1 65  ? 11.061  -7.878  0.505   1.00 61.23 ? 65  SER A N   1 
ATOM   293  C CA  . SER A 1 65  ? 11.500  -9.220  0.858   1.00 61.08 ? 65  SER A CA  1 
ATOM   294  C C   . SER A 1 65  ? 11.939  -9.239  2.306   1.00 60.69 ? 65  SER A C   1 
ATOM   295  O O   . SER A 1 65  ? 12.007  -8.204  2.958   1.00 60.72 ? 65  SER A O   1 
ATOM   296  C CB  . SER A 1 65  ? 12.706  -9.612  0.013   1.00 61.04 ? 65  SER A CB  1 
ATOM   297  O OG  . SER A 1 65  ? 12.362  -9.685  -1.350  1.00 63.01 ? 65  SER A OG  1 
ATOM   298  N N   . PHE A 1 66  ? 12.282  -10.415 2.805   1.00 60.49 ? 66  PHE A N   1 
ATOM   299  C CA  . PHE A 1 66  ? 13.018  -10.479 4.045   1.00 60.28 ? 66  PHE A CA  1 
ATOM   300  C C   . PHE A 1 66  ? 14.471  -10.082 3.757   1.00 61.28 ? 66  PHE A C   1 
ATOM   301  O O   . PHE A 1 66  ? 15.001  -10.399 2.688   1.00 61.20 ? 66  PHE A O   1 
ATOM   302  C CB  . PHE A 1 66  ? 12.925  -11.874 4.642   1.00 59.45 ? 66  PHE A CB  1 
ATOM   303  C CG  . PHE A 1 66  ? 11.521  -12.331 4.893   1.00 57.66 ? 66  PHE A CG  1 
ATOM   304  C CD1 . PHE A 1 66  ? 10.996  -13.405 4.194   1.00 55.30 ? 66  PHE A CD1 1 
ATOM   305  C CD2 . PHE A 1 66  ? 10.722  -11.690 5.831   1.00 57.77 ? 66  PHE A CD2 1 
ATOM   306  C CE1 . PHE A 1 66  ? 9.713   -13.845 4.424   1.00 54.63 ? 66  PHE A CE1 1 
ATOM   307  C CE2 . PHE A 1 66  ? 9.419   -12.122 6.058   1.00 57.64 ? 66  PHE A CE2 1 
ATOM   308  C CZ  . PHE A 1 66  ? 8.916   -13.199 5.346   1.00 56.87 ? 66  PHE A CZ  1 
ATOM   309  N N   . PRO A 1 67  ? 15.126  -9.387  4.701   1.00 62.30 ? 67  PRO A N   1 
ATOM   310  C CA  . PRO A 1 67  ? 14.628  -8.954  6.004   1.00 63.31 ? 67  PRO A CA  1 
ATOM   311  C C   . PRO A 1 67  ? 13.642  -7.800  5.910   1.00 64.27 ? 67  PRO A C   1 
ATOM   312  O O   . PRO A 1 67  ? 13.908  -6.796  5.254   1.00 64.41 ? 67  PRO A O   1 
ATOM   313  C CB  . PRO A 1 67  ? 15.897  -8.528  6.741   1.00 63.47 ? 67  PRO A CB  1 
ATOM   314  C CG  . PRO A 1 67  ? 16.842  -8.140  5.677   1.00 63.33 ? 67  PRO A CG  1 
ATOM   315  C CD  . PRO A 1 67  ? 16.529  -8.993  4.487   1.00 62.47 ? 67  PRO A CD  1 
ATOM   316  N N   . LEU A 1 68  ? 12.498  -7.983  6.554   1.00 65.56 ? 68  LEU A N   1 
ATOM   317  C CA  . LEU A 1 68  ? 11.419  -7.019  6.574   1.00 66.40 ? 68  LEU A CA  1 
ATOM   318  C C   . LEU A 1 68  ? 11.637  -6.197  7.822   1.00 67.68 ? 68  LEU A C   1 
ATOM   319  O O   . LEU A 1 68  ? 11.246  -6.591  8.926   1.00 67.82 ? 68  LEU A O   1 
ATOM   320  C CB  . LEU A 1 68  ? 10.099  -7.762  6.671   1.00 66.30 ? 68  LEU A CB  1 
ATOM   321  C CG  . LEU A 1 68  ? 8.889   -7.446  5.809   1.00 67.11 ? 68  LEU A CG  1 
ATOM   322  C CD1 . LEU A 1 68  ? 9.257   -7.341  4.333   1.00 67.13 ? 68  LEU A CD1 1 
ATOM   323  C CD2 . LEU A 1 68  ? 7.876   -8.556  6.028   1.00 67.51 ? 68  LEU A CD2 1 
ATOM   324  N N   . ASN A 1 69  ? 12.287  -5.054  7.634   1.00 69.27 ? 69  ASN A N   1 
ATOM   325  C CA  . ASN A 1 69  ? 12.707  -4.181  8.721   1.00 70.69 ? 69  ASN A CA  1 
ATOM   326  C C   . ASN A 1 69  ? 11.592  -3.633  9.623   1.00 71.20 ? 69  ASN A C   1 
ATOM   327  O O   . ASN A 1 69  ? 10.481  -3.351  9.158   1.00 71.21 ? 69  ASN A O   1 
ATOM   328  C CB  . ASN A 1 69  ? 13.518  -3.017  8.144   1.00 71.02 ? 69  ASN A CB  1 
ATOM   329  C CG  . ASN A 1 69  ? 15.025  -3.288  8.126   1.00 72.06 ? 69  ASN A CG  1 
ATOM   330  O OD1 . ASN A 1 69  ? 15.820  -2.351  7.982   1.00 73.09 ? 69  ASN A OD1 1 
ATOM   331  N ND2 . ASN A 1 69  ? 15.424  -4.561  8.283   1.00 71.57 ? 69  ASN A ND2 1 
ATOM   332  N N   . ALA A 1 70  ? 11.924  -3.481  10.911  1.00 71.65 ? 70  ALA A N   1 
ATOM   333  C CA  . ALA A 1 70  ? 11.038  -2.903  11.923  1.00 72.14 ? 70  ALA A CA  1 
ATOM   334  C C   . ALA A 1 70  ? 10.493  -1.529  11.514  1.00 72.71 ? 70  ALA A C   1 
ATOM   335  O O   . ALA A 1 70  ? 9.277   -1.307  11.534  1.00 72.43 ? 70  ALA A O   1 
ATOM   336  C CB  . ALA A 1 70  ? 11.768  -2.798  13.238  1.00 71.91 ? 70  ALA A CB  1 
ATOM   337  N N   . HIS A 1 71  ? 11.399  -0.628  11.130  1.00 73.53 ? 71  HIS A N   1 
ATOM   338  C CA  . HIS A 1 71  ? 11.051  0.755   10.770  1.00 74.72 ? 71  HIS A CA  1 
ATOM   339  C C   . HIS A 1 71  ? 9.905   0.853   9.738   1.00 74.50 ? 71  HIS A C   1 
ATOM   340  O O   . HIS A 1 71  ? 9.160   1.831   9.720   1.00 74.49 ? 71  HIS A O   1 
ATOM   341  C CB  . HIS A 1 71  ? 12.299  1.530   10.288  1.00 75.24 ? 71  HIS A CB  1 
ATOM   342  C CG  . HIS A 1 71  ? 12.736  1.187   8.890   1.00 77.03 ? 71  HIS A CG  1 
ATOM   343  N ND1 . HIS A 1 71  ? 13.636  0.176   8.613   1.00 78.36 ? 71  HIS A ND1 1 
ATOM   344  C CD2 . HIS A 1 71  ? 12.390  1.721   7.691   1.00 77.53 ? 71  HIS A CD2 1 
ATOM   345  C CE1 . HIS A 1 71  ? 13.825  0.105   7.305   1.00 78.55 ? 71  HIS A CE1 1 
ATOM   346  N NE2 . HIS A 1 71  ? 13.079  1.028   6.723   1.00 78.08 ? 71  HIS A NE2 1 
ATOM   347  N N   . MET A 1 72  ? 9.704   -0.233  9.006   1.00 74.60 ? 72  MET A N   1 
ATOM   348  C CA  . MET A 1 72  ? 8.787   -0.272  7.892   1.00 74.61 ? 72  MET A CA  1 
ATOM   349  C C   . MET A 1 72  ? 7.489   -1.014  8.157   1.00 73.78 ? 72  MET A C   1 
ATOM   350  O O   . MET A 1 72  ? 7.118   -1.904  7.426   1.00 74.04 ? 72  MET A O   1 
ATOM   351  C CB  . MET A 1 72  ? 9.499   -0.777  6.646   1.00 74.21 ? 72  MET A CB  1 
ATOM   352  C CG  . MET A 1 72  ? 9.070   -2.115  6.163   1.00 75.14 ? 72  MET A CG  1 
ATOM   353  S SD  . MET A 1 72  ? 10.252  -2.746  4.976   1.00 76.91 ? 72  MET A SD  1 
ATOM   354  C CE  . MET A 1 72  ? 11.303  -1.335  4.759   1.00 76.62 ? 72  MET A CE  1 
ATOM   355  N N   . ASN A 1 73  ? 6.783   -0.588  9.188   1.00 73.15 ? 73  ASN A N   1 
ATOM   356  C CA  . ASN A 1 73  ? 5.957   -1.451  10.007  1.00 72.14 ? 73  ASN A CA  1 
ATOM   357  C C   . ASN A 1 73  ? 5.035   -2.417  9.277   1.00 71.05 ? 73  ASN A C   1 
ATOM   358  O O   . ASN A 1 73  ? 3.845   -2.397  9.488   1.00 71.75 ? 73  ASN A O   1 
ATOM   359  C CB  . ASN A 1 73  ? 5.129   -0.604  10.956  1.00 72.27 ? 73  ASN A CB  1 
ATOM   360  C CG  . ASN A 1 73  ? 5.467   -0.850  12.383  1.00 72.40 ? 73  ASN A CG  1 
ATOM   361  O OD1 . ASN A 1 73  ? 4.747   -1.530  13.095  1.00 73.26 ? 73  ASN A OD1 1 
ATOM   362  N ND2 . ASN A 1 73  ? 6.574   -0.307  12.815  1.00 72.95 ? 73  ASN A ND2 1 
ATOM   363  N N   . ALA A 1 74  ? 5.589   -3.284  8.449   1.00 68.77 ? 74  ALA A N   1 
ATOM   364  C CA  . ALA A 1 74  ? 4.813   -4.294  7.766   1.00 66.14 ? 74  ALA A CA  1 
ATOM   365  C C   . ALA A 1 74  ? 3.732   -4.920  8.610   1.00 64.26 ? 74  ALA A C   1 
ATOM   366  O O   . ALA A 1 74  ? 3.950   -5.214  9.757   1.00 64.50 ? 74  ALA A O   1 
ATOM   367  C CB  . ALA A 1 74  ? 5.713   -5.328  7.259   1.00 65.95 ? 74  ALA A CB  1 
ATOM   368  N N   . THR A 1 75  ? 2.570   -5.141  8.020   1.00 61.63 ? 75  THR A N   1 
ATOM   369  C CA  . THR A 1 75  ? 1.464   -5.840  8.661   1.00 58.74 ? 75  THR A CA  1 
ATOM   370  C C   . THR A 1 75  ? 1.732   -7.339  8.743   1.00 57.39 ? 75  THR A C   1 
ATOM   371  O O   . THR A 1 75  ? 2.654   -7.851  8.109   1.00 57.00 ? 75  THR A O   1 
ATOM   372  C CB  . THR A 1 75  ? 0.138   -5.606  7.912   1.00 58.97 ? 75  THR A CB  1 
ATOM   373  O OG1 . THR A 1 75  ? 0.234   -6.138  6.586   1.00 57.82 ? 75  THR A OG1 1 
ATOM   374  C CG2 . THR A 1 75  ? -0.175  -4.118  7.837   1.00 57.35 ? 75  THR A CG2 1 
ATOM   375  N N   . ASN A 1 76  ? 0.919   -8.038  9.530   1.00 55.56 ? 76  ASN A N   1 
ATOM   376  C CA  . ASN A 1 76  ? 0.920   -9.496  9.530   1.00 53.60 ? 76  ASN A CA  1 
ATOM   377  C C   . ASN A 1 76  ? 0.700   -10.072 8.136   1.00 52.43 ? 76  ASN A C   1 
ATOM   378  O O   . ASN A 1 76  ? 1.414   -10.981 7.709   1.00 51.84 ? 76  ASN A O   1 
ATOM   379  C CB  . ASN A 1 76  ? -0.140  -10.032 10.494  1.00 53.42 ? 76  ASN A CB  1 
ATOM   380  C CG  . ASN A 1 76  ? 0.262   -9.877  11.947  1.00 52.51 ? 76  ASN A CG  1 
ATOM   381  O OD1 . ASN A 1 76  ? 1.431   -10.037 12.301  1.00 54.26 ? 76  ASN A OD1 1 
ATOM   382  N ND2 . ASN A 1 76  ? -0.706  -9.565  12.799  1.00 49.85 ? 76  ASN A ND2 1 
ATOM   383  N N   . HIS A 1 77  ? -0.292  -9.540  7.430   1.00 51.27 ? 77  HIS A N   1 
ATOM   384  C CA  . HIS A 1 77  ? -0.642  -10.035 6.116   1.00 50.33 ? 77  HIS A CA  1 
ATOM   385  C C   . HIS A 1 77  ? 0.570   -9.974  5.219   1.00 51.03 ? 77  HIS A C   1 
ATOM   386  O O   . HIS A 1 77  ? 0.794   -10.867 4.407   1.00 51.34 ? 77  HIS A O   1 
ATOM   387  C CB  . HIS A 1 77  ? -1.822  -9.265  5.499   1.00 49.84 ? 77  HIS A CB  1 
ATOM   388  C CG  . HIS A 1 77  ? -2.285  -9.860  4.216   1.00 48.94 ? 77  HIS A CG  1 
ATOM   389  N ND1 . HIS A 1 77  ? -1.729  -9.524  3.002   1.00 48.29 ? 77  HIS A ND1 1 
ATOM   390  C CD2 . HIS A 1 77  ? -3.166  -10.861 3.967   1.00 49.20 ? 77  HIS A CD2 1 
ATOM   391  C CE1 . HIS A 1 77  ? -2.259  -10.285 2.056   1.00 49.25 ? 77  HIS A CE1 1 
ATOM   392  N NE2 . HIS A 1 77  ? -3.130  -11.109 2.617   1.00 48.04 ? 77  HIS A NE2 1 
ATOM   393  N N   . ALA A 1 78  ? 1.370   -8.925  5.367   1.00 51.72 ? 78  ALA A N   1 
ATOM   394  C CA  . ALA A 1 78  ? 2.548   -8.760  4.525   1.00 52.74 ? 78  ALA A CA  1 
ATOM   395  C C   . ALA A 1 78  ? 3.617   -9.805  4.797   1.00 53.42 ? 78  ALA A C   1 
ATOM   396  O O   . ALA A 1 78  ? 4.314   -10.232 3.880   1.00 54.03 ? 78  ALA A O   1 
ATOM   397  C CB  . ALA A 1 78  ? 3.133   -7.374  4.684   1.00 53.18 ? 78  ALA A CB  1 
ATOM   398  N N   . ILE A 1 79  ? 3.768   -10.189 6.061   1.00 54.07 ? 79  ILE A N   1 
ATOM   399  C CA  . ILE A 1 79  ? 4.738   -11.188 6.439   1.00 53.99 ? 79  ILE A CA  1 
ATOM   400  C C   . ILE A 1 79  ? 4.317   -12.480 5.742   1.00 54.43 ? 79  ILE A C   1 
ATOM   401  O O   . ILE A 1 79  ? 5.100   -13.076 5.005   1.00 54.91 ? 79  ILE A O   1 
ATOM   402  C CB  . ILE A 1 79  ? 4.851   -11.299 7.988   1.00 54.20 ? 79  ILE A CB  1 
ATOM   403  C CG1 . ILE A 1 79  ? 5.539   -10.041 8.548   1.00 54.45 ? 79  ILE A CG1 1 
ATOM   404  C CG2 . ILE A 1 79  ? 5.607   -12.603 8.435   1.00 54.45 ? 79  ILE A CG2 1 
ATOM   405  C CD1 . ILE A 1 79  ? 5.236   -9.746  10.052  1.00 53.84 ? 79  ILE A CD1 1 
ATOM   406  N N   . VAL A 1 80  ? 3.059   -12.866 5.913   1.00 54.66 ? 80  VAL A N   1 
ATOM   407  C CA  . VAL A 1 80  ? 2.527   -14.059 5.255   1.00 54.43 ? 80  VAL A CA  1 
ATOM   408  C C   . VAL A 1 80  ? 2.718   -14.020 3.738   1.00 55.16 ? 80  VAL A C   1 
ATOM   409  O O   . VAL A 1 80  ? 3.283   -14.949 3.150   1.00 55.83 ? 80  VAL A O   1 
ATOM   410  C CB  . VAL A 1 80  ? 1.045   -14.267 5.601   1.00 54.05 ? 80  VAL A CB  1 
ATOM   411  C CG1 . VAL A 1 80  ? 0.516   -15.480 4.916   1.00 52.09 ? 80  VAL A CG1 1 
ATOM   412  C CG2 . VAL A 1 80  ? 0.874   -14.405 7.122   1.00 53.18 ? 80  VAL A CG2 1 
ATOM   413  N N   . GLN A 1 81  ? 2.245   -12.957 3.099   1.00 55.46 ? 81  GLN A N   1 
ATOM   414  C CA  . GLN A 1 81  ? 2.306   -12.857 1.636   1.00 55.68 ? 81  GLN A CA  1 
ATOM   415  C C   . GLN A 1 81  ? 3.719   -13.034 1.095   1.00 55.69 ? 81  GLN A C   1 
ATOM   416  O O   . GLN A 1 81  ? 3.902   -13.688 0.074   1.00 55.85 ? 81  GLN A O   1 
ATOM   417  C CB  . GLN A 1 81  ? 1.708   -11.544 1.104   1.00 55.20 ? 81  GLN A CB  1 
ATOM   418  C CG  . GLN A 1 81  ? 1.484   -11.590 -0.421  1.00 55.40 ? 81  GLN A CG  1 
ATOM   419  C CD  . GLN A 1 81  ? 0.866   -10.311 -0.969  1.00 56.16 ? 81  GLN A CD  1 
ATOM   420  O OE1 . GLN A 1 81  ? -0.033  -9.737  -0.360  1.00 57.30 ? 81  GLN A OE1 1 
ATOM   421  N NE2 . GLN A 1 81  ? 1.360   -9.852  -2.111  1.00 54.91 ? 81  GLN A NE2 1 
ATOM   422  N N   . THR A 1 82  ? 4.704   -12.455 1.783   1.00 55.65 ? 82  THR A N   1 
ATOM   423  C CA  . THR A 1 82  ? 6.106   -12.631 1.428   1.00 55.62 ? 82  THR A CA  1 
ATOM   424  C C   . THR A 1 82  ? 6.531   -14.107 1.517   1.00 55.96 ? 82  THR A C   1 
ATOM   425  O O   . THR A 1 82  ? 7.234   -14.596 0.631   1.00 56.16 ? 82  THR A O   1 
ATOM   426  C CB  . THR A 1 82  ? 7.017   -11.747 2.295   1.00 55.70 ? 82  THR A CB  1 
ATOM   427  O OG1 . THR A 1 82  ? 6.627   -10.379 2.135   1.00 55.51 ? 82  THR A OG1 1 
ATOM   428  C CG2 . THR A 1 82  ? 8.491   -11.888 1.883   1.00 55.13 ? 82  THR A CG2 1 
ATOM   429  N N   . LEU A 1 83  ? 6.089   -14.806 2.563   1.00 55.97 ? 83  LEU A N   1 
ATOM   430  C CA  . LEU A 1 83  ? 6.366   -16.227 2.722   1.00 56.58 ? 83  LEU A CA  1 
ATOM   431  C C   . LEU A 1 83  ? 5.818   -17.031 1.574   1.00 56.99 ? 83  LEU A C   1 
ATOM   432  O O   . LEU A 1 83  ? 6.526   -17.831 0.941   1.00 56.48 ? 83  LEU A O   1 
ATOM   433  C CB  . LEU A 1 83  ? 5.720   -16.754 3.993   1.00 56.81 ? 83  LEU A CB  1 
ATOM   434  C CG  . LEU A 1 83  ? 6.635   -16.832 5.190   1.00 57.14 ? 83  LEU A CG  1 
ATOM   435  C CD1 . LEU A 1 83  ? 5.781   -17.020 6.441   1.00 59.91 ? 83  LEU A CD1 1 
ATOM   436  C CD2 . LEU A 1 83  ? 7.616   -17.973 4.990   1.00 55.74 ? 83  LEU A CD2 1 
ATOM   437  N N   . VAL A 1 84  ? 4.533   -16.818 1.334   1.00 57.35 ? 84  VAL A N   1 
ATOM   438  C CA  . VAL A 1 84  ? 3.820   -17.552 0.326   1.00 57.70 ? 84  VAL A CA  1 
ATOM   439  C C   . VAL A 1 84  ? 4.434   -17.231 -1.046  1.00 58.79 ? 84  VAL A C   1 
ATOM   440  O O   . VAL A 1 84  ? 4.598   -18.143 -1.871  1.00 58.90 ? 84  VAL A O   1 
ATOM   441  C CB  . VAL A 1 84  ? 2.332   -17.220 0.407   1.00 57.66 ? 84  VAL A CB  1 
ATOM   442  C CG1 . VAL A 1 84  ? 1.573   -17.825 -0.734  1.00 56.85 ? 84  VAL A CG1 1 
ATOM   443  C CG2 . VAL A 1 84  ? 1.764   -17.665 1.765   1.00 57.46 ? 84  VAL A CG2 1 
ATOM   444  N N   . HIS A 1 85  ? 4.818   -15.966 -1.267  1.00 59.18 ? 85  HIS A N   1 
ATOM   445  C CA  . HIS A 1 85  ? 5.508   -15.591 -2.497  1.00 60.02 ? 85  HIS A CA  1 
ATOM   446  C C   . HIS A 1 85  ? 6.771   -16.386 -2.664  1.00 61.17 ? 85  HIS A C   1 
ATOM   447  O O   . HIS A 1 85  ? 7.037   -16.900 -3.734  1.00 61.65 ? 85  HIS A O   1 
ATOM   448  C CB  . HIS A 1 85  ? 5.883   -14.114 -2.545  1.00 60.04 ? 85  HIS A CB  1 
ATOM   449  C CG  . HIS A 1 85  ? 6.850   -13.788 -3.643  1.00 59.58 ? 85  HIS A CG  1 
ATOM   450  N ND1 . HIS A 1 85  ? 6.446   -13.373 -4.896  1.00 59.05 ? 85  HIS A ND1 1 
ATOM   451  C CD2 . HIS A 1 85  ? 8.203   -13.850 -3.687  1.00 59.56 ? 85  HIS A CD2 1 
ATOM   452  C CE1 . HIS A 1 85  ? 7.509   -13.187 -5.659  1.00 58.52 ? 85  HIS A CE1 1 
ATOM   453  N NE2 . HIS A 1 85  ? 8.587   -13.477 -4.952  1.00 58.92 ? 85  HIS A NE2 1 
ATOM   454  N N   . LEU A 1 86  ? 7.567   -16.489 -1.607  1.00 62.61 ? 86  LEU A N   1 
ATOM   455  C CA  . LEU A 1 86  ? 8.783   -17.298 -1.656  1.00 63.73 ? 86  LEU A CA  1 
ATOM   456  C C   . LEU A 1 86  ? 8.558   -18.755 -2.071  1.00 64.82 ? 86  LEU A C   1 
ATOM   457  O O   . LEU A 1 86  ? 9.422   -19.360 -2.719  1.00 64.77 ? 86  LEU A O   1 
ATOM   458  C CB  . LEU A 1 86  ? 9.526   -17.239 -0.325  1.00 63.50 ? 86  LEU A CB  1 
ATOM   459  C CG  . LEU A 1 86  ? 10.319  -15.956 -0.092  1.00 64.18 ? 86  LEU A CG  1 
ATOM   460  C CD1 . LEU A 1 86  ? 11.096  -16.103 1.194   1.00 64.48 ? 86  LEU A CD1 1 
ATOM   461  C CD2 . LEU A 1 86  ? 11.253  -15.602 -1.278  1.00 62.56 ? 86  LEU A CD2 1 
ATOM   462  N N   . MET A 1 87  ? 7.406   -19.314 -1.711  1.00 66.09 ? 87  MET A N   1 
ATOM   463  C CA  . MET A 1 87  ? 7.133   -20.723 -2.009  1.00 67.75 ? 87  MET A CA  1 
ATOM   464  C C   . MET A 1 87  ? 6.434   -20.872 -3.356  1.00 68.04 ? 87  MET A C   1 
ATOM   465  O O   . MET A 1 87  ? 6.311   -21.976 -3.879  1.00 68.45 ? 87  MET A O   1 
ATOM   466  C CB  . MET A 1 87  ? 6.294   -21.364 -0.897  1.00 67.42 ? 87  MET A CB  1 
ATOM   467  C CG  . MET A 1 87  ? 6.889   -21.264 0.510   1.00 67.72 ? 87  MET A CG  1 
ATOM   468  S SD  . MET A 1 87  ? 5.628   -21.667 1.755   1.00 69.86 ? 87  MET A SD  1 
ATOM   469  C CE  . MET A 1 87  ? 6.530   -21.457 3.294   1.00 68.33 ? 87  MET A CE  1 
ATOM   470  N N   . ASN A 1 88  ? 5.978   -19.752 -3.908  1.00 68.72 ? 88  ASN A N   1 
ATOM   471  C CA  . ASN A 1 88  ? 5.148   -19.733 -5.096  1.00 69.76 ? 88  ASN A CA  1 
ATOM   472  C C   . ASN A 1 88  ? 5.368   -18.443 -5.857  1.00 70.36 ? 88  ASN A C   1 
ATOM   473  O O   . ASN A 1 88  ? 4.401   -17.732 -6.165  1.00 70.57 ? 88  ASN A O   1 
ATOM   474  C CB  . ASN A 1 88  ? 3.669   -19.838 -4.712  1.00 69.96 ? 88  ASN A CB  1 
ATOM   475  C CG  . ASN A 1 88  ? 3.375   -21.052 -3.842  1.00 72.03 ? 88  ASN A CG  1 
ATOM   476  O OD1 . ASN A 1 88  ? 3.064   -20.913 -2.650  1.00 73.49 ? 88  ASN A OD1 1 
ATOM   477  N ND2 . ASN A 1 88  ? 3.504   -22.254 -4.425  1.00 72.15 ? 88  ASN A ND2 1 
ATOM   478  N N   . PRO A 1 89  ? 6.641   -18.133 -6.187  1.00 70.97 ? 89  PRO A N   1 
ATOM   479  C CA  . PRO A 1 89  ? 6.964   -16.816 -6.759  1.00 71.24 ? 89  PRO A CA  1 
ATOM   480  C C   . PRO A 1 89  ? 6.149   -16.518 -8.008  1.00 71.88 ? 89  PRO A C   1 
ATOM   481  O O   . PRO A 1 89  ? 5.852   -15.359 -8.299  1.00 71.98 ? 89  PRO A O   1 
ATOM   482  C CB  . PRO A 1 89  ? 8.454   -16.934 -7.100  1.00 71.17 ? 89  PRO A CB  1 
ATOM   483  C CG  . PRO A 1 89  ? 8.741   -18.414 -7.113  1.00 70.97 ? 89  PRO A CG  1 
ATOM   484  C CD  . PRO A 1 89  ? 7.837   -18.992 -6.086  1.00 70.78 ? 89  PRO A CD  1 
ATOM   485  N N   . GLU A 1 90  ? 5.782   -17.574 -8.728  1.00 72.94 ? 90  GLU A N   1 
ATOM   486  C CA  . GLU A 1 90  ? 5.045   -17.453 -9.980  1.00 73.70 ? 90  GLU A CA  1 
ATOM   487  C C   . GLU A 1 90  ? 3.565   -17.157 -9.745  1.00 73.76 ? 90  GLU A C   1 
ATOM   488  O O   . GLU A 1 90  ? 2.903   -16.559 -10.596 1.00 74.28 ? 90  GLU A O   1 
ATOM   489  C CB  . GLU A 1 90  ? 5.216   -18.720 -10.823 1.00 73.83 ? 90  GLU A CB  1 
ATOM   490  C CG  . GLU A 1 90  ? 6.505   -18.762 -11.657 1.00 75.57 ? 90  GLU A CG  1 
ATOM   491  C CD  . GLU A 1 90  ? 6.473   -17.817 -12.874 1.00 77.44 ? 90  GLU A CD  1 
ATOM   492  O OE1 . GLU A 1 90  ? 6.900   -18.244 -13.972 1.00 77.60 ? 90  GLU A OE1 1 
ATOM   493  O OE2 . GLU A 1 90  ? 6.022   -16.652 -12.735 1.00 77.77 ? 90  GLU A OE2 1 
ATOM   494  N N   . TYR A 1 91  ? 3.066   -17.555 -8.577  1.00 73.38 ? 91  TYR A N   1 
ATOM   495  C CA  . TYR A 1 91  ? 1.641   -17.497 -8.287  1.00 72.89 ? 91  TYR A CA  1 
ATOM   496  C C   . TYR A 1 91  ? 1.261   -16.254 -7.490  1.00 72.21 ? 91  TYR A C   1 
ATOM   497  O O   . TYR A 1 91  ? 0.434   -15.460 -7.942  1.00 72.40 ? 91  TYR A O   1 
ATOM   498  C CB  . TYR A 1 91  ? 1.215   -18.788 -7.583  1.00 73.55 ? 91  TYR A CB  1 
ATOM   499  C CG  . TYR A 1 91  ? 1.604   -20.003 -8.393  1.00 74.84 ? 91  TYR A CG  1 
ATOM   500  C CD1 . TYR A 1 91  ? 2.605   -20.873 -7.951  1.00 75.92 ? 91  TYR A CD1 1 
ATOM   501  C CD2 . TYR A 1 91  ? 1.007   -20.253 -9.638  1.00 75.47 ? 91  TYR A CD2 1 
ATOM   502  C CE1 . TYR A 1 91  ? 2.975   -21.982 -8.714  1.00 75.74 ? 91  TYR A CE1 1 
ATOM   503  C CE2 . TYR A 1 91  ? 1.369   -21.352 -10.405 1.00 75.21 ? 91  TYR A CE2 1 
ATOM   504  C CZ  . TYR A 1 91  ? 2.348   -22.211 -9.943  1.00 75.37 ? 91  TYR A CZ  1 
ATOM   505  O OH  . TYR A 1 91  ? 2.701   -23.302 -10.717 1.00 75.45 ? 91  TYR A OH  1 
ATOM   506  N N   . VAL A 1 92  ? 1.886   -16.080 -6.323  1.00 70.85 ? 92  VAL A N   1 
ATOM   507  C CA  . VAL A 1 92  ? 1.611   -14.939 -5.441  1.00 69.48 ? 92  VAL A CA  1 
ATOM   508  C C   . VAL A 1 92  ? 2.723   -13.877 -5.502  1.00 68.26 ? 92  VAL A C   1 
ATOM   509  O O   . VAL A 1 92  ? 3.902   -14.189 -5.353  1.00 68.48 ? 92  VAL A O   1 
ATOM   510  C CB  . VAL A 1 92  ? 1.428   -15.421 -3.992  1.00 69.41 ? 92  VAL A CB  1 
ATOM   511  C CG1 . VAL A 1 92  ? 0.911   -14.318 -3.132  1.00 68.53 ? 92  VAL A CG1 1 
ATOM   512  C CG2 . VAL A 1 92  ? 0.465   -16.602 -3.969  1.00 69.85 ? 92  VAL A CG2 1 
ATOM   513  N N   . PRO A 1 93  ? 2.350   -12.614 -5.703  1.00 66.86 ? 93  PRO A N   1 
ATOM   514  C CA  . PRO A 1 93  ? 3.364   -11.579 -5.770  1.00 66.12 ? 93  PRO A CA  1 
ATOM   515  C C   . PRO A 1 93  ? 3.926   -11.116 -4.412  1.00 65.63 ? 93  PRO A C   1 
ATOM   516  O O   . PRO A 1 93  ? 3.340   -11.376 -3.350  1.00 65.14 ? 93  PRO A O   1 
ATOM   517  C CB  . PRO A 1 93  ? 2.621   -10.426 -6.442  1.00 66.18 ? 93  PRO A CB  1 
ATOM   518  C CG  . PRO A 1 93  ? 1.213   -10.620 -6.084  1.00 66.12 ? 93  PRO A CG  1 
ATOM   519  C CD  . PRO A 1 93  ? 0.993   -12.078 -5.881  1.00 66.73 ? 93  PRO A CD  1 
ATOM   520  N N   . LYS A 1 94  ? 5.069   -10.439 -4.474  1.00 64.97 ? 94  LYS A N   1 
ATOM   521  C CA  . LYS A 1 94  ? 5.645   -9.741  -3.338  1.00 64.72 ? 94  LYS A CA  1 
ATOM   522  C C   . LYS A 1 94  ? 4.684   -8.649  -2.900  1.00 63.94 ? 94  LYS A C   1 
ATOM   523  O O   . LYS A 1 94  ? 3.944   -8.129  -3.729  1.00 64.06 ? 94  LYS A O   1 
ATOM   524  C CB  . LYS A 1 94  ? 6.964   -9.085  -3.743  1.00 65.06 ? 94  LYS A CB  1 
ATOM   525  C CG  . LYS A 1 94  ? 8.078   -10.051 -4.103  1.00 66.81 ? 94  LYS A CG  1 
ATOM   526  C CD  . LYS A 1 94  ? 9.033   -9.398  -5.094  1.00 69.96 ? 94  LYS A CD  1 
ATOM   527  C CE  . LYS A 1 94  ? 9.895   -10.442 -5.810  1.00 70.66 ? 94  LYS A CE  1 
ATOM   528  N NZ  . LYS A 1 94  ? 10.076  -10.069 -7.252  1.00 72.13 ? 94  LYS A NZ  1 
ATOM   529  N N   . PRO A 1 95  ? 4.688   -8.298  -1.602  1.00 63.19 ? 95  PRO A N   1 
ATOM   530  C CA  . PRO A 1 95  ? 3.920   -7.161  -1.136  1.00 62.69 ? 95  PRO A CA  1 
ATOM   531  C C   . PRO A 1 95  ? 4.375   -5.907  -1.856  1.00 62.87 ? 95  PRO A C   1 
ATOM   532  O O   . PRO A 1 95  ? 5.497   -5.841  -2.390  1.00 63.00 ? 95  PRO A O   1 
ATOM   533  C CB  . PRO A 1 95  ? 4.304   -7.058  0.330   1.00 62.38 ? 95  PRO A CB  1 
ATOM   534  C CG  . PRO A 1 95  ? 4.686   -8.418  0.703   1.00 63.14 ? 95  PRO A CG  1 
ATOM   535  C CD  . PRO A 1 95  ? 5.402   -8.949  -0.495  1.00 63.19 ? 95  PRO A CD  1 
ATOM   536  N N   . CYS A 1 96  ? 3.512   -4.906  -1.870  1.00 62.35 ? 96  CYS A N   1 
ATOM   537  C CA  . CYS A 1 96  ? 3.795   -3.742  -2.649  1.00 62.26 ? 96  CYS A CA  1 
ATOM   538  C C   . CYS A 1 96  ? 4.369   -2.686  -1.691  1.00 61.44 ? 96  CYS A C   1 
ATOM   539  O O   . CYS A 1 96  ? 3.952   -2.593  -0.547  1.00 61.08 ? 96  CYS A O   1 
ATOM   540  C CB  . CYS A 1 96  ? 2.529   -3.343  -3.440  1.00 62.12 ? 96  CYS A CB  1 
ATOM   541  S SG  . CYS A 1 96  ? 1.841   -1.775  -3.051  1.00 65.82 ? 96  CYS A SG  1 
ATOM   542  N N   . CYS A 1 97  ? 5.380   -1.953  -2.145  1.00 61.59 ? 97  CYS A N   1 
ATOM   543  C CA  . CYS A 1 97  ? 6.029   -0.901  -1.360  1.00 61.91 ? 97  CYS A CA  1 
ATOM   544  C C   . CYS A 1 97  ? 5.233   0.418   -1.503  1.00 62.45 ? 97  CYS A C   1 
ATOM   545  O O   . CYS A 1 97  ? 5.074   0.942   -2.609  1.00 62.36 ? 97  CYS A O   1 
ATOM   546  C CB  . CYS A 1 97  ? 7.472   -0.746  -1.842  1.00 61.88 ? 97  CYS A CB  1 
ATOM   547  S SG  . CYS A 1 97  ? 8.484   0.497   -1.014  1.00 62.00 ? 97  CYS A SG  1 
ATOM   548  N N   . ALA A 1 98  ? 4.728   0.929   -0.384  1.00 62.76 ? 98  ALA A N   1 
ATOM   549  C CA  . ALA A 1 98  ? 3.717   1.978   -0.380  1.00 63.16 ? 98  ALA A CA  1 
ATOM   550  C C   . ALA A 1 98  ? 3.850   2.866   0.847   1.00 63.82 ? 98  ALA A C   1 
ATOM   551  O O   . ALA A 1 98  ? 4.424   2.457   1.843   1.00 64.20 ? 98  ALA A O   1 
ATOM   552  C CB  . ALA A 1 98  ? 2.349   1.361   -0.391  1.00 63.17 ? 98  ALA A CB  1 
ATOM   553  N N   . PRO A 1 99  ? 3.294   4.085   0.786   1.00 64.50 ? 99  PRO A N   1 
ATOM   554  C CA  . PRO A 1 99  ? 3.364   5.023   1.898   1.00 64.84 ? 99  PRO A CA  1 
ATOM   555  C C   . PRO A 1 99  ? 2.839   4.463   3.226   1.00 65.39 ? 99  PRO A C   1 
ATOM   556  O O   . PRO A 1 99  ? 1.776   3.845   3.270   1.00 65.46 ? 99  PRO A O   1 
ATOM   557  C CB  . PRO A 1 99  ? 2.456   6.161   1.433   1.00 64.56 ? 99  PRO A CB  1 
ATOM   558  C CG  . PRO A 1 99  ? 2.501   6.093   -0.032  1.00 64.48 ? 99  PRO A CG  1 
ATOM   559  C CD  . PRO A 1 99  ? 2.552   4.655   -0.357  1.00 64.46 ? 99  PRO A CD  1 
ATOM   560  N N   . THR A 1 100 ? 3.592   4.680   4.293   1.00 65.91 ? 100 THR A N   1 
ATOM   561  C CA  . THR A 1 100 ? 3.091   4.424   5.628   1.00 67.35 ? 100 THR A CA  1 
ATOM   562  C C   . THR A 1 100 ? 2.732   5.731   6.330   1.00 68.30 ? 100 THR A C   1 
ATOM   563  O O   . THR A 1 100 ? 1.875   5.749   7.222   1.00 68.93 ? 100 THR A O   1 
ATOM   564  C CB  . THR A 1 100 ? 4.120   3.692   6.489   1.00 67.33 ? 100 THR A CB  1 
ATOM   565  O OG1 . THR A 1 100 ? 5.350   4.428   6.485   1.00 66.83 ? 100 THR A OG1 1 
ATOM   566  C CG2 . THR A 1 100 ? 4.355   2.311   5.942   1.00 67.37 ? 100 THR A CG2 1 
ATOM   567  N N   . LYS A 1 101 ? 3.424   6.809   5.956   1.00 68.65 ? 101 LYS A N   1 
ATOM   568  C CA  . LYS A 1 101 ? 3.107   8.140   6.448   1.00 69.10 ? 101 LYS A CA  1 
ATOM   569  C C   . LYS A 1 101 ? 3.067   9.129   5.300   1.00 68.86 ? 101 LYS A C   1 
ATOM   570  O O   . LYS A 1 101 ? 3.976   9.183   4.453   1.00 68.89 ? 101 LYS A O   1 
ATOM   571  C CB  . LYS A 1 101 ? 4.093   8.604   7.523   1.00 69.33 ? 101 LYS A CB  1 
ATOM   572  C CG  . LYS A 1 101 ? 3.823   8.011   8.895   1.00 71.04 ? 101 LYS A CG  1 
ATOM   573  C CD  . LYS A 1 101 ? 4.308   8.956   10.009  1.00 74.24 ? 101 LYS A CD  1 
ATOM   574  C CE  . LYS A 1 101 ? 4.579   8.157   11.315  1.00 74.53 ? 101 LYS A CE  1 
ATOM   575  N NZ  . LYS A 1 101 ? 4.791   9.122   12.436  1.00 74.21 ? 101 LYS A NZ  1 
ATOM   576  N N   . LEU A 1 102 ? 1.987   9.894   5.268   1.00 68.33 ? 102 LEU A N   1 
ATOM   577  C CA  . LEU A 1 102 ? 1.856   10.975  4.307   1.00 67.60 ? 102 LEU A CA  1 
ATOM   578  C C   . LEU A 1 102 ? 1.597   12.269  5.038   1.00 67.23 ? 102 LEU A C   1 
ATOM   579  O O   . LEU A 1 102 ? 1.123   12.268  6.181   1.00 67.24 ? 102 LEU A O   1 
ATOM   580  C CB  . LEU A 1 102 ? 0.748   10.700  3.298   1.00 67.49 ? 102 LEU A CB  1 
ATOM   581  C CG  . LEU A 1 102 ? 0.857   9.350   2.598   1.00 66.82 ? 102 LEU A CG  1 
ATOM   582  C CD1 . LEU A 1 102 ? -0.019  8.354   3.334   1.00 67.54 ? 102 LEU A CD1 1 
ATOM   583  C CD2 . LEU A 1 102 ? 0.442   9.445   1.162   1.00 64.45 ? 102 LEU A CD2 1 
ATOM   584  N N   . ASN A 1 103 ? 1.956   13.365  4.381   1.00 66.67 ? 103 ASN A N   1 
ATOM   585  C CA  . ASN A 1 103 ? 1.658   14.692  4.864   1.00 65.81 ? 103 ASN A CA  1 
ATOM   586  C C   . ASN A 1 103 ? 0.647   15.352  3.950   1.00 65.12 ? 103 ASN A C   1 
ATOM   587  O O   . ASN A 1 103 ? 0.478   14.969  2.794   1.00 64.28 ? 103 ASN A O   1 
ATOM   588  C CB  . ASN A 1 103 ? 2.921   15.551  4.909   1.00 65.97 ? 103 ASN A CB  1 
ATOM   589  C CG  . ASN A 1 103 ? 3.701   15.390  6.181   1.00 66.67 ? 103 ASN A CG  1 
ATOM   590  O OD1 . ASN A 1 103 ? 4.751   16.009  6.350   1.00 67.50 ? 103 ASN A OD1 1 
ATOM   591  N ND2 . ASN A 1 103 ? 3.201   14.566  7.092   1.00 67.92 ? 103 ASN A ND2 1 
ATOM   592  N N   . ALA A 1 104 ? -0.014  16.360  4.499   1.00 64.82 ? 104 ALA A N   1 
ATOM   593  C CA  . ALA A 1 104 ? -0.877  17.235  3.748   1.00 64.02 ? 104 ALA A CA  1 
ATOM   594  C C   . ALA A 1 104 ? -0.032  18.366  3.150   1.00 63.80 ? 104 ALA A C   1 
ATOM   595  O O   . ALA A 1 104 ? 1.058   18.668  3.659   1.00 63.44 ? 104 ALA A O   1 
ATOM   596  C CB  . ALA A 1 104 ? -1.951  17.786  4.667   1.00 63.72 ? 104 ALA A CB  1 
ATOM   597  N N   . ILE A 1 105 ? -0.502  18.948  2.044   1.00 63.17 ? 105 ILE A N   1 
ATOM   598  C CA  . ILE A 1 105 ? -0.060  20.289  1.641   1.00 62.72 ? 105 ILE A CA  1 
ATOM   599  C C   . ILE A 1 105 ? -1.281  21.178  1.421   1.00 62.00 ? 105 ILE A C   1 
ATOM   600  O O   . ILE A 1 105 ? -2.366  20.681  1.087   1.00 61.74 ? 105 ILE A O   1 
ATOM   601  C CB  . ILE A 1 105 ? 0.803   20.310  0.343   1.00 63.21 ? 105 ILE A CB  1 
ATOM   602  C CG1 . ILE A 1 105 ? -0.043  19.944  -0.880  1.00 63.27 ? 105 ILE A CG1 1 
ATOM   603  C CG2 . ILE A 1 105 ? 2.046   19.422  0.475   1.00 63.35 ? 105 ILE A CG2 1 
ATOM   604  C CD1 . ILE A 1 105 ? 0.643   20.233  -2.190  1.00 65.12 ? 105 ILE A CD1 1 
ATOM   605  N N   . SER A 1 106 ? -1.096  22.485  1.607   1.00 60.95 ? 106 SER A N   1 
ATOM   606  C CA  . SER A 1 106 ? -2.129  23.465  1.307   1.00 59.84 ? 106 SER A CA  1 
ATOM   607  C C   . SER A 1 106 ? -1.850  24.080  -0.041  1.00 59.00 ? 106 SER A C   1 
ATOM   608  O O   . SER A 1 106 ? -0.713  24.417  -0.357  1.00 58.47 ? 106 SER A O   1 
ATOM   609  C CB  . SER A 1 106 ? -2.158  24.558  2.369   1.00 60.20 ? 106 SER A CB  1 
ATOM   610  O OG  . SER A 1 106 ? -2.466  24.007  3.634   1.00 61.82 ? 106 SER A OG  1 
ATOM   611  N N   . VAL A 1 107 ? -2.892  24.207  -0.850  1.00 58.40 ? 107 VAL A N   1 
ATOM   612  C CA  . VAL A 1 107 ? -2.767  24.892  -2.121  1.00 57.98 ? 107 VAL A CA  1 
ATOM   613  C C   . VAL A 1 107 ? -3.760  26.050  -2.240  1.00 58.02 ? 107 VAL A C   1 
ATOM   614  O O   . VAL A 1 107 ? -4.964  25.907  -1.969  1.00 57.79 ? 107 VAL A O   1 
ATOM   615  C CB  . VAL A 1 107 ? -2.878  23.929  -3.319  1.00 57.78 ? 107 VAL A CB  1 
ATOM   616  C CG1 . VAL A 1 107 ? -2.847  24.691  -4.617  1.00 57.10 ? 107 VAL A CG1 1 
ATOM   617  C CG2 . VAL A 1 107 ? -1.725  22.963  -3.290  1.00 58.37 ? 107 VAL A CG2 1 
ATOM   618  N N   . LEU A 1 108 ? -3.213  27.195  -2.636  1.00 57.78 ? 108 LEU A N   1 
ATOM   619  C CA  . LEU A 1 108 ? -3.977  28.385  -2.954  1.00 57.91 ? 108 LEU A CA  1 
ATOM   620  C C   . LEU A 1 108 ? -4.080  28.510  -4.466  1.00 57.88 ? 108 LEU A C   1 
ATOM   621  O O   . LEU A 1 108 ? -3.054  28.551  -5.160  1.00 58.15 ? 108 LEU A O   1 
ATOM   622  C CB  . LEU A 1 108 ? -3.255  29.609  -2.388  1.00 57.99 ? 108 LEU A CB  1 
ATOM   623  C CG  . LEU A 1 108 ? -3.988  30.938  -2.409  1.00 57.39 ? 108 LEU A CG  1 
ATOM   624  C CD1 . LEU A 1 108 ? -5.146  30.875  -1.431  1.00 57.59 ? 108 LEU A CD1 1 
ATOM   625  C CD2 . LEU A 1 108 ? -3.033  32.058  -2.050  1.00 57.48 ? 108 LEU A CD2 1 
ATOM   626  N N   . TYR A 1 109 ? -5.304  28.578  -4.979  1.00 57.54 ? 109 TYR A N   1 
ATOM   627  C CA  . TYR A 1 109 ? -5.507  28.607  -6.423  1.00 57.44 ? 109 TYR A CA  1 
ATOM   628  C C   . TYR A 1 109 ? -6.743  29.402  -6.810  1.00 58.08 ? 109 TYR A C   1 
ATOM   629  O O   . TYR A 1 109 ? -7.590  29.695  -5.965  1.00 57.90 ? 109 TYR A O   1 
ATOM   630  C CB  . TYR A 1 109 ? -5.599  27.172  -6.995  1.00 56.95 ? 109 TYR A CB  1 
ATOM   631  C CG  . TYR A 1 109 ? -6.821  26.419  -6.537  1.00 55.78 ? 109 TYR A CG  1 
ATOM   632  C CD1 . TYR A 1 109 ? -6.826  25.747  -5.315  1.00 55.00 ? 109 TYR A CD1 1 
ATOM   633  C CD2 . TYR A 1 109 ? -7.986  26.391  -7.317  1.00 54.04 ? 109 TYR A CD2 1 
ATOM   634  C CE1 . TYR A 1 109 ? -7.956  25.060  -4.883  1.00 55.11 ? 109 TYR A CE1 1 
ATOM   635  C CE2 . TYR A 1 109 ? -9.118  25.706  -6.892  1.00 52.85 ? 109 TYR A CE2 1 
ATOM   636  C CZ  . TYR A 1 109 ? -9.097  25.055  -5.672  1.00 55.08 ? 109 TYR A CZ  1 
ATOM   637  O OH  . TYR A 1 109 ? -10.210 24.380  -5.230  1.00 56.39 ? 109 TYR A OH  1 
ATOM   638  N N   . PHE A 1 110 ? -6.830  29.733  -8.103  1.00 58.94 ? 110 PHE A N   1 
ATOM   639  C CA  . PHE A 1 110 ? -8.014  30.332  -8.709  1.00 59.64 ? 110 PHE A CA  1 
ATOM   640  C C   . PHE A 1 110 ? -8.968  29.291  -9.261  1.00 60.59 ? 110 PHE A C   1 
ATOM   641  O O   . PHE A 1 110 ? -8.569  28.434  -10.042 1.00 61.75 ? 110 PHE A O   1 
ATOM   642  C CB  . PHE A 1 110 ? -7.617  31.262  -9.863  1.00 59.35 ? 110 PHE A CB  1 
ATOM   643  C CG  . PHE A 1 110 ? -7.028  32.563  -9.418  1.00 58.73 ? 110 PHE A CG  1 
ATOM   644  C CD1 . PHE A 1 110 ? -5.702  32.865  -9.694  1.00 58.32 ? 110 PHE A CD1 1 
ATOM   645  C CD2 . PHE A 1 110 ? -7.795  33.482  -8.713  1.00 57.08 ? 110 PHE A CD2 1 
ATOM   646  C CE1 . PHE A 1 110 ? -5.149  34.065  -9.279  1.00 57.39 ? 110 PHE A CE1 1 
ATOM   647  C CE2 . PHE A 1 110 ? -7.245  34.670  -8.284  1.00 57.47 ? 110 PHE A CE2 1 
ATOM   648  C CZ  . PHE A 1 110 ? -5.918  34.964  -8.568  1.00 57.65 ? 110 PHE A CZ  1 
ATOM   649  N N   . ASP A 1 111 ? -10.217 29.358  -8.825  1.00 61.62 ? 111 ASP A N   1 
ATOM   650  C CA  . ASP A 1 111 ? -11.373 28.871  -9.584  1.00 62.66 ? 111 ASP A CA  1 
ATOM   651  C C   . ASP A 1 111 ? -11.293 29.228  -11.075 1.00 63.49 ? 111 ASP A C   1 
ATOM   652  O O   . ASP A 1 111 ? -10.504 30.079  -11.507 1.00 63.48 ? 111 ASP A O   1 
ATOM   653  C CB  . ASP A 1 111 ? -12.638 29.602  -9.077  1.00 62.66 ? 111 ASP A CB  1 
ATOM   654  C CG  . ASP A 1 111 ? -13.414 28.806  -8.064  1.00 62.67 ? 111 ASP A CG  1 
ATOM   655  O OD1 . ASP A 1 111 ? -12.988 27.688  -7.693  1.00 63.45 ? 111 ASP A OD1 1 
ATOM   656  O OD2 . ASP A 1 111 ? -14.467 29.304  -7.647  1.00 61.24 ? 111 ASP A OD2 1 
ATOM   657  N N   . ASP A 1 112 ? -12.176 28.610  -11.851 1.00 64.48 ? 112 ASP A N   1 
ATOM   658  C CA  . ASP A 1 112 ? -12.463 29.091  -13.193 1.00 65.08 ? 112 ASP A CA  1 
ATOM   659  C C   . ASP A 1 112 ? -13.305 30.347  -13.119 1.00 64.98 ? 112 ASP A C   1 
ATOM   660  O O   . ASP A 1 112 ? -13.422 31.084  -14.109 1.00 65.81 ? 112 ASP A O   1 
ATOM   661  C CB  . ASP A 1 112 ? -13.148 27.998  -14.008 1.00 65.56 ? 112 ASP A CB  1 
ATOM   662  C CG  . ASP A 1 112 ? -12.193 26.872  -14.357 1.00 67.31 ? 112 ASP A CG  1 
ATOM   663  O OD1 . ASP A 1 112 ? -11.139 27.175  -14.971 1.00 69.51 ? 112 ASP A OD1 1 
ATOM   664  O OD2 . ASP A 1 112 ? -12.474 25.702  -14.003 1.00 68.14 ? 112 ASP A OD2 1 
ATOM   665  N N   . ASN A 1 113 ? -13.881 30.605  -11.944 1.00 64.55 ? 113 ASN A N   1 
ATOM   666  C CA  . ASN A 1 113 ? -14.640 31.855  -11.722 1.00 63.94 ? 113 ASN A CA  1 
ATOM   667  C C   . ASN A 1 113 ? -13.771 32.959  -11.122 1.00 62.97 ? 113 ASN A C   1 
ATOM   668  O O   . ASN A 1 113 ? -14.266 34.039  -10.834 1.00 62.90 ? 113 ASN A O   1 
ATOM   669  C CB  . ASN A 1 113 ? -15.887 31.615  -10.852 1.00 64.02 ? 113 ASN A CB  1 
ATOM   670  C CG  . ASN A 1 113 ? -16.689 30.388  -11.295 1.00 64.77 ? 113 ASN A CG  1 
ATOM   671  O OD1 . ASN A 1 113 ? -17.737 30.523  -11.924 1.00 65.71 ? 113 ASN A OD1 1 
ATOM   672  N ND2 . ASN A 1 113 ? -16.191 29.190  -10.972 1.00 62.89 ? 113 ASN A ND2 1 
ATOM   673  N N   . SER A 1 114 ? -12.479 32.668  -10.938 1.00 62.00 ? 114 SER A N   1 
ATOM   674  C CA  . SER A 1 114 ? -11.511 33.587  -10.318 1.00 60.92 ? 114 SER A CA  1 
ATOM   675  C C   . SER A 1 114 ? -11.673 33.774  -8.807  1.00 59.82 ? 114 SER A C   1 
ATOM   676  O O   . SER A 1 114 ? -11.097 34.696  -8.242  1.00 59.74 ? 114 SER A O   1 
ATOM   677  C CB  . SER A 1 114 ? -11.509 34.954  -11.003 1.00 61.00 ? 114 SER A CB  1 
ATOM   678  O OG  . SER A 1 114 ? -11.197 34.827  -12.372 1.00 62.67 ? 114 SER A OG  1 
ATOM   679  N N   . ASN A 1 115 ? -12.455 32.914  -8.160  1.00 58.65 ? 115 ASN A N   1 
ATOM   680  C CA  . ASN A 1 115 ? -12.471 32.840  -6.707  1.00 57.58 ? 115 ASN A CA  1 
ATOM   681  C C   . ASN A 1 115 ? -11.102 32.381  -6.189  1.00 57.35 ? 115 ASN A C   1 
ATOM   682  O O   . ASN A 1 115 ? -10.506 31.439  -6.724  1.00 57.02 ? 115 ASN A O   1 
ATOM   683  C CB  . ASN A 1 115 ? -13.541 31.859  -6.215  1.00 57.65 ? 115 ASN A CB  1 
ATOM   684  C CG  . ASN A 1 115 ? -14.961 32.314  -6.517  1.00 56.43 ? 115 ASN A CG  1 
ATOM   685  O OD1 . ASN A 1 115 ? -15.260 33.504  -6.508  1.00 57.15 ? 115 ASN A OD1 1 
ATOM   686  N ND2 . ASN A 1 115 ? -15.849 31.354  -6.755  1.00 54.37 ? 115 ASN A ND2 1 
ATOM   687  N N   . VAL A 1 116 ? -10.605 33.050  -5.153  1.00 56.84 ? 116 VAL A N   1 
ATOM   688  C CA  . VAL A 1 116 ? -9.349  32.673  -4.537  1.00 56.26 ? 116 VAL A CA  1 
ATOM   689  C C   . VAL A 1 116 ? -9.692  31.694  -3.434  1.00 56.32 ? 116 VAL A C   1 
ATOM   690  O O   . VAL A 1 116 ? -10.366 32.067  -2.457  1.00 55.46 ? 116 VAL A O   1 
ATOM   691  C CB  . VAL A 1 116 ? -8.612  33.872  -3.930  1.00 56.52 ? 116 VAL A CB  1 
ATOM   692  C CG1 . VAL A 1 116 ? -7.166  33.493  -3.586  1.00 55.99 ? 116 VAL A CG1 1 
ATOM   693  C CG2 . VAL A 1 116 ? -8.688  35.115  -4.856  1.00 56.20 ? 116 VAL A CG2 1 
ATOM   694  N N   . ILE A 1 117 ? -9.224  30.450  -3.618  1.00 56.17 ? 117 ILE A N   1 
ATOM   695  C CA  . ILE A 1 117 ? -9.540  29.307  -2.768  1.00 56.33 ? 117 ILE A CA  1 
ATOM   696  C C   . ILE A 1 117 ? -8.280  28.723  -2.103  1.00 56.98 ? 117 ILE A C   1 
ATOM   697  O O   . ILE A 1 117 ? -7.255  28.478  -2.759  1.00 56.40 ? 117 ILE A O   1 
ATOM   698  C CB  . ILE A 1 117 ? -10.221 28.160  -3.594  1.00 56.65 ? 117 ILE A CB  1 
ATOM   699  C CG1 . ILE A 1 117 ? -11.475 28.649  -4.333  1.00 56.28 ? 117 ILE A CG1 1 
ATOM   700  C CG2 . ILE A 1 117 ? -10.503 26.909  -2.720  1.00 55.67 ? 117 ILE A CG2 1 
ATOM   701  C CD1 . ILE A 1 117 ? -12.768 28.640  -3.504  1.00 57.96 ? 117 ILE A CD1 1 
ATOM   702  N N   . LEU A 1 118 ? -8.373  28.497  -0.796  1.00 57.59 ? 118 LEU A N   1 
ATOM   703  C CA  . LEU A 1 118 ? -7.348  27.770  -0.078  1.00 58.39 ? 118 LEU A CA  1 
ATOM   704  C C   . LEU A 1 118 ? -7.895  26.412  0.352   1.00 59.00 ? 118 LEU A C   1 
ATOM   705  O O   . LEU A 1 118 ? -9.024  26.302  0.830   1.00 58.87 ? 118 LEU A O   1 
ATOM   706  C CB  . LEU A 1 118 ? -6.824  28.563  1.124   1.00 58.38 ? 118 LEU A CB  1 
ATOM   707  C CG  . LEU A 1 118 ? -5.768  27.816  1.962   1.00 59.02 ? 118 LEU A CG  1 
ATOM   708  C CD1 . LEU A 1 118 ? -4.361  27.911  1.344   1.00 58.46 ? 118 LEU A CD1 1 
ATOM   709  C CD2 . LEU A 1 118 ? -5.772  28.303  3.411   1.00 59.00 ? 118 LEU A CD2 1 
ATOM   710  N N   . LYS A 1 119 ? -7.076  25.381  0.174   1.00 59.84 ? 119 LYS A N   1 
ATOM   711  C CA  . LYS A 1 119 ? -7.510  24.014  0.376   1.00 60.71 ? 119 LYS A CA  1 
ATOM   712  C C   . LYS A 1 119 ? -6.334  23.125  0.787   1.00 60.41 ? 119 LYS A C   1 
ATOM   713  O O   . LYS A 1 119 ? -5.375  22.936  0.031   1.00 60.06 ? 119 LYS A O   1 
ATOM   714  C CB  . LYS A 1 119 ? -8.187  23.503  -0.896  1.00 61.04 ? 119 LYS A CB  1 
ATOM   715  C CG  . LYS A 1 119 ? -8.837  22.147  -0.774  1.00 64.41 ? 119 LYS A CG  1 
ATOM   716  C CD  . LYS A 1 119 ? -9.722  21.903  -1.976  1.00 69.74 ? 119 LYS A CD  1 
ATOM   717  C CE  . LYS A 1 119 ? -10.106 20.436  -2.101  1.00 73.04 ? 119 LYS A CE  1 
ATOM   718  N NZ  . LYS A 1 119 ? -11.135 20.278  -3.186  1.00 75.72 ? 119 LYS A NZ  1 
ATOM   719  N N   . LYS A 1 120 ? -6.406  22.613  2.011   1.00 60.58 ? 120 LYS A N   1 
ATOM   720  C CA  . LYS A 1 120 ? -5.448  21.623  2.488   1.00 61.08 ? 120 LYS A CA  1 
ATOM   721  C C   . LYS A 1 120 ? -5.774  20.278  1.825   1.00 60.66 ? 120 LYS A C   1 
ATOM   722  O O   . LYS A 1 120 ? -6.908  19.813  1.888   1.00 60.67 ? 120 LYS A O   1 
ATOM   723  C CB  . LYS A 1 120 ? -5.481  21.534  4.024   1.00 61.00 ? 120 LYS A CB  1 
ATOM   724  C CG  . LYS A 1 120 ? -4.664  20.391  4.626   1.00 61.68 ? 120 LYS A CG  1 
ATOM   725  C CD  . LYS A 1 120 ? -4.574  20.485  6.149   1.00 61.99 ? 120 LYS A CD  1 
ATOM   726  C CE  . LYS A 1 120 ? -3.278  21.160  6.610   1.00 63.85 ? 120 LYS A CE  1 
ATOM   727  N NZ  . LYS A 1 120 ? -2.925  22.373  5.795   1.00 63.21 ? 120 LYS A NZ  1 
ATOM   728  N N   . TYR A 1 121 ? -4.788  19.698  1.150   1.00 60.63 ? 121 TYR A N   1 
ATOM   729  C CA  . TYR A 1 121 ? -4.935  18.378  0.503   1.00 61.19 ? 121 TYR A CA  1 
ATOM   730  C C   . TYR A 1 121 ? -4.208  17.313  1.317   1.00 60.99 ? 121 TYR A C   1 
ATOM   731  O O   . TYR A 1 121 ? -2.991  17.405  1.525   1.00 60.64 ? 121 TYR A O   1 
ATOM   732  C CB  . TYR A 1 121 ? -4.374  18.395  -0.928  1.00 61.16 ? 121 TYR A CB  1 
ATOM   733  C CG  . TYR A 1 121 ? -5.273  19.074  -1.921  1.00 61.22 ? 121 TYR A CG  1 
ATOM   734  C CD1 . TYR A 1 121 ? -5.194  20.442  -2.144  1.00 62.83 ? 121 TYR A CD1 1 
ATOM   735  C CD2 . TYR A 1 121 ? -6.211  18.344  -2.634  1.00 61.56 ? 121 TYR A CD2 1 
ATOM   736  C CE1 . TYR A 1 121 ? -6.042  21.074  -3.072  1.00 63.80 ? 121 TYR A CE1 1 
ATOM   737  C CE2 . TYR A 1 121 ? -7.052  18.949  -3.560  1.00 62.76 ? 121 TYR A CE2 1 
ATOM   738  C CZ  . TYR A 1 121 ? -6.970  20.309  -3.780  1.00 63.11 ? 121 TYR A CZ  1 
ATOM   739  O OH  . TYR A 1 121 ? -7.831  20.888  -4.687  1.00 61.98 ? 121 TYR A OH  1 
ATOM   740  N N   . ARG A 1 122 ? -4.941  16.318  1.804   1.00 61.00 ? 122 ARG A N   1 
ATOM   741  C CA  . ARG A 1 122 ? -4.279  15.279  2.598   1.00 61.52 ? 122 ARG A CA  1 
ATOM   742  C C   . ARG A 1 122 ? -3.563  14.264  1.712   1.00 60.74 ? 122 ARG A C   1 
ATOM   743  O O   . ARG A 1 122 ? -3.771  14.226  0.503   1.00 60.33 ? 122 ARG A O   1 
ATOM   744  C CB  . ARG A 1 122 ? -5.252  14.628  3.588   1.00 61.92 ? 122 ARG A CB  1 
ATOM   745  C CG  . ARG A 1 122 ? -5.703  15.614  4.633   1.00 64.52 ? 122 ARG A CG  1 
ATOM   746  C CD  . ARG A 1 122 ? -6.897  15.167  5.475   1.00 69.94 ? 122 ARG A CD  1 
ATOM   747  N NE  . ARG A 1 122 ? -7.614  16.355  5.982   1.00 73.83 ? 122 ARG A NE  1 
ATOM   748  C CZ  . ARG A 1 122 ? -8.197  16.449  7.176   1.00 75.86 ? 122 ARG A CZ  1 
ATOM   749  N NH1 . ARG A 1 122 ? -8.148  15.432  8.038   1.00 77.78 ? 122 ARG A NH1 1 
ATOM   750  N NH2 . ARG A 1 122 ? -8.819  17.568  7.519   1.00 76.07 ? 122 ARG A NH2 1 
ATOM   751  N N   . ASN A 1 123 ? -2.684  13.472  2.312   1.00 60.63 ? 123 ASN A N   1 
ATOM   752  C CA  . ASN A 1 123 ? -2.037  12.356  1.600   1.00 60.47 ? 123 ASN A CA  1 
ATOM   753  C C   . ASN A 1 123 ? -1.316  12.829  0.330   1.00 60.67 ? 123 ASN A C   1 
ATOM   754  O O   . ASN A 1 123 ? -1.477  12.268  -0.774  1.00 60.78 ? 123 ASN A O   1 
ATOM   755  C CB  . ASN A 1 123 ? -3.064  11.253  1.304   1.00 60.04 ? 123 ASN A CB  1 
ATOM   756  C CG  . ASN A 1 123 ? -3.858  10.851  2.541   1.00 59.58 ? 123 ASN A CG  1 
ATOM   757  O OD1 . ASN A 1 123 ? -3.302  10.677  3.619   1.00 57.95 ? 123 ASN A OD1 1 
ATOM   758  N ND2 . ASN A 1 123 ? -5.161  10.702  2.386   1.00 59.65 ? 123 ASN A ND2 1 
ATOM   759  N N   . MET A 1 124 ? -0.521  13.876  0.516   1.00 60.40 ? 124 MET A N   1 
ATOM   760  C CA  . MET A 1 124 ? 0.178   14.523  -0.565  1.00 60.51 ? 124 MET A CA  1 
ATOM   761  C C   . MET A 1 124 ? 1.674   14.236  -0.561  1.00 60.65 ? 124 MET A C   1 
ATOM   762  O O   . MET A 1 124 ? 2.253   13.960  -1.606  1.00 61.38 ? 124 MET A O   1 
ATOM   763  C CB  . MET A 1 124 ? -0.082  16.026  -0.500  1.00 60.65 ? 124 MET A CB  1 
ATOM   764  C CG  . MET A 1 124 ? -1.469  16.426  -1.030  1.00 60.32 ? 124 MET A CG  1 
ATOM   765  S SD  . MET A 1 124 ? -1.688  16.015  -2.767  1.00 58.71 ? 124 MET A SD  1 
ATOM   766  C CE  . MET A 1 124 ? -1.161  17.563  -3.491  1.00 60.38 ? 124 MET A CE  1 
ATOM   767  N N   . VAL A 1 125 ? 2.289   14.293  0.616   1.00 60.53 ? 125 VAL A N   1 
ATOM   768  C CA  . VAL A 1 125 ? 3.728   14.119  0.766   1.00 60.04 ? 125 VAL A CA  1 
ATOM   769  C C   . VAL A 1 125 ? 4.005   12.764  1.402   1.00 60.22 ? 125 VAL A C   1 
ATOM   770  O O   . VAL A 1 125 ? 3.583   12.502  2.524   1.00 60.18 ? 125 VAL A O   1 
ATOM   771  C CB  . VAL A 1 125 ? 4.356   15.243  1.661   1.00 60.02 ? 125 VAL A CB  1 
ATOM   772  C CG1 . VAL A 1 125 ? 5.863   15.019  1.885   1.00 58.13 ? 125 VAL A CG1 1 
ATOM   773  C CG2 . VAL A 1 125 ? 4.098   16.631  1.065   1.00 59.35 ? 125 VAL A CG2 1 
ATOM   774  N N   . VAL A 1 126 ? 4.704   11.903  0.674   1.00 60.26 ? 126 VAL A N   1 
ATOM   775  C CA  . VAL A 1 126 ? 5.147   10.629  1.205   1.00 59.72 ? 126 VAL A CA  1 
ATOM   776  C C   . VAL A 1 126 ? 6.314   10.917  2.129   1.00 60.22 ? 126 VAL A C   1 
ATOM   777  O O   . VAL A 1 126 ? 7.304   11.534  1.727   1.00 60.05 ? 126 VAL A O   1 
ATOM   778  C CB  . VAL A 1 126 ? 5.569   9.675   0.079   1.00 59.66 ? 126 VAL A CB  1 
ATOM   779  C CG1 . VAL A 1 126 ? 6.428   8.522   0.612   1.00 59.67 ? 126 VAL A CG1 1 
ATOM   780  C CG2 . VAL A 1 126 ? 4.342   9.131   -0.617  1.00 59.25 ? 126 VAL A CG2 1 
ATOM   781  N N   . ARG A 1 127 ? 6.180   10.524  3.381   1.00 60.49 ? 127 ARG A N   1 
ATOM   782  C CA  . ARG A 1 127 ? 7.266   10.716  4.308   1.00 60.81 ? 127 ARG A CA  1 
ATOM   783  C C   . ARG A 1 127 ? 7.976   9.428   4.716   1.00 60.63 ? 127 ARG A C   1 
ATOM   784  O O   . ARG A 1 127 ? 9.148   9.447   5.035   1.00 59.93 ? 127 ARG A O   1 
ATOM   785  C CB  . ARG A 1 127 ? 6.841   11.567  5.495   1.00 61.24 ? 127 ARG A CB  1 
ATOM   786  C CG  . ARG A 1 127 ? 7.481   12.945  5.477   1.00 62.92 ? 127 ARG A CG  1 
ATOM   787  C CD  . ARG A 1 127 ? 6.620   13.975  6.160   1.00 65.57 ? 127 ARG A CD  1 
ATOM   788  N NE  . ARG A 1 127 ? 7.252   14.482  7.370   1.00 67.75 ? 127 ARG A NE  1 
ATOM   789  C CZ  . ARG A 1 127 ? 6.943   14.088  8.602   1.00 68.80 ? 127 ARG A CZ  1 
ATOM   790  N NH1 . ARG A 1 127 ? 6.002   13.177  8.804   1.00 68.49 ? 127 ARG A NH1 1 
ATOM   791  N NH2 . ARG A 1 127 ? 7.578   14.610  9.635   1.00 69.17 ? 127 ARG A NH2 1 
ATOM   792  N N   . ALA A 1 128 ? 7.261   8.313   4.648   1.00 60.42 ? 128 ALA A N   1 
ATOM   793  C CA  . ALA A 1 128 ? 7.812   6.985   4.952   1.00 60.45 ? 128 ALA A CA  1 
ATOM   794  C C   . ALA A 1 128 ? 7.152   5.898   4.113   1.00 60.34 ? 128 ALA A C   1 
ATOM   795  O O   . ALA A 1 128 ? 5.957   5.969   3.818   1.00 60.41 ? 128 ALA A O   1 
ATOM   796  C CB  . ALA A 1 128 ? 7.675   6.660   6.443   1.00 60.21 ? 128 ALA A CB  1 
ATOM   797  N N   . CYS A 1 129 ? 7.931   4.888   3.734   1.00 60.59 ? 129 CYS A N   1 
ATOM   798  C CA  . CYS A 1 129 ? 7.401   3.757   2.946   1.00 60.29 ? 129 CYS A CA  1 
ATOM   799  C C   . CYS A 1 129 ? 7.395   2.472   3.759   1.00 60.57 ? 129 CYS A C   1 
ATOM   800  O O   . CYS A 1 129 ? 8.321   2.214   4.517   1.00 60.59 ? 129 CYS A O   1 
ATOM   801  C CB  . CYS A 1 129 ? 8.212   3.578   1.662   1.00 60.14 ? 129 CYS A CB  1 
ATOM   802  S SG  . CYS A 1 129 ? 8.179   5.066   0.620   1.00 57.60 ? 129 CYS A SG  1 
ATOM   803  N N   . GLY A 1 130 ? 6.338   1.681   3.616   1.00 60.86 ? 130 GLY A N   1 
ATOM   804  C CA  . GLY A 1 130 ? 6.284   0.347   4.227   1.00 60.78 ? 130 GLY A CA  1 
ATOM   805  C C   . GLY A 1 130 ? 6.081   -0.759  3.212   1.00 60.50 ? 130 GLY A C   1 
ATOM   806  O O   . GLY A 1 130 ? 6.193   -0.522  2.024   1.00 60.50 ? 130 GLY A O   1 
ATOM   807  N N   . CYS A 1 131 ? 5.803   -1.976  3.693   1.00 60.66 ? 131 CYS A N   1 
ATOM   808  C CA  . CYS A 1 131 ? 5.478   -3.117  2.829   1.00 60.11 ? 131 CYS A CA  1 
ATOM   809  C C   . CYS A 1 131 ? 4.092   -3.591  3.192   1.00 60.40 ? 131 CYS A C   1 
ATOM   810  O O   . CYS A 1 131 ? 3.779   -3.885  4.357   1.00 59.99 ? 131 CYS A O   1 
ATOM   811  C CB  . CYS A 1 131 ? 6.507   -4.249  2.942   1.00 60.00 ? 131 CYS A CB  1 
ATOM   812  S SG  . CYS A 1 131 ? 8.056   -3.906  2.077   1.00 58.91 ? 131 CYS A SG  1 
ATOM   813  N N   . HIS A 1 132 ? 3.253   -3.661  2.173   1.00 60.68 ? 132 HIS A N   1 
ATOM   814  C CA  . HIS A 1 132 ? 1.830   -3.771  2.399   1.00 61.14 ? 132 HIS A CA  1 
ATOM   815  C C   . HIS A 1 132 ? 1.263   -4.872  1.538   1.00 60.64 ? 132 HIS A C   1 
ATOM   816  O O   . HIS A 1 132 ? 1.713   -4.992  0.388   1.00 60.37 ? 132 HIS A O   1 
ATOM   817  C CB  . HIS A 1 132 ? 1.146   -2.453  2.020   1.00 61.67 ? 132 HIS A CB  1 
ATOM   818  C CG  . HIS A 1 132 ? 1.490   -1.298  2.908   1.00 63.65 ? 132 HIS A CG  1 
ATOM   819  N ND1 . HIS A 1 132 ? 0.806   -1.030  4.074   1.00 66.10 ? 132 HIS A ND1 1 
ATOM   820  C CD2 . HIS A 1 132 ? 2.411   -0.311  2.773   1.00 66.38 ? 132 HIS A CD2 1 
ATOM   821  C CE1 . HIS A 1 132 ? 1.303   0.064   4.631   1.00 67.85 ? 132 HIS A CE1 1 
ATOM   822  N NE2 . HIS A 1 132 ? 2.269   0.528   3.856   1.00 66.51 ? 132 HIS A NE2 1 
ATOM   823  O OXT . HIS A 1 132 ? 0.357   -5.608  1.969   1.00 59.64 ? 132 HIS A OXT 1 
ATOM   824  N N   . THR B 1 29  ? -7.478  -6.743  -15.034 1.00 67.87 ? 29  THR B N   1 
ATOM   825  C CA  . THR B 1 29  ? -6.163  -6.610  -14.322 1.00 67.49 ? 29  THR B CA  1 
ATOM   826  C C   . THR B 1 29  ? -5.970  -5.275  -13.602 1.00 67.12 ? 29  THR B C   1 
ATOM   827  O O   . THR B 1 29  ? -4.836  -4.827  -13.408 1.00 66.77 ? 29  THR B O   1 
ATOM   828  C CB  . THR B 1 29  ? -4.940  -6.844  -15.265 1.00 68.05 ? 29  THR B CB  1 
ATOM   829  O OG1 . THR B 1 29  ? -3.731  -6.502  -14.560 1.00 68.06 ? 29  THR B OG1 1 
ATOM   830  C CG2 . THR B 1 29  ? -5.044  -6.004  -16.565 1.00 66.66 ? 29  THR B CG2 1 
ATOM   831  N N   . ALA B 1 30  ? -7.068  -4.633  -13.216 1.00 66.74 ? 30  ALA B N   1 
ATOM   832  C CA  . ALA B 1 30  ? -6.973  -3.438  -12.387 1.00 66.49 ? 30  ALA B CA  1 
ATOM   833  C C   . ALA B 1 30  ? -6.746  -3.864  -10.935 1.00 66.21 ? 30  ALA B C   1 
ATOM   834  O O   . ALA B 1 30  ? -6.987  -5.022  -10.581 1.00 66.41 ? 30  ALA B O   1 
ATOM   835  C CB  . ALA B 1 30  ? -8.227  -2.563  -12.529 1.00 66.44 ? 30  ALA B CB  1 
ATOM   836  N N   . CYS B 1 31  ? -6.259  -2.932  -10.118 1.00 65.67 ? 31  CYS B N   1 
ATOM   837  C CA  . CYS B 1 31  ? -5.995  -3.166  -8.703  1.00 65.46 ? 31  CYS B CA  1 
ATOM   838  C C   . CYS B 1 31  ? -7.229  -3.708  -8.009  1.00 65.62 ? 31  CYS B C   1 
ATOM   839  O O   . CYS B 1 31  ? -8.259  -3.035  -7.944  1.00 65.77 ? 31  CYS B O   1 
ATOM   840  C CB  . CYS B 1 31  ? -5.577  -1.874  -8.015  1.00 65.15 ? 31  CYS B CB  1 
ATOM   841  S SG  . CYS B 1 31  ? -5.441  -2.074  -6.238  1.00 64.76 ? 31  CYS B SG  1 
ATOM   842  N N   . ARG B 1 32  ? -7.138  -4.951  -7.553  1.00 65.68 ? 32  ARG B N   1 
ATOM   843  C CA  . ARG B 1 32  ? -8.259  -5.627  -6.915  1.00 65.62 ? 32  ARG B CA  1 
ATOM   844  C C   . ARG B 1 32  ? -7.869  -6.745  -5.959  1.00 65.25 ? 32  ARG B C   1 
ATOM   845  O O   . ARG B 1 32  ? -6.756  -7.213  -5.985  1.00 65.39 ? 32  ARG B O   1 
ATOM   846  C CB  . ARG B 1 32  ? -9.222  -6.154  -7.953  1.00 65.48 ? 32  ARG B CB  1 
ATOM   847  C CG  . ARG B 1 32  ? -8.591  -7.049  -8.948  1.00 66.22 ? 32  ARG B CG  1 
ATOM   848  C CD  . ARG B 1 32  ? -9.582  -8.039  -9.468  1.00 69.13 ? 32  ARG B CD  1 
ATOM   849  N NE  . ARG B 1 32  ? -9.103  -8.703  -10.671 1.00 71.29 ? 32  ARG B NE  1 
ATOM   850  C CZ  . ARG B 1 32  ? -9.111  -10.014 -10.851 1.00 70.54 ? 32  ARG B CZ  1 
ATOM   851  N NH1 . ARG B 1 32  ? -9.567  -10.798 -9.901  1.00 69.92 ? 32  ARG B NH1 1 
ATOM   852  N NH2 . ARG B 1 32  ? -8.663  -10.531 -11.981 1.00 70.22 ? 32  ARG B NH2 1 
ATOM   853  N N   . LYS B 1 33  ? -8.810  -7.154  -5.118  1.00 64.65 ? 33  LYS B N   1 
ATOM   854  C CA  . LYS B 1 33  ? -8.669  -8.305  -4.231  1.00 63.79 ? 33  LYS B CA  1 
ATOM   855  C C   . LYS B 1 33  ? -8.683  -9.585  -5.043  1.00 62.94 ? 33  LYS B C   1 
ATOM   856  O O   . LYS B 1 33  ? -9.593  -9.810  -5.814  1.00 62.97 ? 33  LYS B O   1 
ATOM   857  C CB  . LYS B 1 33  ? -9.840  -8.316  -3.255  1.00 63.94 ? 33  LYS B CB  1 
ATOM   858  C CG  . LYS B 1 33  ? -9.730  -9.265  -2.083  1.00 64.59 ? 33  LYS B CG  1 
ATOM   859  C CD  . LYS B 1 33  ? -11.039 -9.292  -1.300  1.00 66.01 ? 33  LYS B CD  1 
ATOM   860  C CE  . LYS B 1 33  ? -12.030 -10.265 -1.911  1.00 67.79 ? 33  LYS B CE  1 
ATOM   861  N NZ  . LYS B 1 33  ? -13.441 -9.782  -1.768  1.00 69.22 ? 33  LYS B NZ  1 
ATOM   862  N N   . HIS B 1 34  ? -7.651  -10.401 -4.877  1.00 62.50 ? 34  HIS B N   1 
ATOM   863  C CA  . HIS B 1 34  ? -7.600  -11.751 -5.429  1.00 61.79 ? 34  HIS B CA  1 
ATOM   864  C C   . HIS B 1 34  ? -7.692  -12.719 -4.278  1.00 61.55 ? 34  HIS B C   1 
ATOM   865  O O   . HIS B 1 34  ? -7.162  -12.443 -3.213  1.00 61.46 ? 34  HIS B O   1 
ATOM   866  C CB  . HIS B 1 34  ? -6.274  -11.984 -6.137  1.00 61.64 ? 34  HIS B CB  1 
ATOM   867  C CG  . HIS B 1 34  ? -6.143  -11.252 -7.430  1.00 61.84 ? 34  HIS B CG  1 
ATOM   868  N ND1 . HIS B 1 34  ? -6.032  -9.878  -7.500  1.00 61.79 ? 34  HIS B ND1 1 
ATOM   869  C CD2 . HIS B 1 34  ? -6.102  -11.703 -8.707  1.00 61.30 ? 34  HIS B CD2 1 
ATOM   870  C CE1 . HIS B 1 34  ? -5.936  -9.514  -8.766  1.00 61.38 ? 34  HIS B CE1 1 
ATOM   871  N NE2 . HIS B 1 34  ? -5.976  -10.603 -9.516  1.00 61.42 ? 34  HIS B NE2 1 
ATOM   872  N N   . GLU B 1 35  ? -8.344  -13.857 -4.495  1.00 61.71 ? 35  GLU B N   1 
ATOM   873  C CA  . GLU B 1 35  ? -8.508  -14.875 -3.450  1.00 61.87 ? 35  GLU B CA  1 
ATOM   874  C C   . GLU B 1 35  ? -7.229  -15.664 -3.209  1.00 61.13 ? 35  GLU B C   1 
ATOM   875  O O   . GLU B 1 35  ? -6.499  -15.980 -4.140  1.00 61.34 ? 35  GLU B O   1 
ATOM   876  C CB  . GLU B 1 35  ? -9.643  -15.837 -3.803  1.00 61.66 ? 35  GLU B CB  1 
ATOM   877  C CG  . GLU B 1 35  ? -11.044 -15.235 -3.700  1.00 62.89 ? 35  GLU B CG  1 
ATOM   878  C CD  . GLU B 1 35  ? -12.129 -16.205 -4.181  1.00 63.62 ? 35  GLU B CD  1 
ATOM   879  O OE1 . GLU B 1 35  ? -12.409 -16.262 -5.411  1.00 64.63 ? 35  GLU B OE1 1 
ATOM   880  O OE2 . GLU B 1 35  ? -12.703 -16.914 -3.322  1.00 65.68 ? 35  GLU B OE2 1 
ATOM   881  N N   . LEU B 1 36  ? -6.964  -15.987 -1.954  1.00 60.52 ? 36  LEU B N   1 
ATOM   882  C CA  . LEU B 1 36  ? -5.799  -16.787 -1.611  1.00 60.03 ? 36  LEU B CA  1 
ATOM   883  C C   . LEU B 1 36  ? -6.033  -17.448 -0.271  1.00 59.35 ? 36  LEU B C   1 
ATOM   884  O O   . LEU B 1 36  ? -6.133  -16.771 0.754   1.00 59.23 ? 36  LEU B O   1 
ATOM   885  C CB  . LEU B 1 36  ? -4.552  -15.911 -1.523  1.00 60.21 ? 36  LEU B CB  1 
ATOM   886  C CG  . LEU B 1 36  ? -3.124  -16.441 -1.665  1.00 60.61 ? 36  LEU B CG  1 
ATOM   887  C CD1 . LEU B 1 36  ? -2.324  -15.919 -0.500  1.00 60.81 ? 36  LEU B CD1 1 
ATOM   888  C CD2 . LEU B 1 36  ? -2.995  -17.944 -1.743  1.00 61.24 ? 36  LEU B CD2 1 
ATOM   889  N N   . TYR B 1 37  ? -6.137  -18.769 -0.295  1.00 58.74 ? 37  TYR B N   1 
ATOM   890  C CA  . TYR B 1 37  ? -6.251  -19.560 0.918   1.00 58.56 ? 37  TYR B CA  1 
ATOM   891  C C   . TYR B 1 37  ? -4.857  -19.952 1.370   1.00 58.29 ? 37  TYR B C   1 
ATOM   892  O O   . TYR B 1 37  ? -4.059  -20.436 0.563   1.00 58.42 ? 37  TYR B O   1 
ATOM   893  C CB  . TYR B 1 37  ? -7.072  -20.821 0.663   1.00 58.31 ? 37  TYR B CB  1 
ATOM   894  C CG  . TYR B 1 37  ? -7.343  -21.611 1.918   1.00 58.64 ? 37  TYR B CG  1 
ATOM   895  C CD1 . TYR B 1 37  ? -8.402  -21.267 2.762   1.00 58.26 ? 37  TYR B CD1 1 
ATOM   896  C CD2 . TYR B 1 37  ? -6.540  -22.703 2.268   1.00 57.78 ? 37  TYR B CD2 1 
ATOM   897  C CE1 . TYR B 1 37  ? -8.658  -21.988 3.919   1.00 57.30 ? 37  TYR B CE1 1 
ATOM   898  C CE2 . TYR B 1 37  ? -6.788  -23.421 3.427   1.00 57.05 ? 37  TYR B CE2 1 
ATOM   899  C CZ  . TYR B 1 37  ? -7.849  -23.060 4.245   1.00 57.10 ? 37  TYR B CZ  1 
ATOM   900  O OH  . TYR B 1 37  ? -8.109  -23.776 5.387   1.00 58.02 ? 37  TYR B OH  1 
ATOM   901  N N   . VAL B 1 38  ? -4.568  -19.730 2.649   1.00 57.82 ? 38  VAL B N   1 
ATOM   902  C CA  . VAL B 1 38  ? -3.270  -20.081 3.214   1.00 57.85 ? 38  VAL B CA  1 
ATOM   903  C C   . VAL B 1 38  ? -3.428  -21.130 4.315   1.00 57.56 ? 38  VAL B C   1 
ATOM   904  O O   . VAL B 1 38  ? -4.169  -20.939 5.281   1.00 57.39 ? 38  VAL B O   1 
ATOM   905  C CB  . VAL B 1 38  ? -2.494  -18.851 3.752   1.00 57.85 ? 38  VAL B CB  1 
ATOM   906  C CG1 . VAL B 1 38  ? -1.144  -19.271 4.352   1.00 57.87 ? 38  VAL B CG1 1 
ATOM   907  C CG2 . VAL B 1 38  ? -2.240  -17.866 2.638   1.00 58.76 ? 38  VAL B CG2 1 
ATOM   908  N N   . SER B 1 39  ? -2.700  -22.224 4.150   1.00 56.94 ? 39  SER B N   1 
ATOM   909  C CA  . SER B 1 39  ? -2.750  -23.345 5.054   1.00 56.94 ? 39  SER B CA  1 
ATOM   910  C C   . SER B 1 39  ? -1.610  -23.286 6.073   1.00 57.33 ? 39  SER B C   1 
ATOM   911  O O   . SER B 1 39  ? -0.444  -23.346 5.689   1.00 57.54 ? 39  SER B O   1 
ATOM   912  C CB  . SER B 1 39  ? -2.675  -24.636 4.242   1.00 56.06 ? 39  SER B CB  1 
ATOM   913  O OG  . SER B 1 39  ? -2.113  -25.659 5.017   1.00 55.55 ? 39  SER B OG  1 
ATOM   914  N N   . PHE B 1 40  ? -1.950  -23.193 7.361   1.00 57.78 ? 40  PHE B N   1 
ATOM   915  C CA  . PHE B 1 40  ? -0.957  -23.193 8.449   1.00 58.62 ? 40  PHE B CA  1 
ATOM   916  C C   . PHE B 1 40  ? 0.133   -24.261 8.331   1.00 59.54 ? 40  PHE B C   1 
ATOM   917  O O   . PHE B 1 40  ? 1.265   -24.051 8.759   1.00 59.12 ? 40  PHE B O   1 
ATOM   918  C CB  . PHE B 1 40  ? -1.648  -23.295 9.811   1.00 58.40 ? 40  PHE B CB  1 
ATOM   919  C CG  . PHE B 1 40  ? -2.507  -22.108 10.129  1.00 58.76 ? 40  PHE B CG  1 
ATOM   920  C CD1 . PHE B 1 40  ? -2.060  -20.810 9.850   1.00 58.69 ? 40  PHE B CD1 1 
ATOM   921  C CD2 . PHE B 1 40  ? -3.758  -22.272 10.700  1.00 57.45 ? 40  PHE B CD2 1 
ATOM   922  C CE1 . PHE B 1 40  ? -2.875  -19.693 10.135  1.00 59.32 ? 40  PHE B CE1 1 
ATOM   923  C CE2 . PHE B 1 40  ? -4.576  -21.163 10.979  1.00 56.65 ? 40  PHE B CE2 1 
ATOM   924  C CZ  . PHE B 1 40  ? -4.134  -19.876 10.705  1.00 56.65 ? 40  PHE B CZ  1 
ATOM   925  N N   . GLN B 1 41  ? -0.223  -25.397 7.745   1.00 60.92 ? 41  GLN B N   1 
ATOM   926  C CA  . GLN B 1 41  ? 0.718   -26.461 7.459   1.00 62.69 ? 41  GLN B CA  1 
ATOM   927  C C   . GLN B 1 41  ? 1.898   -25.952 6.614   1.00 63.77 ? 41  GLN B C   1 
ATOM   928  O O   . GLN B 1 41  ? 3.049   -26.310 6.846   1.00 63.77 ? 41  GLN B O   1 
ATOM   929  C CB  . GLN B 1 41  ? -0.028  -27.617 6.779   1.00 62.79 ? 41  GLN B CB  1 
ATOM   930  C CG  . GLN B 1 41  ? 0.837   -28.653 6.065   1.00 64.33 ? 41  GLN B CG  1 
ATOM   931  C CD  . GLN B 1 41  ? 0.297   -30.054 6.234   1.00 66.92 ? 41  GLN B CD  1 
ATOM   932  O OE1 . GLN B 1 41  ? -0.834  -30.248 6.688   1.00 67.93 ? 41  GLN B OE1 1 
ATOM   933  N NE2 . GLN B 1 41  ? 1.110   -31.047 5.889   1.00 68.16 ? 41  GLN B NE2 1 
ATOM   934  N N   . ASP B 1 42  ? 1.616   -25.091 5.652   1.00 65.53 ? 42  ASP B N   1 
ATOM   935  C CA  . ASP B 1 42  ? 2.680   -24.547 4.812   1.00 67.45 ? 42  ASP B CA  1 
ATOM   936  C C   . ASP B 1 42  ? 3.485   -23.471 5.536   1.00 68.59 ? 42  ASP B C   1 
ATOM   937  O O   . ASP B 1 42  ? 4.643   -23.238 5.222   1.00 68.97 ? 42  ASP B O   1 
ATOM   938  C CB  . ASP B 1 42  ? 2.107   -24.045 3.483   1.00 67.43 ? 42  ASP B CB  1 
ATOM   939  C CG  . ASP B 1 42  ? 1.428   -25.160 2.692   1.00 67.51 ? 42  ASP B CG  1 
ATOM   940  O OD1 . ASP B 1 42  ? 1.945   -26.297 2.689   1.00 67.19 ? 42  ASP B OD1 1 
ATOM   941  O OD2 . ASP B 1 42  ? 0.367   -24.909 2.091   1.00 68.34 ? 42  ASP B OD2 1 
ATOM   942  N N   . LEU B 1 43  ? 2.865   -22.842 6.529   1.00 70.16 ? 43  LEU B N   1 
ATOM   943  C CA  . LEU B 1 43  ? 3.539   -21.856 7.377   1.00 71.38 ? 43  LEU B CA  1 
ATOM   944  C C   . LEU B 1 43  ? 4.297   -22.438 8.583   1.00 72.38 ? 43  LEU B C   1 
ATOM   945  O O   . LEU B 1 43  ? 4.897   -21.676 9.347   1.00 72.64 ? 43  LEU B O   1 
ATOM   946  C CB  . LEU B 1 43  ? 2.541   -20.792 7.851   1.00 71.31 ? 43  LEU B CB  1 
ATOM   947  C CG  . LEU B 1 43  ? 1.820   -19.996 6.761   1.00 71.17 ? 43  LEU B CG  1 
ATOM   948  C CD1 . LEU B 1 43  ? 0.974   -18.937 7.413   1.00 70.41 ? 43  LEU B CD1 1 
ATOM   949  C CD2 . LEU B 1 43  ? 2.801   -19.376 5.758   1.00 71.24 ? 43  LEU B CD2 1 
ATOM   950  N N   . GLY B 1 44  ? 4.265   -23.764 8.756   1.00 73.09 ? 44  GLY B N   1 
ATOM   951  C CA  . GLY B 1 44  ? 4.979   -24.427 9.842   1.00 74.11 ? 44  GLY B CA  1 
ATOM   952  C C   . GLY B 1 44  ? 4.281   -24.559 11.193  1.00 75.28 ? 44  GLY B C   1 
ATOM   953  O O   . GLY B 1 44  ? 4.936   -24.898 12.188  1.00 75.04 ? 44  GLY B O   1 
ATOM   954  N N   . TRP B 1 45  ? 2.968   -24.311 11.253  1.00 76.55 ? 45  TRP B N   1 
ATOM   955  C CA  . TRP B 1 45  ? 2.243   -24.407 12.531  1.00 78.03 ? 45  TRP B CA  1 
ATOM   956  C C   . TRP B 1 45  ? 1.332   -25.620 12.620  1.00 78.81 ? 45  TRP B C   1 
ATOM   957  O O   . TRP B 1 45  ? 0.579   -25.757 13.591  1.00 79.55 ? 45  TRP B O   1 
ATOM   958  C CB  . TRP B 1 45  ? 1.403   -23.169 12.857  1.00 78.70 ? 45  TRP B CB  1 
ATOM   959  C CG  . TRP B 1 45  ? 1.949   -21.819 12.490  1.00 79.85 ? 45  TRP B CG  1 
ATOM   960  C CD1 . TRP B 1 45  ? 3.056   -21.540 11.741  1.00 80.87 ? 45  TRP B CD1 1 
ATOM   961  C CD2 . TRP B 1 45  ? 1.353   -20.553 12.805  1.00 81.16 ? 45  TRP B CD2 1 
ATOM   962  N NE1 . TRP B 1 45  ? 3.199   -20.178 11.588  1.00 81.99 ? 45  TRP B NE1 1 
ATOM   963  C CE2 . TRP B 1 45  ? 2.164   -19.552 12.231  1.00 81.92 ? 45  TRP B CE2 1 
ATOM   964  C CE3 . TRP B 1 45  ? 0.216   -20.169 13.527  1.00 81.83 ? 45  TRP B CE3 1 
ATOM   965  C CZ2 . TRP B 1 45  ? 1.875   -18.191 12.359  1.00 81.70 ? 45  TRP B CZ2 1 
ATOM   966  C CZ3 . TRP B 1 45  ? -0.071  -18.813 13.653  1.00 81.33 ? 45  TRP B CZ3 1 
ATOM   967  C CH2 . TRP B 1 45  ? 0.756   -17.843 13.076  1.00 81.01 ? 45  TRP B CH2 1 
ATOM   968  N N   . GLN B 1 46  ? 1.402   -26.513 11.637  1.00 79.34 ? 46  GLN B N   1 
ATOM   969  C CA  . GLN B 1 46  ? 0.599   -27.743 11.669  1.00 79.78 ? 46  GLN B CA  1 
ATOM   970  C C   . GLN B 1 46  ? 0.633   -28.501 13.012  1.00 80.12 ? 46  GLN B C   1 
ATOM   971  O O   . GLN B 1 46  ? -0.191  -29.399 13.241  1.00 80.36 ? 46  GLN B O   1 
ATOM   972  C CB  . GLN B 1 46  ? 0.976   -28.678 10.506  1.00 79.92 ? 46  GLN B CB  1 
ATOM   973  C CG  . GLN B 1 46  ? 2.230   -29.528 10.725  1.00 79.70 ? 46  GLN B CG  1 
ATOM   974  C CD  . GLN B 1 46  ? 3.520   -28.946 10.124  1.00 80.71 ? 46  GLN B CD  1 
ATOM   975  O OE1 . GLN B 1 46  ? 4.565   -29.605 10.157  1.00 82.11 ? 46  GLN B OE1 1 
ATOM   976  N NE2 . GLN B 1 46  ? 3.457   -27.730 9.573   1.00 77.81 ? 46  GLN B NE2 1 
ATOM   977  N N   . ASP B 1 47  ? 1.573   -28.152 13.895  1.00 80.21 ? 47  ASP B N   1 
ATOM   978  C CA  . ASP B 1 47  ? 1.671   -28.826 15.205  1.00 80.64 ? 47  ASP B CA  1 
ATOM   979  C C   . ASP B 1 47  ? 0.673   -28.288 16.257  1.00 80.02 ? 47  ASP B C   1 
ATOM   980  O O   . ASP B 1 47  ? -0.343  -28.931 16.533  1.00 80.04 ? 47  ASP B O   1 
ATOM   981  C CB  . ASP B 1 47  ? 3.119   -28.817 15.731  1.00 81.01 ? 47  ASP B CB  1 
ATOM   982  C CG  . ASP B 1 47  ? 3.987   -29.910 15.091  1.00 82.32 ? 47  ASP B CG  1 
ATOM   983  O OD1 . ASP B 1 47  ? 3.974   -31.069 15.593  1.00 82.73 ? 47  ASP B OD1 1 
ATOM   984  O OD2 . ASP B 1 47  ? 4.693   -29.601 14.094  1.00 82.52 ? 47  ASP B OD2 1 
ATOM   985  N N   . TRP B 1 48  ? 0.980   -27.121 16.826  1.00 79.10 ? 48  TRP B N   1 
ATOM   986  C CA  . TRP B 1 48  ? 0.107   -26.409 17.763  1.00 78.24 ? 48  TRP B CA  1 
ATOM   987  C C   . TRP B 1 48  ? -1.371  -26.353 17.353  1.00 76.65 ? 48  TRP B C   1 
ATOM   988  O O   . TRP B 1 48  ? -2.242  -26.633 18.150  1.00 76.69 ? 48  TRP B O   1 
ATOM   989  C CB  . TRP B 1 48  ? 0.548   -24.942 17.886  1.00 79.47 ? 48  TRP B CB  1 
ATOM   990  C CG  . TRP B 1 48  ? 1.672   -24.594 18.843  1.00 80.68 ? 48  TRP B CG  1 
ATOM   991  C CD1 . TRP B 1 48  ? 2.287   -25.414 19.764  1.00 81.59 ? 48  TRP B CD1 1 
ATOM   992  C CD2 . TRP B 1 48  ? 2.274   -23.297 18.995  1.00 81.66 ? 48  TRP B CD2 1 
ATOM   993  N NE1 . TRP B 1 48  ? 3.250   -24.706 20.458  1.00 82.06 ? 48  TRP B NE1 1 
ATOM   994  C CE2 . TRP B 1 48  ? 3.259   -23.406 20.010  1.00 82.24 ? 48  TRP B CE2 1 
ATOM   995  C CE3 . TRP B 1 48  ? 2.077   -22.050 18.366  1.00 81.67 ? 48  TRP B CE3 1 
ATOM   996  C CZ2 . TRP B 1 48  ? 4.061   -22.312 20.408  1.00 81.96 ? 48  TRP B CZ2 1 
ATOM   997  C CZ3 . TRP B 1 48  ? 2.869   -20.960 18.767  1.00 81.69 ? 48  TRP B CZ3 1 
ATOM   998  C CH2 . TRP B 1 48  ? 3.856   -21.106 19.774  1.00 81.36 ? 48  TRP B CH2 1 
ATOM   999  N N   . ILE B 1 49  ? -1.636  -25.958 16.112  1.00 74.78 ? 49  ILE B N   1 
ATOM   1000 C CA  . ILE B 1 49  ? -2.939  -25.424 15.729  1.00 72.58 ? 49  ILE B CA  1 
ATOM   1001 C C   . ILE B 1 49  ? -4.055  -26.463 15.732  1.00 71.21 ? 49  ILE B C   1 
ATOM   1002 O O   . ILE B 1 49  ? -3.923  -27.542 15.156  1.00 71.20 ? 49  ILE B O   1 
ATOM   1003 C CB  . ILE B 1 49  ? -2.860  -24.678 14.373  1.00 72.51 ? 49  ILE B CB  1 
ATOM   1004 C CG1 . ILE B 1 49  ? -1.691  -23.677 14.384  1.00 73.32 ? 49  ILE B CG1 1 
ATOM   1005 C CG2 . ILE B 1 49  ? -4.175  -23.975 14.035  1.00 71.32 ? 49  ILE B CG2 1 
ATOM   1006 C CD1 . ILE B 1 49  ? -1.883  -22.410 15.240  1.00 74.29 ? 49  ILE B CD1 1 
ATOM   1007 N N   . ILE B 1 50  ? -5.150  -26.119 16.405  1.00 69.18 ? 50  ILE B N   1 
ATOM   1008 C CA  . ILE B 1 50  ? -6.343  -26.946 16.404  1.00 67.16 ? 50  ILE B CA  1 
ATOM   1009 C C   . ILE B 1 50  ? -7.257  -26.510 15.261  1.00 66.02 ? 50  ILE B C   1 
ATOM   1010 O O   . ILE B 1 50  ? -7.599  -27.321 14.408  1.00 65.87 ? 50  ILE B O   1 
ATOM   1011 C CB  . ILE B 1 50  ? -7.081  -26.904 17.782  1.00 67.28 ? 50  ILE B CB  1 
ATOM   1012 C CG1 . ILE B 1 50  ? -6.165  -27.426 18.888  1.00 66.05 ? 50  ILE B CG1 1 
ATOM   1013 C CG2 . ILE B 1 50  ? -8.373  -27.717 17.745  1.00 66.35 ? 50  ILE B CG2 1 
ATOM   1014 C CD1 . ILE B 1 50  ? -6.483  -26.870 20.248  1.00 65.49 ? 50  ILE B CD1 1 
ATOM   1015 N N   . ALA B 1 51  ? -7.636  -25.233 15.234  1.00 64.54 ? 51  ALA B N   1 
ATOM   1016 C CA  . ALA B 1 51  ? -8.535  -24.714 14.197  1.00 63.00 ? 51  ALA B CA  1 
ATOM   1017 C C   . ALA B 1 51  ? -8.403  -23.204 14.039  1.00 61.79 ? 51  ALA B C   1 
ATOM   1018 O O   . ALA B 1 51  ? -8.068  -22.521 14.993  1.00 61.92 ? 51  ALA B O   1 
ATOM   1019 C CB  . ALA B 1 51  ? -9.977  -25.083 14.519  1.00 63.34 ? 51  ALA B CB  1 
ATOM   1020 N N   . PRO B 1 52  ? -8.624  -22.675 12.821  1.00 60.58 ? 52  PRO B N   1 
ATOM   1021 C CA  . PRO B 1 52  ? -8.814  -23.346 11.529  1.00 59.49 ? 52  PRO B CA  1 
ATOM   1022 C C   . PRO B 1 52  ? -7.499  -23.946 11.039  1.00 58.68 ? 52  PRO B C   1 
ATOM   1023 O O   . PRO B 1 52  ? -6.463  -23.684 11.630  1.00 58.71 ? 52  PRO B O   1 
ATOM   1024 C CB  . PRO B 1 52  ? -9.261  -22.213 10.609  1.00 59.23 ? 52  PRO B CB  1 
ATOM   1025 C CG  . PRO B 1 52  ? -8.719  -20.985 11.207  1.00 59.56 ? 52  PRO B CG  1 
ATOM   1026 C CD  . PRO B 1 52  ? -8.705  -21.211 12.695  1.00 60.69 ? 52  PRO B CD  1 
ATOM   1027 N N   . LYS B 1 53  ? -7.543  -24.772 9.998   1.00 57.87 ? 53  LYS B N   1 
ATOM   1028 C CA  . LYS B 1 53  ? -6.316  -25.344 9.431   1.00 56.83 ? 53  LYS B CA  1 
ATOM   1029 C C   . LYS B 1 53  ? -5.642  -24.377 8.454   1.00 56.78 ? 53  LYS B C   1 
ATOM   1030 O O   . LYS B 1 53  ? -4.471  -24.548 8.093   1.00 56.83 ? 53  LYS B O   1 
ATOM   1031 C CB  . LYS B 1 53  ? -6.593  -26.693 8.752   1.00 56.26 ? 53  LYS B CB  1 
ATOM   1032 C CG  . LYS B 1 53  ? -7.001  -27.823 9.693   1.00 54.28 ? 53  LYS B CG  1 
ATOM   1033 C CD  . LYS B 1 53  ? -6.085  -28.013 10.891  1.00 49.78 ? 53  LYS B CD  1 
ATOM   1034 C CE  . LYS B 1 53  ? -6.586  -29.158 11.748  1.00 49.76 ? 53  LYS B CE  1 
ATOM   1035 N NZ  . LYS B 1 53  ? -5.772  -29.372 12.979  1.00 49.58 ? 53  LYS B NZ  1 
ATOM   1036 N N   . GLY B 1 54  ? -6.404  -23.377 8.022   1.00 56.54 ? 54  GLY B N   1 
ATOM   1037 C CA  . GLY B 1 54  ? -5.893  -22.262 7.231   1.00 56.86 ? 54  GLY B CA  1 
ATOM   1038 C C   . GLY B 1 54  ? -6.953  -21.178 7.102   1.00 56.97 ? 54  GLY B C   1 
ATOM   1039 O O   . GLY B 1 54  ? -8.057  -21.303 7.626   1.00 56.82 ? 54  GLY B O   1 
ATOM   1040 N N   . TYR B 1 55  ? -6.639  -20.111 6.390   1.00 57.26 ? 55  TYR B N   1 
ATOM   1041 C CA  . TYR B 1 55  ? -7.608  -19.026 6.220   1.00 57.77 ? 55  TYR B CA  1 
ATOM   1042 C C   . TYR B 1 55  ? -7.452  -18.375 4.863   1.00 57.41 ? 55  TYR B C   1 
ATOM   1043 O O   . TYR B 1 55  ? -6.443  -18.569 4.183   1.00 57.58 ? 55  TYR B O   1 
ATOM   1044 C CB  . TYR B 1 55  ? -7.449  -17.969 7.326   1.00 57.82 ? 55  TYR B CB  1 
ATOM   1045 C CG  . TYR B 1 55  ? -6.096  -17.314 7.278   1.00 58.19 ? 55  TYR B CG  1 
ATOM   1046 C CD1 . TYR B 1 55  ? -4.951  -18.050 7.526   1.00 57.15 ? 55  TYR B CD1 1 
ATOM   1047 C CD2 . TYR B 1 55  ? -5.957  -15.966 6.962   1.00 58.42 ? 55  TYR B CD2 1 
ATOM   1048 C CE1 . TYR B 1 55  ? -3.703  -17.480 7.467   1.00 57.48 ? 55  TYR B CE1 1 
ATOM   1049 C CE2 . TYR B 1 55  ? -4.689  -15.377 6.905   1.00 57.53 ? 55  TYR B CE2 1 
ATOM   1050 C CZ  . TYR B 1 55  ? -3.574  -16.148 7.159   1.00 58.28 ? 55  TYR B CZ  1 
ATOM   1051 O OH  . TYR B 1 55  ? -2.297  -15.608 7.095   1.00 60.38 ? 55  TYR B OH  1 
ATOM   1052 N N   . ALA B 1 56  ? -8.465  -17.604 4.483   1.00 57.18 ? 56  ALA B N   1 
ATOM   1053 C CA  . ALA B 1 56  ? -8.441  -16.833 3.259   1.00 57.14 ? 56  ALA B CA  1 
ATOM   1054 C C   . ALA B 1 56  ? -7.655  -15.554 3.508   1.00 57.33 ? 56  ALA B C   1 
ATOM   1055 O O   . ALA B 1 56  ? -8.209  -14.563 3.950   1.00 57.58 ? 56  ALA B O   1 
ATOM   1056 C CB  . ALA B 1 56  ? -9.851  -16.514 2.839   1.00 56.91 ? 56  ALA B CB  1 
ATOM   1057 N N   . ALA B 1 57  ? -6.359  -15.592 3.218   1.00 57.53 ? 57  ALA B N   1 
ATOM   1058 C CA  . ALA B 1 57  ? -5.561  -14.375 3.117   1.00 57.88 ? 57  ALA B CA  1 
ATOM   1059 C C   . ALA B 1 57  ? -6.113  -13.439 2.049   1.00 58.16 ? 57  ALA B C   1 
ATOM   1060 O O   . ALA B 1 57  ? -6.361  -12.261 2.310   1.00 57.91 ? 57  ALA B O   1 
ATOM   1061 C CB  . ALA B 1 57  ? -4.107  -14.718 2.826   1.00 57.22 ? 57  ALA B CB  1 
ATOM   1062 N N   . ASN B 1 58  ? -6.303  -13.969 0.845   1.00 58.29 ? 58  ASN B N   1 
ATOM   1063 C CA  . ASN B 1 58  ? -6.392  -13.140 -0.352  1.00 58.65 ? 58  ASN B CA  1 
ATOM   1064 C C   . ASN B 1 58  ? -5.122  -12.330 -0.587  1.00 58.76 ? 58  ASN B C   1 
ATOM   1065 O O   . ASN B 1 58  ? -4.133  -12.485 0.130   1.00 59.40 ? 58  ASN B O   1 
ATOM   1066 C CB  . ASN B 1 58  ? -7.603  -12.208 -0.269  1.00 58.89 ? 58  ASN B CB  1 
ATOM   1067 C CG  . ASN B 1 58  ? -8.869  -12.932 0.146   1.00 59.13 ? 58  ASN B CG  1 
ATOM   1068 O OD1 . ASN B 1 58  ? -9.078  -14.093 -0.208  1.00 60.58 ? 58  ASN B OD1 1 
ATOM   1069 N ND2 . ASN B 1 58  ? -9.721  -12.248 0.900   1.00 60.17 ? 58  ASN B ND2 1 
ATOM   1070 N N   . TYR B 1 59  ? -5.155  -11.465 -1.595  1.00 58.65 ? 59  TYR B N   1 
ATOM   1071 C CA  . TYR B 1 59  ? -4.078  -10.508 -1.820  1.00 58.36 ? 59  TYR B CA  1 
ATOM   1072 C C   . TYR B 1 59  ? -4.490  -9.437  -2.825  1.00 58.57 ? 59  TYR B C   1 
ATOM   1073 O O   . TYR B 1 59  ? -5.345  -9.668  -3.679  1.00 58.89 ? 59  TYR B O   1 
ATOM   1074 C CB  . TYR B 1 59  ? -2.816  -11.226 -2.304  1.00 58.00 ? 59  TYR B CB  1 
ATOM   1075 C CG  . TYR B 1 59  ? -2.968  -11.892 -3.652  1.00 57.00 ? 59  TYR B CG  1 
ATOM   1076 C CD1 . TYR B 1 59  ? -3.442  -13.192 -3.758  1.00 56.57 ? 59  TYR B CD1 1 
ATOM   1077 C CD2 . TYR B 1 59  ? -2.637  -11.219 -4.821  1.00 55.66 ? 59  TYR B CD2 1 
ATOM   1078 C CE1 . TYR B 1 59  ? -3.583  -13.804 -4.989  1.00 55.78 ? 59  TYR B CE1 1 
ATOM   1079 C CE2 . TYR B 1 59  ? -2.773  -11.823 -6.057  1.00 56.13 ? 59  TYR B CE2 1 
ATOM   1080 C CZ  . TYR B 1 59  ? -3.247  -13.116 -6.135  1.00 56.52 ? 59  TYR B CZ  1 
ATOM   1081 O OH  . TYR B 1 59  ? -3.385  -13.722 -7.363  1.00 57.21 ? 59  TYR B OH  1 
ATOM   1082 N N   . CYS B 1 60  ? -3.874  -8.264  -2.716  1.00 58.63 ? 60  CYS B N   1 
ATOM   1083 C CA  . CYS B 1 60  ? -4.111  -7.179  -3.668  1.00 58.46 ? 60  CYS B CA  1 
ATOM   1084 C C   . CYS B 1 60  ? -3.173  -7.303  -4.863  1.00 58.75 ? 60  CYS B C   1 
ATOM   1085 O O   . CYS B 1 60  ? -1.972  -7.578  -4.709  1.00 58.95 ? 60  CYS B O   1 
ATOM   1086 C CB  . CYS B 1 60  ? -3.867  -5.849  -2.990  1.00 58.18 ? 60  CYS B CB  1 
ATOM   1087 S SG  . CYS B 1 60  ? -5.004  -5.567  -1.655  1.00 59.35 ? 60  CYS B SG  1 
ATOM   1088 N N   . ASP B 1 61  ? -3.712  -7.094  -6.057  1.00 58.73 ? 61  ASP B N   1 
ATOM   1089 C CA  . ASP B 1 61  ? -2.904  -7.144  -7.265  1.00 59.15 ? 61  ASP B CA  1 
ATOM   1090 C C   . ASP B 1 61  ? -3.607  -6.417  -8.395  1.00 58.98 ? 61  ASP B C   1 
ATOM   1091 O O   . ASP B 1 61  ? -4.822  -6.193  -8.320  1.00 58.90 ? 61  ASP B O   1 
ATOM   1092 C CB  . ASP B 1 61  ? -2.597  -8.595  -7.676  1.00 59.06 ? 61  ASP B CB  1 
ATOM   1093 C CG  . ASP B 1 61  ? -1.391  -8.691  -8.582  1.00 60.82 ? 61  ASP B CG  1 
ATOM   1094 O OD1 . ASP B 1 61  ? -0.696  -7.667  -8.762  1.00 63.08 ? 61  ASP B OD1 1 
ATOM   1095 O OD2 . ASP B 1 61  ? -1.126  -9.776  -9.136  1.00 63.54 ? 61  ASP B OD2 1 
ATOM   1096 N N   . GLY B 1 62  ? -2.841  -6.057  -9.431  1.00 58.59 ? 62  GLY B N   1 
ATOM   1097 C CA  . GLY B 1 62  ? -3.377  -5.384  -10.603 1.00 58.59 ? 62  GLY B CA  1 
ATOM   1098 C C   . GLY B 1 62  ? -2.820  -3.984  -10.742 1.00 58.90 ? 62  GLY B C   1 
ATOM   1099 O O   . GLY B 1 62  ? -2.333  -3.407  -9.779  1.00 58.88 ? 62  GLY B O   1 
ATOM   1100 N N   . GLU B 1 63  ? -2.898  -3.417  -11.939 1.00 59.34 ? 63  GLU B N   1 
ATOM   1101 C CA  . GLU B 1 63  ? -2.261  -2.129  -12.172 1.00 59.71 ? 63  GLU B CA  1 
ATOM   1102 C C   . GLU B 1 63  ? -3.074  -0.929  -11.683 1.00 59.02 ? 63  GLU B C   1 
ATOM   1103 O O   . GLU B 1 63  ? -4.305  -0.944  -11.657 1.00 58.72 ? 63  GLU B O   1 
ATOM   1104 C CB  . GLU B 1 63  ? -1.856  -1.979  -13.631 1.00 60.74 ? 63  GLU B CB  1 
ATOM   1105 C CG  . GLU B 1 63  ? -0.741  -2.905  -14.087 1.00 64.40 ? 63  GLU B CG  1 
ATOM   1106 C CD  . GLU B 1 63  ? -0.441  -2.724  -15.558 1.00 68.76 ? 63  GLU B CD  1 
ATOM   1107 O OE1 . GLU B 1 63  ? -1.132  -1.911  -16.222 1.00 70.37 ? 63  GLU B OE1 1 
ATOM   1108 O OE2 . GLU B 1 63  ? 0.481   -3.405  -16.054 1.00 71.10 ? 63  GLU B OE2 1 
ATOM   1109 N N   . CYS B 1 64  ? -2.346  0.095   -11.262 1.00 58.52 ? 64  CYS B N   1 
ATOM   1110 C CA  . CYS B 1 64  ? -2.913  1.334   -10.771 1.00 58.00 ? 64  CYS B CA  1 
ATOM   1111 C C   . CYS B 1 64  ? -2.868  2.399   -11.846 1.00 57.72 ? 64  CYS B C   1 
ATOM   1112 O O   . CYS B 1 64  ? -1.790  2.908   -12.181 1.00 58.26 ? 64  CYS B O   1 
ATOM   1113 C CB  . CYS B 1 64  ? -2.106  1.804   -9.581  1.00 58.23 ? 64  CYS B CB  1 
ATOM   1114 S SG  . CYS B 1 64  ? -2.447  0.797   -8.171  1.00 60.02 ? 64  CYS B SG  1 
ATOM   1115 N N   . SER B 1 65  ? -4.038  2.726   -12.389 1.00 56.60 ? 65  SER B N   1 
ATOM   1116 C CA  . SER B 1 65  ? -4.161  3.759   -13.385 1.00 55.67 ? 65  SER B CA  1 
ATOM   1117 C C   . SER B 1 65  ? -5.544  4.392   -13.288 1.00 55.38 ? 65  SER B C   1 
ATOM   1118 O O   . SER B 1 65  ? -6.423  3.888   -12.583 1.00 55.44 ? 65  SER B O   1 
ATOM   1119 C CB  . SER B 1 65  ? -3.915  3.179   -14.780 1.00 55.62 ? 65  SER B CB  1 
ATOM   1120 O OG  . SER B 1 65  ? -4.726  2.047   -15.002 1.00 54.49 ? 65  SER B OG  1 
ATOM   1121 N N   . PHE B 1 66  ? -5.737  5.498   -13.998 1.00 54.74 ? 66  PHE B N   1 
ATOM   1122 C CA  . PHE B 1 66  ? -7.005  6.179   -13.987 1.00 54.36 ? 66  PHE B CA  1 
ATOM   1123 C C   . PHE B 1 66  ? -8.053  5.266   -14.596 1.00 54.60 ? 66  PHE B C   1 
ATOM   1124 O O   . PHE B 1 66  ? -7.714  4.392   -15.384 1.00 54.85 ? 66  PHE B O   1 
ATOM   1125 C CB  . PHE B 1 66  ? -6.899  7.510   -14.736 1.00 54.36 ? 66  PHE B CB  1 
ATOM   1126 C CG  . PHE B 1 66  ? -5.999  8.514   -14.062 1.00 53.85 ? 66  PHE B CG  1 
ATOM   1127 C CD1 . PHE B 1 66  ? -4.799  8.881   -14.636 1.00 53.57 ? 66  PHE B CD1 1 
ATOM   1128 C CD2 . PHE B 1 66  ? -6.356  9.087   -12.840 1.00 53.68 ? 66  PHE B CD2 1 
ATOM   1129 C CE1 . PHE B 1 66  ? -3.977  9.819   -14.010 1.00 53.95 ? 66  PHE B CE1 1 
ATOM   1130 C CE2 . PHE B 1 66  ? -5.529  10.001  -12.194 1.00 52.73 ? 66  PHE B CE2 1 
ATOM   1131 C CZ  . PHE B 1 66  ? -4.340  10.365  -12.776 1.00 53.47 ? 66  PHE B CZ  1 
ATOM   1132 N N   . PRO B 1 67  ? -9.328  5.427   -14.203 1.00 54.93 ? 67  PRO B N   1 
ATOM   1133 C CA  . PRO B 1 67  ? -9.831  6.385   -13.218 1.00 55.23 ? 67  PRO B CA  1 
ATOM   1134 C C   . PRO B 1 67  ? -9.427  6.031   -11.787 1.00 55.74 ? 67  PRO B C   1 
ATOM   1135 O O   . PRO B 1 67  ? -9.379  4.846   -11.418 1.00 55.76 ? 67  PRO B O   1 
ATOM   1136 C CB  . PRO B 1 67  ? -11.341 6.304   -13.393 1.00 55.39 ? 67  PRO B CB  1 
ATOM   1137 C CG  . PRO B 1 67  ? -11.573 4.937   -13.907 1.00 55.54 ? 67  PRO B CG  1 
ATOM   1138 C CD  . PRO B 1 67  ? -10.400 4.586   -14.754 1.00 54.47 ? 67  PRO B CD  1 
ATOM   1139 N N   . LEU B 1 68  ? -9.081  7.066   -11.021 1.00 56.10 ? 68  LEU B N   1 
ATOM   1140 C CA  . LEU B 1 68  ? -8.775  6.953   -9.598  1.00 56.34 ? 68  LEU B CA  1 
ATOM   1141 C C   . LEU B 1 68  ? -9.697  7.877   -8.767  1.00 57.68 ? 68  LEU B C   1 
ATOM   1142 O O   . LEU B 1 68  ? -10.282 8.845   -9.287  1.00 57.11 ? 68  LEU B O   1 
ATOM   1143 C CB  . LEU B 1 68  ? -7.310  7.275   -9.338  1.00 55.36 ? 68  LEU B CB  1 
ATOM   1144 C CG  . LEU B 1 68  ? -6.239  6.386   -9.988  1.00 54.94 ? 68  LEU B CG  1 
ATOM   1145 C CD1 . LEU B 1 68  ? -4.885  7.081   -9.970  1.00 53.11 ? 68  LEU B CD1 1 
ATOM   1146 C CD2 . LEU B 1 68  ? -6.137  5.023   -9.324  1.00 50.73 ? 68  LEU B CD2 1 
ATOM   1147 N N   . ASN B 1 69  ? -9.832  7.569   -7.481  1.00 58.94 ? 69  ASN B N   1 
ATOM   1148 C CA  . ASN B 1 69  ? -10.707 8.338   -6.610  1.00 60.60 ? 69  ASN B CA  1 
ATOM   1149 C C   . ASN B 1 69  ? -10.064 8.443   -5.245  1.00 61.67 ? 69  ASN B C   1 
ATOM   1150 O O   . ASN B 1 69  ? -9.935  7.444   -4.545  1.00 61.85 ? 69  ASN B O   1 
ATOM   1151 C CB  . ASN B 1 69  ? -12.089 7.678   -6.523  1.00 60.30 ? 69  ASN B CB  1 
ATOM   1152 C CG  . ASN B 1 69  ? -13.142 8.587   -5.908  1.00 61.02 ? 69  ASN B CG  1 
ATOM   1153 O OD1 . ASN B 1 69  ? -12.916 9.209   -4.873  1.00 63.06 ? 69  ASN B OD1 1 
ATOM   1154 N ND2 . ASN B 1 69  ? -14.309 8.649   -6.531  1.00 60.12 ? 69  ASN B ND2 1 
ATOM   1155 N N   . ALA B 1 70  ? -9.637  9.651   -4.880  1.00 63.26 ? 70  ALA B N   1 
ATOM   1156 C CA  . ALA B 1 70  ? -8.942  9.868   -3.604  1.00 64.53 ? 70  ALA B CA  1 
ATOM   1157 C C   . ALA B 1 70  ? -9.818  9.558   -2.392  1.00 65.74 ? 70  ALA B C   1 
ATOM   1158 O O   . ALA B 1 70  ? -9.311  9.552   -1.274  1.00 66.18 ? 70  ALA B O   1 
ATOM   1159 C CB  . ALA B 1 70  ? -8.380  11.284  -3.513  1.00 64.13 ? 70  ALA B CB  1 
ATOM   1160 N N   . HIS B 1 71  ? -11.103 9.269   -2.612  1.00 66.97 ? 71  HIS B N   1 
ATOM   1161 C CA  . HIS B 1 71  ? -12.026 8.942   -1.516  1.00 68.68 ? 71  HIS B CA  1 
ATOM   1162 C C   . HIS B 1 71  ? -12.444 7.472   -1.452  1.00 69.32 ? 71  HIS B C   1 
ATOM   1163 O O   . HIS B 1 71  ? -13.182 7.087   -0.539  1.00 70.04 ? 71  HIS B O   1 
ATOM   1164 C CB  . HIS B 1 71  ? -13.280 9.826   -1.567  1.00 69.28 ? 71  HIS B CB  1 
ATOM   1165 C CG  . HIS B 1 71  ? -12.980 11.292  -1.653  1.00 71.22 ? 71  HIS B CG  1 
ATOM   1166 N ND1 . HIS B 1 71  ? -13.271 12.172  -0.633  1.00 73.18 ? 71  HIS B ND1 1 
ATOM   1167 C CD2 . HIS B 1 71  ? -12.402 12.029  -2.632  1.00 73.53 ? 71  HIS B CD2 1 
ATOM   1168 C CE1 . HIS B 1 71  ? -12.899 13.391  -0.987  1.00 75.02 ? 71  HIS B CE1 1 
ATOM   1169 N NE2 . HIS B 1 71  ? -12.367 13.332  -2.195  1.00 74.80 ? 71  HIS B NE2 1 
ATOM   1170 N N   . MET B 1 72  ? -11.979 6.671   -2.404  1.00 69.70 ? 72  MET B N   1 
ATOM   1171 C CA  . MET B 1 72  ? -12.304 5.250   -2.437  1.00 70.29 ? 72  MET B CA  1 
ATOM   1172 C C   . MET B 1 72  ? -11.052 4.401   -2.626  1.00 69.33 ? 72  MET B C   1 
ATOM   1173 O O   . MET B 1 72  ? -10.633 3.684   -1.717  1.00 70.09 ? 72  MET B O   1 
ATOM   1174 C CB  . MET B 1 72  ? -13.312 4.956   -3.551  1.00 70.28 ? 72  MET B CB  1 
ATOM   1175 C CG  . MET B 1 72  ? -14.717 5.460   -3.265  1.00 72.23 ? 72  MET B CG  1 
ATOM   1176 S SD  . MET B 1 72  ? -15.866 5.121   -4.613  1.00 73.89 ? 72  MET B SD  1 
ATOM   1177 C CE  . MET B 1 72  ? -14.826 5.451   -6.034  1.00 74.05 ? 72  MET B CE  1 
ATOM   1178 N N   . ASN B 1 73  ? -10.460 4.486   -3.813  1.00 68.22 ? 73  ASN B N   1 
ATOM   1179 C CA  . ASN B 1 73  ? -9.578  3.434   -4.307  1.00 66.86 ? 73  ASN B CA  1 
ATOM   1180 C C   . ASN B 1 73  ? -8.139  3.914   -4.463  1.00 65.91 ? 73  ASN B C   1 
ATOM   1181 O O   . ASN B 1 73  ? -7.324  3.261   -5.115  1.00 66.58 ? 73  ASN B O   1 
ATOM   1182 C CB  . ASN B 1 73  ? -10.095 2.881   -5.636  1.00 66.99 ? 73  ASN B CB  1 
ATOM   1183 C CG  . ASN B 1 73  ? -10.075 3.915   -6.744  1.00 67.60 ? 73  ASN B CG  1 
ATOM   1184 O OD1 . ASN B 1 73  ? -9.648  5.052   -6.541  1.00 67.66 ? 73  ASN B OD1 1 
ATOM   1185 N ND2 . ASN B 1 73  ? -10.539 3.524   -7.925  1.00 68.85 ? 73  ASN B ND2 1 
ATOM   1186 N N   . ALA B 1 74  ? -7.834  5.059   -3.862  1.00 63.68 ? 74  ALA B N   1 
ATOM   1187 C CA  . ALA B 1 74  ? -6.571  5.743   -4.112  1.00 61.15 ? 74  ALA B CA  1 
ATOM   1188 C C   . ALA B 1 74  ? -6.359  6.888   -3.127  1.00 59.34 ? 74  ALA B C   1 
ATOM   1189 O O   . ALA B 1 74  ? -7.278  7.277   -2.406  1.00 60.13 ? 74  ALA B O   1 
ATOM   1190 C CB  . ALA B 1 74  ? -6.518  6.255   -5.544  1.00 60.91 ? 74  ALA B CB  1 
ATOM   1191 N N   . THR B 1 75  ? -5.143  7.424   -3.103  1.00 56.70 ? 75  THR B N   1 
ATOM   1192 C CA  . THR B 1 75  ? -4.869  8.671   -2.399  1.00 54.41 ? 75  THR B CA  1 
ATOM   1193 C C   . THR B 1 75  ? -4.588  9.806   -3.378  1.00 53.84 ? 75  THR B C   1 
ATOM   1194 O O   . THR B 1 75  ? -4.478  9.586   -4.584  1.00 53.33 ? 75  THR B O   1 
ATOM   1195 C CB  . THR B 1 75  ? -3.676  8.527   -1.438  1.00 54.25 ? 75  THR B CB  1 
ATOM   1196 O OG1 . THR B 1 75  ? -2.490  8.228   -2.185  1.00 54.38 ? 75  THR B OG1 1 
ATOM   1197 C CG2 . THR B 1 75  ? -3.932  7.414   -0.433  1.00 52.80 ? 75  THR B CG2 1 
ATOM   1198 N N   . ASN B 1 76  ? -4.471  11.021  -2.851  1.00 52.81 ? 76  ASN B N   1 
ATOM   1199 C CA  . ASN B 1 76  ? -4.008  12.158  -3.639  1.00 51.98 ? 76  ASN B CA  1 
ATOM   1200 C C   . ASN B 1 76  ? -2.644  11.870  -4.208  1.00 51.75 ? 76  ASN B C   1 
ATOM   1201 O O   . ASN B 1 76  ? -2.410  12.053  -5.411  1.00 51.76 ? 76  ASN B O   1 
ATOM   1202 C CB  . ASN B 1 76  ? -3.955  13.429  -2.791  1.00 51.81 ? 76  ASN B CB  1 
ATOM   1203 C CG  . ASN B 1 76  ? -5.322  13.996  -2.529  1.00 51.65 ? 76  ASN B CG  1 
ATOM   1204 O OD1 . ASN B 1 76  ? -6.131  14.088  -3.442  1.00 52.20 ? 76  ASN B OD1 1 
ATOM   1205 N ND2 . ASN B 1 76  ? -5.601  14.361  -1.281  1.00 50.18 ? 76  ASN B ND2 1 
ATOM   1206 N N   . HIS B 1 77  ? -1.750  11.395  -3.348  1.00 51.25 ? 77  HIS B N   1 
ATOM   1207 C CA  . HIS B 1 77  ? -0.416  11.075  -3.785  1.00 51.42 ? 77  HIS B CA  1 
ATOM   1208 C C   . HIS B 1 77  ? -0.425  10.082  -4.919  1.00 50.97 ? 77  HIS B C   1 
ATOM   1209 O O   . HIS B 1 77  ? 0.367   10.196  -5.838  1.00 51.40 ? 77  HIS B O   1 
ATOM   1210 C CB  . HIS B 1 77  ? 0.451   10.543  -2.635  1.00 52.25 ? 77  HIS B CB  1 
ATOM   1211 C CG  . HIS B 1 77  ? 1.889   10.422  -3.009  1.00 53.51 ? 77  HIS B CG  1 
ATOM   1212 N ND1 . HIS B 1 77  ? 2.371   9.371   -3.763  1.00 53.95 ? 77  HIS B ND1 1 
ATOM   1213 C CD2 . HIS B 1 77  ? 2.937   11.255  -2.800  1.00 54.86 ? 77  HIS B CD2 1 
ATOM   1214 C CE1 . HIS B 1 77  ? 3.660   9.556   -3.988  1.00 55.86 ? 77  HIS B CE1 1 
ATOM   1215 N NE2 . HIS B 1 77  ? 4.031   10.689  -3.411  1.00 56.21 ? 77  HIS B NE2 1 
ATOM   1216 N N   . ALA B 1 78  ? -1.313  9.099   -4.868  1.00 51.27 ? 78  ALA B N   1 
ATOM   1217 C CA  . ALA B 1 78  ? -1.316  8.074   -5.900  1.00 51.64 ? 78  ALA B CA  1 
ATOM   1218 C C   . ALA B 1 78  ? -1.729  8.709   -7.188  1.00 52.20 ? 78  ALA B C   1 
ATOM   1219 O O   . ALA B 1 78  ? -1.185  8.385   -8.239  1.00 53.34 ? 78  ALA B O   1 
ATOM   1220 C CB  . ALA B 1 78  ? -2.239  6.942   -5.547  1.00 51.23 ? 78  ALA B CB  1 
ATOM   1221 N N   . ILE B 1 79  ? -2.698  9.620   -7.114  1.00 52.30 ? 79  ILE B N   1 
ATOM   1222 C CA  . ILE B 1 79  ? -3.161  10.315  -8.285  1.00 52.42 ? 79  ILE B CA  1 
ATOM   1223 C C   . ILE B 1 79  ? -2.017  11.150  -8.859  1.00 53.39 ? 79  ILE B C   1 
ATOM   1224 O O   . ILE B 1 79  ? -1.689  11.034  -10.037 1.00 53.63 ? 79  ILE B O   1 
ATOM   1225 C CB  . ILE B 1 79  ? -4.389  11.182  -7.974  1.00 52.44 ? 79  ILE B CB  1 
ATOM   1226 C CG1 . ILE B 1 79  ? -5.605  10.282  -7.685  1.00 52.88 ? 79  ILE B CG1 1 
ATOM   1227 C CG2 . ILE B 1 79  ? -4.693  12.159  -9.135  1.00 50.81 ? 79  ILE B CG2 1 
ATOM   1228 C CD1 . ILE B 1 79  ? -6.840  11.024  -7.119  1.00 52.14 ? 79  ILE B CD1 1 
ATOM   1229 N N   . VAL B 1 80  ? -1.393  11.972  -8.022  1.00 53.84 ? 80  VAL B N   1 
ATOM   1230 C CA  . VAL B 1 80  ? -0.287  12.794  -8.478  1.00 54.15 ? 80  VAL B CA  1 
ATOM   1231 C C   . VAL B 1 80  ? 0.833   11.917  -9.032  1.00 54.75 ? 80  VAL B C   1 
ATOM   1232 O O   . VAL B 1 80  ? 1.384   12.218  -10.096 1.00 54.98 ? 80  VAL B O   1 
ATOM   1233 C CB  . VAL B 1 80  ? 0.246   13.745  -7.369  1.00 54.56 ? 80  VAL B CB  1 
ATOM   1234 C CG1 . VAL B 1 80  ? 1.573   14.402  -7.793  1.00 53.55 ? 80  VAL B CG1 1 
ATOM   1235 C CG2 . VAL B 1 80  ? -0.809  14.827  -7.017  1.00 53.43 ? 80  VAL B CG2 1 
ATOM   1236 N N   . GLN B 1 81  ? 1.159   10.831  -8.326  1.00 54.88 ? 81  GLN B N   1 
ATOM   1237 C CA  . GLN B 1 81  ? 2.212   9.919   -8.786  1.00 54.93 ? 81  GLN B CA  1 
ATOM   1238 C C   . GLN B 1 81  ? 1.883   9.298   -10.126 1.00 54.72 ? 81  GLN B C   1 
ATOM   1239 O O   . GLN B 1 81  ? 2.759   9.128   -10.950 1.00 55.43 ? 81  GLN B O   1 
ATOM   1240 C CB  . GLN B 1 81  ? 2.524   8.808   -7.761  1.00 55.26 ? 81  GLN B CB  1 
ATOM   1241 C CG  . GLN B 1 81  ? 3.769   7.998   -8.147  1.00 54.64 ? 81  GLN B CG  1 
ATOM   1242 C CD  . GLN B 1 81  ? 4.117   6.885   -7.169  1.00 55.27 ? 81  GLN B CD  1 
ATOM   1243 O OE1 . GLN B 1 81  ? 3.880   7.003   -5.964  1.00 56.90 ? 81  GLN B OE1 1 
ATOM   1244 N NE2 . GLN B 1 81  ? 4.687   5.794   -7.690  1.00 51.45 ? 81  GLN B NE2 1 
ATOM   1245 N N   . THR B 1 82  ? 0.629   8.952   -10.341 1.00 54.80 ? 82  THR B N   1 
ATOM   1246 C CA  . THR B 1 82  ? 0.200   8.397   -11.612 1.00 55.40 ? 82  THR B CA  1 
ATOM   1247 C C   . THR B 1 82  ? 0.452   9.388   -12.749 1.00 56.03 ? 82  THR B C   1 
ATOM   1248 O O   . THR B 1 82  ? 1.006   9.039   -13.803 1.00 55.84 ? 82  THR B O   1 
ATOM   1249 C CB  . THR B 1 82  ? -1.292  8.063   -11.536 1.00 55.71 ? 82  THR B CB  1 
ATOM   1250 O OG1 . THR B 1 82  ? -1.503  7.065   -10.513 1.00 56.41 ? 82  THR B OG1 1 
ATOM   1251 C CG2 . THR B 1 82  ? -1.812  7.577   -12.875 1.00 54.95 ? 82  THR B CG2 1 
ATOM   1252 N N   . LEU B 1 83  ? 0.038   10.628  -12.520 1.00 56.72 ? 83  LEU B N   1 
ATOM   1253 C CA  . LEU B 1 83  ? 0.197   11.708  -13.485 1.00 57.51 ? 83  LEU B CA  1 
ATOM   1254 C C   . LEU B 1 83  ? 1.669   11.865  -13.839 1.00 58.20 ? 83  LEU B C   1 
ATOM   1255 O O   . LEU B 1 83  ? 2.046   11.812  -15.013 1.00 58.48 ? 83  LEU B O   1 
ATOM   1256 C CB  . LEU B 1 83  ? -0.327  13.005  -12.876 1.00 57.09 ? 83  LEU B CB  1 
ATOM   1257 C CG  . LEU B 1 83  ? -1.604  13.678  -13.357 1.00 57.73 ? 83  LEU B CG  1 
ATOM   1258 C CD1 . LEU B 1 83  ? -2.437  12.854  -14.339 1.00 57.97 ? 83  LEU B CD1 1 
ATOM   1259 C CD2 . LEU B 1 83  ? -2.428  14.153  -12.173 1.00 58.23 ? 83  LEU B CD2 1 
ATOM   1260 N N   . VAL B 1 84  ? 2.499   12.049  -12.814 1.00 58.67 ? 84  VAL B N   1 
ATOM   1261 C CA  . VAL B 1 84  ? 3.933   12.199  -12.989 1.00 59.23 ? 84  VAL B CA  1 
ATOM   1262 C C   . VAL B 1 84  ? 4.513   10.983  -13.708 1.00 60.10 ? 84  VAL B C   1 
ATOM   1263 O O   . VAL B 1 84  ? 5.337   11.150  -14.611 1.00 60.84 ? 84  VAL B O   1 
ATOM   1264 C CB  . VAL B 1 84  ? 4.638   12.442  -11.634 1.00 59.53 ? 84  VAL B CB  1 
ATOM   1265 C CG1 . VAL B 1 84  ? 6.143   12.198  -11.725 1.00 59.00 ? 84  VAL B CG1 1 
ATOM   1266 C CG2 . VAL B 1 84  ? 4.334   13.856  -11.120 1.00 58.80 ? 84  VAL B CG2 1 
ATOM   1267 N N   . HIS B 1 85  ? 4.077   9.780   -13.339 1.00 60.44 ? 85  HIS B N   1 
ATOM   1268 C CA  . HIS B 1 85  ? 4.507   8.572   -14.041 1.00 61.16 ? 85  HIS B CA  1 
ATOM   1269 C C   . HIS B 1 85  ? 4.134   8.547   -15.510 1.00 61.55 ? 85  HIS B C   1 
ATOM   1270 O O   . HIS B 1 85  ? 4.915   8.086   -16.326 1.00 61.96 ? 85  HIS B O   1 
ATOM   1271 C CB  . HIS B 1 85  ? 3.945   7.292   -13.420 1.00 61.44 ? 85  HIS B CB  1 
ATOM   1272 C CG  . HIS B 1 85  ? 4.016   6.126   -14.350 1.00 61.46 ? 85  HIS B CG  1 
ATOM   1273 N ND1 . HIS B 1 85  ? 5.176   5.412   -14.555 1.00 62.14 ? 85  HIS B ND1 1 
ATOM   1274 C CD2 . HIS B 1 85  ? 3.098   5.598   -15.191 1.00 62.10 ? 85  HIS B CD2 1 
ATOM   1275 C CE1 . HIS B 1 85  ? 4.960   4.471   -15.455 1.00 62.46 ? 85  HIS B CE1 1 
ATOM   1276 N NE2 . HIS B 1 85  ? 3.707   4.562   -15.860 1.00 62.24 ? 85  HIS B NE2 1 
ATOM   1277 N N   . LEU B 1 86  ? 2.931   8.986   -15.852 1.00 62.36 ? 86  LEU B N   1 
ATOM   1278 C CA  . LEU B 1 86  ? 2.516   8.994   -17.261 1.00 63.28 ? 86  LEU B CA  1 
ATOM   1279 C C   . LEU B 1 86  ? 3.353   9.904   -18.163 1.00 64.56 ? 86  LEU B C   1 
ATOM   1280 O O   . LEU B 1 86  ? 3.496   9.647   -19.368 1.00 64.37 ? 86  LEU B O   1 
ATOM   1281 C CB  . LEU B 1 86  ? 1.034   9.340   -17.406 1.00 62.58 ? 86  LEU B CB  1 
ATOM   1282 C CG  . LEU B 1 86  ? 0.043   8.216   -17.107 1.00 61.99 ? 86  LEU B CG  1 
ATOM   1283 C CD1 . LEU B 1 86  ? -1.353  8.770   -17.211 1.00 60.91 ? 86  LEU B CD1 1 
ATOM   1284 C CD2 . LEU B 1 86  ? 0.218   6.987   -18.010 1.00 59.08 ? 86  LEU B CD2 1 
ATOM   1285 N N   . MET B 1 87  ? 3.909   10.947  -17.585 1.00 66.31 ? 87  MET B N   1 
ATOM   1286 C CA  . MET B 1 87  ? 4.733   11.846  -18.320 1.00 68.32 ? 87  MET B CA  1 
ATOM   1287 C C   . MET B 1 87  ? 6.175   11.711  -17.936 1.00 68.96 ? 87  MET B C   1 
ATOM   1288 O O   . MET B 1 87  ? 6.902   12.677  -17.911 1.00 69.46 ? 87  MET B O   1 
ATOM   1289 C CB  . MET B 1 87  ? 4.227   13.286  -18.228 1.00 68.12 ? 87  MET B CB  1 
ATOM   1290 C CG  . MET B 1 87  ? 4.165   13.937  -16.876 1.00 69.29 ? 87  MET B CG  1 
ATOM   1291 S SD  . MET B 1 87  ? 3.651   15.664  -16.938 1.00 70.73 ? 87  MET B SD  1 
ATOM   1292 C CE  . MET B 1 87  ? 1.912   15.500  -16.795 1.00 74.31 ? 87  MET B CE  1 
ATOM   1293 N N   . ASN B 1 88  ? 6.586   10.488  -17.639 1.00 69.97 ? 88  ASN B N   1 
ATOM   1294 C CA  . ASN B 1 88  ? 7.964   10.181  -17.275 1.00 70.57 ? 88  ASN B CA  1 
ATOM   1295 C C   . ASN B 1 88  ? 8.147   8.713   -16.900 1.00 70.20 ? 88  ASN B C   1 
ATOM   1296 O O   . ASN B 1 88  ? 8.768   8.395   -15.886 1.00 69.96 ? 88  ASN B O   1 
ATOM   1297 C CB  . ASN B 1 88  ? 8.428   11.079  -16.126 1.00 71.04 ? 88  ASN B CB  1 
ATOM   1298 C CG  . ASN B 1 88  ? 9.927   11.012  -15.904 1.00 73.53 ? 88  ASN B CG  1 
ATOM   1299 O OD1 . ASN B 1 88  ? 10.685  10.655  -16.806 1.00 75.87 ? 88  ASN B OD1 1 
ATOM   1300 N ND2 . ASN B 1 88  ? 10.361  11.356  -14.697 1.00 75.40 ? 88  ASN B ND2 1 
ATOM   1301 N N   . PRO B 1 89  ? 7.601   7.825   -17.723 1.00 70.27 ? 89  PRO B N   1 
ATOM   1302 C CA  . PRO B 1 89  ? 7.399   6.421   -17.324 1.00 70.49 ? 89  PRO B CA  1 
ATOM   1303 C C   . PRO B 1 89  ? 8.654   5.674   -16.855 1.00 70.80 ? 89  PRO B C   1 
ATOM   1304 O O   . PRO B 1 89  ? 8.551   4.793   -16.000 1.00 70.71 ? 89  PRO B O   1 
ATOM   1305 C CB  . PRO B 1 89  ? 6.829   5.775   -18.595 1.00 70.46 ? 89  PRO B CB  1 
ATOM   1306 C CG  . PRO B 1 89  ? 6.261   6.919   -19.381 1.00 70.17 ? 89  PRO B CG  1 
ATOM   1307 C CD  . PRO B 1 89  ? 7.206   8.046   -19.127 1.00 70.10 ? 89  PRO B CD  1 
ATOM   1308 N N   . GLU B 1 90  ? 9.815   6.028   -17.398 1.00 71.32 ? 90  GLU B N   1 
ATOM   1309 C CA  . GLU B 1 90  ? 11.071  5.326   -17.087 1.00 71.91 ? 90  GLU B CA  1 
ATOM   1310 C C   . GLU B 1 90  ? 11.568  5.578   -15.660 1.00 71.92 ? 90  GLU B C   1 
ATOM   1311 O O   . GLU B 1 90  ? 12.069  4.656   -15.000 1.00 72.24 ? 90  GLU B O   1 
ATOM   1312 C CB  . GLU B 1 90  ? 12.179  5.686   -18.086 1.00 71.70 ? 90  GLU B CB  1 
ATOM   1313 C CG  . GLU B 1 90  ? 11.837  5.460   -19.561 1.00 72.19 ? 90  GLU B CG  1 
ATOM   1314 C CD  . GLU B 1 90  ? 13.084  5.371   -20.452 1.00 72.71 ? 90  GLU B CD  1 
ATOM   1315 O OE1 . GLU B 1 90  ? 13.221  6.202   -21.385 1.00 73.01 ? 90  GLU B OE1 1 
ATOM   1316 O OE2 . GLU B 1 90  ? 13.935  4.472   -20.220 1.00 73.51 ? 90  GLU B OE2 1 
ATOM   1317 N N   . TYR B 1 91  ? 11.418  6.820   -15.192 1.00 71.74 ? 91  TYR B N   1 
ATOM   1318 C CA  . TYR B 1 91  ? 11.998  7.251   -13.913 1.00 71.40 ? 91  TYR B CA  1 
ATOM   1319 C C   . TYR B 1 91  ? 11.084  7.109   -12.686 1.00 70.58 ? 91  TYR B C   1 
ATOM   1320 O O   . TYR B 1 91  ? 11.586  6.845   -11.596 1.00 71.10 ? 91  TYR B O   1 
ATOM   1321 C CB  . TYR B 1 91  ? 12.509  8.697   -13.993 1.00 72.19 ? 91  TYR B CB  1 
ATOM   1322 C CG  . TYR B 1 91  ? 13.564  8.994   -15.051 1.00 72.83 ? 91  TYR B CG  1 
ATOM   1323 C CD1 . TYR B 1 91  ? 13.268  9.823   -16.132 1.00 74.14 ? 91  TYR B CD1 1 
ATOM   1324 C CD2 . TYR B 1 91  ? 14.860  8.478   -14.956 1.00 73.49 ? 91  TYR B CD2 1 
ATOM   1325 C CE1 . TYR B 1 91  ? 14.228  10.123  -17.109 1.00 73.85 ? 91  TYR B CE1 1 
ATOM   1326 C CE2 . TYR B 1 91  ? 15.829  8.767   -15.927 1.00 73.23 ? 91  TYR B CE2 1 
ATOM   1327 C CZ  . TYR B 1 91  ? 15.501  9.593   -17.000 1.00 73.51 ? 91  TYR B CZ  1 
ATOM   1328 O OH  . TYR B 1 91  ? 16.436  9.898   -17.971 1.00 73.26 ? 91  TYR B OH  1 
ATOM   1329 N N   . VAL B 1 92  ? 9.768   7.293   -12.845 1.00 69.14 ? 92  VAL B N   1 
ATOM   1330 C CA  . VAL B 1 92  ? 8.807   7.172   -11.717 1.00 67.73 ? 92  VAL B CA  1 
ATOM   1331 C C   . VAL B 1 92  ? 7.747   6.085   -11.966 1.00 66.81 ? 92  VAL B C   1 
ATOM   1332 O O   . VAL B 1 92  ? 7.029   6.144   -12.959 1.00 66.77 ? 92  VAL B O   1 
ATOM   1333 C CB  . VAL B 1 92  ? 8.100   8.534   -11.402 1.00 67.88 ? 92  VAL B CB  1 
ATOM   1334 C CG1 . VAL B 1 92  ? 7.105   8.404   -10.270 1.00 66.60 ? 92  VAL B CG1 1 
ATOM   1335 C CG2 . VAL B 1 92  ? 9.124   9.618   -11.068 1.00 68.60 ? 92  VAL B CG2 1 
ATOM   1336 N N   . PRO B 1 93  ? 7.638   5.096   -11.062 1.00 65.93 ? 93  PRO B N   1 
ATOM   1337 C CA  . PRO B 1 93  ? 6.690   4.011   -11.300 1.00 65.89 ? 93  PRO B CA  1 
ATOM   1338 C C   . PRO B 1 93  ? 5.246   4.394   -10.964 1.00 65.84 ? 93  PRO B C   1 
ATOM   1339 O O   . PRO B 1 93  ? 5.005   5.428   -10.330 1.00 66.12 ? 93  PRO B O   1 
ATOM   1340 C CB  . PRO B 1 93  ? 7.152   2.927   -10.324 1.00 65.16 ? 93  PRO B CB  1 
ATOM   1341 C CG  . PRO B 1 93  ? 7.688   3.689   -9.181  1.00 65.00 ? 93  PRO B CG  1 
ATOM   1342 C CD  . PRO B 1 93  ? 8.355   4.911   -9.786  1.00 65.96 ? 93  PRO B CD  1 
ATOM   1343 N N   . LYS B 1 94  ? 4.306   3.550   -11.388 1.00 65.11 ? 94  LYS B N   1 
ATOM   1344 C CA  . LYS B 1 94  ? 2.921   3.663   -11.014 1.00 64.63 ? 94  LYS B CA  1 
ATOM   1345 C C   . LYS B 1 94  ? 2.838   3.420   -9.525  1.00 64.17 ? 94  LYS B C   1 
ATOM   1346 O O   . LYS B 1 94  ? 3.758   2.861   -8.949  1.00 64.64 ? 94  LYS B O   1 
ATOM   1347 C CB  . LYS B 1 94  ? 2.107   2.595   -11.727 1.00 64.75 ? 94  LYS B CB  1 
ATOM   1348 C CG  . LYS B 1 94  ? 1.715   2.961   -13.139 1.00 66.51 ? 94  LYS B CG  1 
ATOM   1349 C CD  . LYS B 1 94  ? 1.191   1.732   -13.836 1.00 69.94 ? 94  LYS B CD  1 
ATOM   1350 C CE  . LYS B 1 94  ? 0.896   1.997   -15.291 1.00 71.82 ? 94  LYS B CE  1 
ATOM   1351 N NZ  . LYS B 1 94  ? 0.708   0.678   -15.971 1.00 73.83 ? 94  LYS B NZ  1 
ATOM   1352 N N   . PRO B 1 95  ? 1.750   3.865   -8.875  1.00 63.56 ? 95  PRO B N   1 
ATOM   1353 C CA  . PRO B 1 95  ? 1.591   3.366   -7.512  1.00 62.96 ? 95  PRO B CA  1 
ATOM   1354 C C   . PRO B 1 95  ? 1.306   1.855   -7.505  1.00 62.37 ? 95  PRO B C   1 
ATOM   1355 O O   . PRO B 1 95  ? 1.155   1.253   -8.553  1.00 62.25 ? 95  PRO B O   1 
ATOM   1356 C CB  . PRO B 1 95  ? 0.439   4.213   -6.953  1.00 62.16 ? 95  PRO B CB  1 
ATOM   1357 C CG  . PRO B 1 95  ? -0.243  4.781   -8.106  1.00 62.53 ? 95  PRO B CG  1 
ATOM   1358 C CD  . PRO B 1 95  ? 0.704   4.838   -9.250  1.00 63.32 ? 95  PRO B CD  1 
ATOM   1359 N N   . CYS B 1 96  ? 1.305   1.224   -6.346  1.00 62.61 ? 96  CYS B N   1 
ATOM   1360 C CA  . CYS B 1 96  ? 1.042   -0.218  -6.338  1.00 62.66 ? 96  CYS B CA  1 
ATOM   1361 C C   . CYS B 1 96  ? -0.201  -0.560  -5.549  1.00 61.13 ? 96  CYS B C   1 
ATOM   1362 O O   . CYS B 1 96  ? -0.680  0.223   -4.742  1.00 61.10 ? 96  CYS B O   1 
ATOM   1363 C CB  . CYS B 1 96  ? 2.267   -1.051  -5.928  1.00 63.15 ? 96  CYS B CB  1 
ATOM   1364 S SG  . CYS B 1 96  ? 2.893   -0.615  -4.334  1.00 68.07 ? 96  CYS B SG  1 
ATOM   1365 N N   . CYS B 1 97  ? -0.749  -1.712  -5.875  1.00 60.75 ? 97  CYS B N   1 
ATOM   1366 C CA  . CYS B 1 97  ? -2.027  -2.156  -5.401  1.00 60.59 ? 97  CYS B CA  1 
ATOM   1367 C C   . CYS B 1 97  ? -1.803  -2.794  -4.038  1.00 60.70 ? 97  CYS B C   1 
ATOM   1368 O O   . CYS B 1 97  ? -1.019  -3.742  -3.897  1.00 60.88 ? 97  CYS B O   1 
ATOM   1369 C CB  . CYS B 1 97  ? -2.588  -3.151  -6.411  1.00 60.36 ? 97  CYS B CB  1 
ATOM   1370 S SG  . CYS B 1 97  ? -4.241  -3.727  -6.094  1.00 61.51 ? 97  CYS B SG  1 
ATOM   1371 N N   . ALA B 1 98  ? -2.464  -2.246  -3.029  1.00 60.66 ? 98  ALA B N   1 
ATOM   1372 C CA  . ALA B 1 98  ? -2.237  -2.648  -1.663  1.00 61.16 ? 98  ALA B CA  1 
ATOM   1373 C C   . ALA B 1 98  ? -3.544  -2.544  -0.858  1.00 62.06 ? 98  ALA B C   1 
ATOM   1374 O O   . ALA B 1 98  ? -4.496  -1.901  -1.309  1.00 62.09 ? 98  ALA B O   1 
ATOM   1375 C CB  . ALA B 1 98  ? -1.168  -1.801  -1.072  1.00 60.75 ? 98  ALA B CB  1 
ATOM   1376 N N   . PRO B 1 99  ? -3.617  -3.230  0.298   1.00 62.73 ? 99  PRO B N   1 
ATOM   1377 C CA  . PRO B 1 99  ? -4.848  -3.258  1.065   1.00 63.26 ? 99  PRO B CA  1 
ATOM   1378 C C   . PRO B 1 99  ? -5.295  -1.921  1.605   1.00 63.77 ? 99  PRO B C   1 
ATOM   1379 O O   . PRO B 1 99  ? -4.482  -1.093  1.996   1.00 64.16 ? 99  PRO B O   1 
ATOM   1380 C CB  . PRO B 1 99  ? -4.499  -4.215  2.232   1.00 63.36 ? 99  PRO B CB  1 
ATOM   1381 C CG  . PRO B 1 99  ? -3.429  -5.107  1.658   1.00 62.48 ? 99  PRO B CG  1 
ATOM   1382 C CD  . PRO B 1 99  ? -2.595  -4.096  0.924   1.00 62.80 ? 99  PRO B CD  1 
ATOM   1383 N N   . THR B 1 100 ? -6.600  -1.733  1.639   1.00 64.58 ? 100 THR B N   1 
ATOM   1384 C CA  . THR B 1 100 ? -7.198  -0.585  2.281   1.00 65.72 ? 100 THR B CA  1 
ATOM   1385 C C   . THR B 1 100 ? -7.993  -1.049  3.505   1.00 66.70 ? 100 THR B C   1 
ATOM   1386 O O   . THR B 1 100 ? -8.173  -0.289  4.456   1.00 67.05 ? 100 THR B O   1 
ATOM   1387 C CB  . THR B 1 100 ? -8.123  0.176   1.300   1.00 65.99 ? 100 THR B CB  1 
ATOM   1388 O OG1 . THR B 1 100 ? -8.995  -0.756  0.637   1.00 66.15 ? 100 THR B OG1 1 
ATOM   1389 C CG2 . THR B 1 100 ? -7.296  0.918   0.250   1.00 65.05 ? 100 THR B CG2 1 
ATOM   1390 N N   . LYS B 1 101 ? -8.477  -2.291  3.459   1.00 67.57 ? 101 LYS B N   1 
ATOM   1391 C CA  . LYS B 1 101 ? -9.161  -2.927  4.591   1.00 68.56 ? 101 LYS B CA  1 
ATOM   1392 C C   . LYS B 1 101 ? -8.619  -4.337  4.865   1.00 68.50 ? 101 LYS B C   1 
ATOM   1393 O O   . LYS B 1 101 ? -8.654  -5.234  4.005   1.00 68.56 ? 101 LYS B O   1 
ATOM   1394 C CB  . LYS B 1 101 ? -10.687 -2.948  4.402   1.00 68.46 ? 101 LYS B CB  1 
ATOM   1395 C CG  . LYS B 1 101 ? -11.295 -1.553  4.192   1.00 70.04 ? 101 LYS B CG  1 
ATOM   1396 C CD  . LYS B 1 101 ? -12.805 -1.497  4.435   1.00 69.78 ? 101 LYS B CD  1 
ATOM   1397 C CE  . LYS B 1 101 ? -13.307 -0.054  4.401   1.00 70.67 ? 101 LYS B CE  1 
ATOM   1398 N NZ  . LYS B 1 101 ? -14.472 0.156   5.335   1.00 71.82 ? 101 LYS B NZ  1 
ATOM   1399 N N   . LEU B 1 102 ? -8.108  -4.507  6.077   1.00 68.16 ? 102 LEU B N   1 
ATOM   1400 C CA  . LEU B 1 102 ? -7.672  -5.802  6.557   1.00 67.43 ? 102 LEU B CA  1 
ATOM   1401 C C   . LEU B 1 102 ? -8.562  -6.230  7.715   1.00 67.05 ? 102 LEU B C   1 
ATOM   1402 O O   . LEU B 1 102 ? -9.001  -5.396  8.505   1.00 67.44 ? 102 LEU B O   1 
ATOM   1403 C CB  . LEU B 1 102 ? -6.227  -5.725  7.019   1.00 67.33 ? 102 LEU B CB  1 
ATOM   1404 C CG  . LEU B 1 102 ? -5.184  -5.484  5.928   1.00 66.70 ? 102 LEU B CG  1 
ATOM   1405 C CD1 . LEU B 1 102 ? -3.894  -4.935  6.518   1.00 66.82 ? 102 LEU B CD1 1 
ATOM   1406 C CD2 . LEU B 1 102 ? -4.899  -6.754  5.169   1.00 65.78 ? 102 LEU B CD2 1 
ATOM   1407 N N   . ASN B 1 103 ? -8.853  -7.526  7.796   1.00 66.33 ? 103 ASN B N   1 
ATOM   1408 C CA  . ASN B 1 103 ? -9.537  -8.100  8.961   1.00 65.08 ? 103 ASN B CA  1 
ATOM   1409 C C   . ASN B 1 103 ? -8.616  -9.011  9.754   1.00 64.06 ? 103 ASN B C   1 
ATOM   1410 O O   . ASN B 1 103 ? -7.571  -9.476  9.261   1.00 63.84 ? 103 ASN B O   1 
ATOM   1411 C CB  . ASN B 1 103 ? -10.785 -8.877  8.538   1.00 65.07 ? 103 ASN B CB  1 
ATOM   1412 C CG  . ASN B 1 103 ? -11.947 -7.972  8.190   1.00 66.53 ? 103 ASN B CG  1 
ATOM   1413 O OD1 . ASN B 1 103 ? -13.086 -8.434  8.037   1.00 68.17 ? 103 ASN B OD1 1 
ATOM   1414 N ND2 . ASN B 1 103 ? -11.675 -6.673  8.061   1.00 66.70 ? 103 ASN B ND2 1 
ATOM   1415 N N   . ALA B 1 104 ? -9.023  -9.273  10.984  1.00 63.03 ? 104 ALA B N   1 
ATOM   1416 C CA  . ALA B 1 104 ? -8.296  -10.181 11.854  1.00 62.38 ? 104 ALA B CA  1 
ATOM   1417 C C   . ALA B 1 104 ? -8.791  -11.613 11.647  1.00 61.91 ? 104 ALA B C   1 
ATOM   1418 O O   . ALA B 1 104 ? -9.867  -11.839 11.088  1.00 61.53 ? 104 ALA B O   1 
ATOM   1419 C CB  . ALA B 1 104 ? -8.441  -9.746  13.311  1.00 61.33 ? 104 ALA B CB  1 
ATOM   1420 N N   . ILE B 1 105 ? -7.974  -12.578 12.051  1.00 61.77 ? 105 ILE B N   1 
ATOM   1421 C CA  . ILE B 1 105 ? -8.485  -13.927 12.322  1.00 61.68 ? 105 ILE B CA  1 
ATOM   1422 C C   . ILE B 1 105 ? -8.085  -14.408 13.702  1.00 60.96 ? 105 ILE B C   1 
ATOM   1423 O O   . ILE B 1 105 ? -7.149  -13.895 14.317  1.00 61.10 ? 105 ILE B O   1 
ATOM   1424 C CB  . ILE B 1 105 ? -8.029  -14.994 11.306  1.00 61.82 ? 105 ILE B CB  1 
ATOM   1425 C CG1 . ILE B 1 105 ? -6.518  -15.153 11.333  1.00 61.20 ? 105 ILE B CG1 1 
ATOM   1426 C CG2 . ILE B 1 105 ? -8.585  -14.707 9.900   1.00 63.12 ? 105 ILE B CG2 1 
ATOM   1427 C CD1 . ILE B 1 105 ? -6.105  -16.479 10.784  1.00 63.22 ? 105 ILE B CD1 1 
ATOM   1428 N N   . SER B 1 106 ? -8.815  -15.408 14.170  1.00 60.33 ? 106 SER B N   1 
ATOM   1429 C CA  . SER B 1 106 ? -8.569  -16.037 15.454  1.00 59.36 ? 106 SER B CA  1 
ATOM   1430 C C   . SER B 1 106 ? -8.185  -17.478 15.235  1.00 59.21 ? 106 SER B C   1 
ATOM   1431 O O   . SER B 1 106 ? -8.783  -18.182 14.407  1.00 59.08 ? 106 SER B O   1 
ATOM   1432 C CB  . SER B 1 106 ? -9.815  -15.966 16.303  1.00 58.80 ? 106 SER B CB  1 
ATOM   1433 O OG  . SER B 1 106 ? -9.944  -14.654 16.790  1.00 58.82 ? 106 SER B OG  1 
ATOM   1434 N N   . VAL B 1 107 ? -7.171  -17.911 15.969  1.00 58.89 ? 107 VAL B N   1 
ATOM   1435 C CA  . VAL B 1 107 ? -6.760  -19.292 15.915  1.00 58.61 ? 107 VAL B CA  1 
ATOM   1436 C C   . VAL B 1 107 ? -6.812  -19.887 17.321  1.00 58.53 ? 107 VAL B C   1 
ATOM   1437 O O   . VAL B 1 107 ? -6.524  -19.201 18.304  1.00 58.45 ? 107 VAL B O   1 
ATOM   1438 C CB  . VAL B 1 107 ? -5.366  -19.470 15.236  1.00 58.61 ? 107 VAL B CB  1 
ATOM   1439 C CG1 . VAL B 1 107 ? -5.102  -18.353 14.234  1.00 58.02 ? 107 VAL B CG1 1 
ATOM   1440 C CG2 . VAL B 1 107 ? -4.257  -19.524 16.256  1.00 59.08 ? 107 VAL B CG2 1 
ATOM   1441 N N   . LEU B 1 108 ? -7.206  -21.160 17.391  1.00 58.44 ? 108 LEU B N   1 
ATOM   1442 C CA  . LEU B 1 108 ? -7.209  -21.940 18.609  1.00 58.31 ? 108 LEU B CA  1 
ATOM   1443 C C   . LEU B 1 108 ? -6.083  -22.957 18.526  1.00 58.77 ? 108 LEU B C   1 
ATOM   1444 O O   . LEU B 1 108 ? -6.022  -23.729 17.573  1.00 58.77 ? 108 LEU B O   1 
ATOM   1445 C CB  . LEU B 1 108 ? -8.544  -22.670 18.729  1.00 58.17 ? 108 LEU B CB  1 
ATOM   1446 C CG  . LEU B 1 108 ? -8.796  -23.323 20.080  1.00 56.99 ? 108 LEU B CG  1 
ATOM   1447 C CD1 . LEU B 1 108 ? -9.300  -22.265 21.037  1.00 55.72 ? 108 LEU B CD1 1 
ATOM   1448 C CD2 . LEU B 1 108 ? -9.787  -24.446 19.930  1.00 56.00 ? 108 LEU B CD2 1 
ATOM   1449 N N   . TYR B 1 109 ? -5.196  -22.971 19.516  1.00 59.54 ? 109 TYR B N   1 
ATOM   1450 C CA  . TYR B 1 109 ? -4.037  -23.867 19.466  1.00 60.53 ? 109 TYR B CA  1 
ATOM   1451 C C   . TYR B 1 109 ? -3.498  -24.333 20.808  1.00 61.86 ? 109 TYR B C   1 
ATOM   1452 O O   . TYR B 1 109 ? -3.748  -23.714 21.848  1.00 61.93 ? 109 TYR B O   1 
ATOM   1453 C CB  . TYR B 1 109 ? -2.892  -23.204 18.716  1.00 60.17 ? 109 TYR B CB  1 
ATOM   1454 C CG  . TYR B 1 109 ? -2.272  -22.051 19.463  1.00 59.06 ? 109 TYR B CG  1 
ATOM   1455 C CD1 . TYR B 1 109 ? -2.742  -20.757 19.275  1.00 57.03 ? 109 TYR B CD1 1 
ATOM   1456 C CD2 . TYR B 1 109 ? -1.222  -22.253 20.365  1.00 57.77 ? 109 TYR B CD2 1 
ATOM   1457 C CE1 . TYR B 1 109 ? -2.191  -19.688 19.958  1.00 57.48 ? 109 TYR B CE1 1 
ATOM   1458 C CE2 . TYR B 1 109 ? -0.654  -21.177 21.060  1.00 58.49 ? 109 TYR B CE2 1 
ATOM   1459 C CZ  . TYR B 1 109 ? -1.147  -19.893 20.836  1.00 58.56 ? 109 TYR B CZ  1 
ATOM   1460 O OH  . TYR B 1 109 ? -0.616  -18.806 21.492  1.00 59.37 ? 109 TYR B OH  1 
ATOM   1461 N N   . PHE B 1 110 ? -2.692  -25.394 20.726  1.00 63.67 ? 110 PHE B N   1 
ATOM   1462 C CA  . PHE B 1 110 ? -2.043  -26.093 21.845  1.00 65.21 ? 110 PHE B CA  1 
ATOM   1463 C C   . PHE B 1 110 ? -0.698  -25.484 22.285  1.00 65.86 ? 110 PHE B C   1 
ATOM   1464 O O   . PHE B 1 110 ? -0.068  -24.759 21.543  1.00 66.28 ? 110 PHE B O   1 
ATOM   1465 C CB  . PHE B 1 110 ? -1.785  -27.531 21.422  1.00 65.74 ? 110 PHE B CB  1 
ATOM   1466 C CG  . PHE B 1 110 ? -2.878  -28.489 21.774  1.00 66.68 ? 110 PHE B CG  1 
ATOM   1467 C CD1 . PHE B 1 110 ? -3.210  -28.736 23.110  1.00 68.79 ? 110 PHE B CD1 1 
ATOM   1468 C CD2 . PHE B 1 110 ? -3.532  -29.202 20.778  1.00 67.87 ? 110 PHE B CD2 1 
ATOM   1469 C CE1 . PHE B 1 110 ? -4.208  -29.673 23.459  1.00 68.78 ? 110 PHE B CE1 1 
ATOM   1470 C CE2 . PHE B 1 110 ? -4.536  -30.145 21.106  1.00 68.92 ? 110 PHE B CE2 1 
ATOM   1471 C CZ  . PHE B 1 110 ? -4.872  -30.377 22.452  1.00 68.78 ? 110 PHE B CZ  1 
ATOM   1472 N N   . ASP B 1 111 ? -0.251  -25.855 23.479  1.00 67.03 ? 111 ASP B N   1 
ATOM   1473 C CA  . ASP B 1 111 ? 0.903   -25.279 24.177  1.00 67.66 ? 111 ASP B CA  1 
ATOM   1474 C C   . ASP B 1 111 ? 1.777   -26.490 24.610  1.00 68.33 ? 111 ASP B C   1 
ATOM   1475 O O   . ASP B 1 111 ? 1.395   -27.658 24.384  1.00 68.08 ? 111 ASP B O   1 
ATOM   1476 C CB  . ASP B 1 111 ? 0.348   -24.578 25.425  1.00 67.93 ? 111 ASP B CB  1 
ATOM   1477 C CG  . ASP B 1 111 ? 1.273   -23.540 26.016  1.00 68.41 ? 111 ASP B CG  1 
ATOM   1478 O OD1 . ASP B 1 111 ? 1.488   -22.477 25.395  1.00 69.55 ? 111 ASP B OD1 1 
ATOM   1479 O OD2 . ASP B 1 111 ? 1.726   -23.759 27.154  1.00 69.40 ? 111 ASP B OD2 1 
ATOM   1480 N N   . ASP B 1 112 ? 2.936   -26.208 25.224  1.00 68.74 ? 112 ASP B N   1 
ATOM   1481 C CA  . ASP B 1 112 ? 3.787   -27.225 25.879  1.00 68.49 ? 112 ASP B CA  1 
ATOM   1482 C C   . ASP B 1 112 ? 2.932   -28.184 26.669  1.00 67.97 ? 112 ASP B C   1 
ATOM   1483 O O   . ASP B 1 112 ? 2.708   -29.326 26.254  1.00 68.29 ? 112 ASP B O   1 
ATOM   1484 C CB  . ASP B 1 112 ? 4.780   -26.562 26.844  1.00 69.05 ? 112 ASP B CB  1 
ATOM   1485 C CG  . ASP B 1 112 ? 6.230   -26.716 26.405  1.00 70.38 ? 112 ASP B CG  1 
ATOM   1486 O OD1 . ASP B 1 112 ? 6.583   -26.178 25.331  1.00 71.53 ? 112 ASP B OD1 1 
ATOM   1487 O OD2 . ASP B 1 112 ? 7.016   -27.362 27.147  1.00 71.46 ? 112 ASP B OD2 1 
ATOM   1488 N N   . ASN B 1 113 ? 2.480   -27.707 27.829  1.00 67.05 ? 113 ASN B N   1 
ATOM   1489 C CA  . ASN B 1 113 ? 1.383   -28.321 28.568  1.00 65.66 ? 113 ASN B CA  1 
ATOM   1490 C C   . ASN B 1 113 ? 0.189   -28.270 27.631  1.00 64.58 ? 113 ASN B C   1 
ATOM   1491 O O   . ASN B 1 113 ? 0.139   -27.424 26.726  1.00 64.95 ? 113 ASN B O   1 
ATOM   1492 C CB  . ASN B 1 113 ? 1.088   -27.496 29.817  1.00 65.92 ? 113 ASN B CB  1 
ATOM   1493 C CG  . ASN B 1 113 ? 2.341   -26.856 30.404  1.00 66.20 ? 113 ASN B CG  1 
ATOM   1494 O OD1 . ASN B 1 113 ? 3.103   -27.505 31.122  1.00 66.79 ? 113 ASN B OD1 1 
ATOM   1495 N ND2 . ASN B 1 113 ? 2.554   -25.578 30.100  1.00 65.90 ? 113 ASN B ND2 1 
ATOM   1496 N N   . SER B 1 114 ? -0.774  -29.154 27.823  1.00 62.71 ? 114 SER B N   1 
ATOM   1497 C CA  . SER B 1 114 ? -1.908  -29.209 26.900  1.00 61.06 ? 114 SER B CA  1 
ATOM   1498 C C   . SER B 1 114 ? -2.872  -28.000 27.016  1.00 59.63 ? 114 SER B C   1 
ATOM   1499 O O   . SER B 1 114 ? -4.080  -28.194 27.095  1.00 60.06 ? 114 SER B O   1 
ATOM   1500 C CB  . SER B 1 114 ? -2.674  -30.517 27.123  1.00 61.22 ? 114 SER B CB  1 
ATOM   1501 O OG  . SER B 1 114 ? -1.806  -31.634 27.060  1.00 60.99 ? 114 SER B OG  1 
ATOM   1502 N N   . ASN B 1 115 ? -2.345  -26.774 27.058  1.00 57.54 ? 115 ASN B N   1 
ATOM   1503 C CA  . ASN B 1 115 ? -3.180  -25.573 27.177  1.00 55.94 ? 115 ASN B CA  1 
ATOM   1504 C C   . ASN B 1 115 ? -3.847  -25.219 25.860  1.00 54.78 ? 115 ASN B C   1 
ATOM   1505 O O   . ASN B 1 115 ? -3.179  -25.050 24.839  1.00 54.43 ? 115 ASN B O   1 
ATOM   1506 C CB  . ASN B 1 115 ? -2.378  -24.342 27.621  1.00 55.96 ? 115 ASN B CB  1 
ATOM   1507 C CG  . ASN B 1 115 ? -1.766  -24.486 28.983  1.00 55.41 ? 115 ASN B CG  1 
ATOM   1508 O OD1 . ASN B 1 115 ? -2.377  -25.006 29.905  1.00 55.38 ? 115 ASN B OD1 1 
ATOM   1509 N ND2 . ASN B 1 115 ? -0.549  -23.993 29.125  1.00 56.37 ? 115 ASN B ND2 1 
ATOM   1510 N N   . VAL B 1 116 ? -5.165  -25.087 25.887  1.00 53.39 ? 116 VAL B N   1 
ATOM   1511 C CA  . VAL B 1 116 ? -5.898  -24.624 24.716  1.00 51.68 ? 116 VAL B CA  1 
ATOM   1512 C C   . VAL B 1 116 ? -6.001  -23.113 24.788  1.00 51.09 ? 116 VAL B C   1 
ATOM   1513 O O   . VAL B 1 116 ? -6.510  -22.564 25.753  1.00 50.33 ? 116 VAL B O   1 
ATOM   1514 C CB  . VAL B 1 116 ? -7.269  -25.286 24.617  1.00 51.87 ? 116 VAL B CB  1 
ATOM   1515 C CG1 . VAL B 1 116 ? -7.937  -24.929 23.309  1.00 50.16 ? 116 VAL B CG1 1 
ATOM   1516 C CG2 . VAL B 1 116 ? -7.131  -26.815 24.795  1.00 50.46 ? 116 VAL B CG2 1 
ATOM   1517 N N   . ILE B 1 117 ? -5.469  -22.466 23.756  1.00 50.99 ? 117 ILE B N   1 
ATOM   1518 C CA  . ILE B 1 117 ? -5.269  -21.032 23.712  1.00 50.98 ? 117 ILE B CA  1 
ATOM   1519 C C   . ILE B 1 117 ? -5.980  -20.462 22.495  1.00 51.56 ? 117 ILE B C   1 
ATOM   1520 O O   . ILE B 1 117 ? -5.838  -20.953 21.376  1.00 51.13 ? 117 ILE B O   1 
ATOM   1521 C CB  . ILE B 1 117 ? -3.755  -20.675 23.685  1.00 51.12 ? 117 ILE B CB  1 
ATOM   1522 C CG1 . ILE B 1 117 ? -3.060  -21.160 24.968  1.00 51.19 ? 117 ILE B CG1 1 
ATOM   1523 C CG2 . ILE B 1 117 ? -3.547  -19.176 23.562  1.00 49.88 ? 117 ILE B CG2 1 
ATOM   1524 C CD1 . ILE B 1 117 ? -1.611  -21.522 24.781  1.00 51.46 ? 117 ILE B CD1 1 
ATOM   1525 N N   . LEU B 1 118 ? -6.787  -19.443 22.736  1.00 52.58 ? 118 LEU B N   1 
ATOM   1526 C CA  . LEU B 1 118 ? -7.412  -18.719 21.663  1.00 53.93 ? 118 LEU B CA  1 
ATOM   1527 C C   . LEU B 1 118 ? -6.684  -17.396 21.545  1.00 55.03 ? 118 LEU B C   1 
ATOM   1528 O O   . LEU B 1 118 ? -6.460  -16.701 22.548  1.00 55.49 ? 118 LEU B O   1 
ATOM   1529 C CB  . LEU B 1 118 ? -8.902  -18.495 21.936  1.00 53.94 ? 118 LEU B CB  1 
ATOM   1530 C CG  . LEU B 1 118 ? -9.656  -17.780 20.804  1.00 54.39 ? 118 LEU B CG  1 
ATOM   1531 C CD1 . LEU B 1 118 ? -9.860  -18.690 19.561  1.00 53.35 ? 118 LEU B CD1 1 
ATOM   1532 C CD2 . LEU B 1 118 ? -10.969 -17.239 21.330  1.00 53.45 ? 118 LEU B CD2 1 
ATOM   1533 N N   . LYS B 1 119 ? -6.325  -17.053 20.315  1.00 56.01 ? 119 LYS B N   1 
ATOM   1534 C CA  . LYS B 1 119 ? -5.458  -15.928 20.050  1.00 57.22 ? 119 LYS B CA  1 
ATOM   1535 C C   . LYS B 1 119 ? -5.923  -15.233 18.780  1.00 57.59 ? 119 LYS B C   1 
ATOM   1536 O O   . LYS B 1 119 ? -6.222  -15.882 17.781  1.00 57.64 ? 119 LYS B O   1 
ATOM   1537 C CB  . LYS B 1 119 ? -4.006  -16.410 19.931  1.00 57.63 ? 119 LYS B CB  1 
ATOM   1538 C CG  . LYS B 1 119 ? -3.038  -15.457 19.237  1.00 59.92 ? 119 LYS B CG  1 
ATOM   1539 C CD  . LYS B 1 119 ? -2.541  -14.334 20.147  1.00 62.54 ? 119 LYS B CD  1 
ATOM   1540 C CE  . LYS B 1 119 ? -1.660  -13.367 19.361  1.00 63.75 ? 119 LYS B CE  1 
ATOM   1541 N NZ  . LYS B 1 119 ? -1.451  -12.105 20.121  1.00 66.03 ? 119 LYS B NZ  1 
ATOM   1542 N N   . LYS B 1 120 ? -6.014  -13.908 18.846  1.00 58.00 ? 120 LYS B N   1 
ATOM   1543 C CA  . LYS B 1 120 ? -6.492  -13.115 17.743  1.00 58.56 ? 120 LYS B CA  1 
ATOM   1544 C C   . LYS B 1 120 ? -5.306  -12.388 17.091  1.00 58.38 ? 120 LYS B C   1 
ATOM   1545 O O   . LYS B 1 120 ? -4.512  -11.741 17.776  1.00 58.87 ? 120 LYS B O   1 
ATOM   1546 C CB  . LYS B 1 120 ? -7.559  -12.141 18.248  1.00 58.79 ? 120 LYS B CB  1 
ATOM   1547 C CG  . LYS B 1 120 ? -7.965  -11.055 17.256  1.00 60.41 ? 120 LYS B CG  1 
ATOM   1548 C CD  . LYS B 1 120 ? -8.791  -10.021 17.972  1.00 64.97 ? 120 LYS B CD  1 
ATOM   1549 C CE  . LYS B 1 120 ? -10.270 -10.154 17.644  1.00 67.62 ? 120 LYS B CE  1 
ATOM   1550 N NZ  . LYS B 1 120 ? -10.631 -9.249  16.498  1.00 67.76 ? 120 LYS B NZ  1 
ATOM   1551 N N   . TYR B 1 121 ? -5.183  -12.524 15.776  1.00 57.92 ? 121 TYR B N   1 
ATOM   1552 C CA  . TYR B 1 121 ? -4.099  -11.906 15.026  1.00 58.01 ? 121 TYR B CA  1 
ATOM   1553 C C   . TYR B 1 121 ? -4.703  -10.882 14.091  1.00 58.28 ? 121 TYR B C   1 
ATOM   1554 O O   . TYR B 1 121 ? -5.503  -11.234 13.219  1.00 57.93 ? 121 TYR B O   1 
ATOM   1555 C CB  . TYR B 1 121 ? -3.360  -12.937 14.170  1.00 58.01 ? 121 TYR B CB  1 
ATOM   1556 C CG  . TYR B 1 121 ? -2.494  -13.924 14.900  1.00 57.89 ? 121 TYR B CG  1 
ATOM   1557 C CD1 . TYR B 1 121 ? -2.953  -15.204 15.191  1.00 59.19 ? 121 TYR B CD1 1 
ATOM   1558 C CD2 . TYR B 1 121 ? -1.205  -13.595 15.270  1.00 58.33 ? 121 TYR B CD2 1 
ATOM   1559 C CE1 . TYR B 1 121 ? -2.143  -16.129 15.855  1.00 59.27 ? 121 TYR B CE1 1 
ATOM   1560 C CE2 . TYR B 1 121 ? -0.390  -14.502 15.931  1.00 58.47 ? 121 TYR B CE2 1 
ATOM   1561 C CZ  . TYR B 1 121 ? -0.857  -15.762 16.222  1.00 58.97 ? 121 TYR B CZ  1 
ATOM   1562 O OH  . TYR B 1 121 ? -0.024  -16.641 16.883  1.00 59.05 ? 121 TYR B OH  1 
ATOM   1563 N N   . ARG B 1 122 ? -4.310  -9.625  14.254  1.00 58.98 ? 122 ARG B N   1 
ATOM   1564 C CA  . ARG B 1 122 ? -4.877  -8.535  13.474  1.00 60.08 ? 122 ARG B CA  1 
ATOM   1565 C C   . ARG B 1 122 ? -4.265  -8.461  12.088  1.00 59.86 ? 122 ARG B C   1 
ATOM   1566 O O   . ARG B 1 122 ? -3.214  -9.064  11.845  1.00 59.18 ? 122 ARG B O   1 
ATOM   1567 C CB  . ARG B 1 122 ? -4.668  -7.206  14.191  1.00 60.88 ? 122 ARG B CB  1 
ATOM   1568 C CG  . ARG B 1 122 ? -5.488  -7.035  15.456  1.00 63.02 ? 122 ARG B CG  1 
ATOM   1569 C CD  . ARG B 1 122 ? -5.113  -5.736  16.132  1.00 68.18 ? 122 ARG B CD  1 
ATOM   1570 N NE  . ARG B 1 122 ? -4.301  -5.970  17.326  1.00 72.28 ? 122 ARG B NE  1 
ATOM   1571 C CZ  . ARG B 1 122 ? -3.649  -5.017  17.999  1.00 75.14 ? 122 ARG B CZ  1 
ATOM   1572 N NH1 . ARG B 1 122 ? -3.690  -3.749  17.585  1.00 75.60 ? 122 ARG B NH1 1 
ATOM   1573 N NH2 . ARG B 1 122 ? -2.951  -5.333  19.092  1.00 75.76 ? 122 ARG B NH2 1 
ATOM   1574 N N   . ASN B 1 123 ? -4.927  -7.720  11.192  1.00 60.02 ? 123 ASN B N   1 
ATOM   1575 C CA  . ASN B 1 123 ? -4.419  -7.457  9.823   1.00 59.99 ? 123 ASN B CA  1 
ATOM   1576 C C   . ASN B 1 123 ? -3.965  -8.733  9.119   1.00 60.60 ? 123 ASN B C   1 
ATOM   1577 O O   . ASN B 1 123 ? -2.820  -8.857  8.618   1.00 60.13 ? 123 ASN B O   1 
ATOM   1578 C CB  . ASN B 1 123 ? -3.288  -6.432  9.867   1.00 59.74 ? 123 ASN B CB  1 
ATOM   1579 C CG  . ASN B 1 123 ? -3.696  -5.152  10.577  1.00 59.53 ? 123 ASN B CG  1 
ATOM   1580 O OD1 . ASN B 1 123 ? -4.685  -4.519  10.198  1.00 58.90 ? 123 ASN B OD1 1 
ATOM   1581 N ND2 . ASN B 1 123 ? -2.939  -4.766  11.610  1.00 55.31 ? 123 ASN B ND2 1 
ATOM   1582 N N   . MET B 1 124 ? -4.862  -9.709  9.119   1.00 60.99 ? 124 MET B N   1 
ATOM   1583 C CA  . MET B 1 124 ? -4.495  -11.016 8.594   1.00 61.61 ? 124 MET B CA  1 
ATOM   1584 C C   . MET B 1 124 ? -5.167  -11.265 7.262   1.00 61.93 ? 124 MET B C   1 
ATOM   1585 O O   . MET B 1 124 ? -4.606  -11.936 6.425   1.00 62.23 ? 124 MET B O   1 
ATOM   1586 C CB  . MET B 1 124 ? -4.755  -12.133 9.629   1.00 61.14 ? 124 MET B CB  1 
ATOM   1587 C CG  . MET B 1 124 ? -3.637  -12.250 10.637  1.00 59.89 ? 124 MET B CG  1 
ATOM   1588 S SD  . MET B 1 124 ? -2.371  -13.402 10.050  1.00 67.07 ? 124 MET B SD  1 
ATOM   1589 C CE  . MET B 1 124 ? -0.851  -12.668 10.532  1.00 63.77 ? 124 MET B CE  1 
ATOM   1590 N N   . VAL B 1 125 ? -6.346  -10.687 7.069   1.00 62.66 ? 125 VAL B N   1 
ATOM   1591 C CA  . VAL B 1 125 ? -7.150  -10.918 5.874   1.00 63.20 ? 125 VAL B CA  1 
ATOM   1592 C C   . VAL B 1 125 ? -7.382  -9.631  5.083   1.00 63.34 ? 125 VAL B C   1 
ATOM   1593 O O   . VAL B 1 125 ? -7.794  -8.616  5.654   1.00 63.93 ? 125 VAL B O   1 
ATOM   1594 C CB  . VAL B 1 125 ? -8.524  -11.486 6.264   1.00 63.20 ? 125 VAL B CB  1 
ATOM   1595 C CG1 . VAL B 1 125 ? -9.486  -11.496 5.058   1.00 62.56 ? 125 VAL B CG1 1 
ATOM   1596 C CG2 . VAL B 1 125 ? -8.356  -12.871 6.847   1.00 63.49 ? 125 VAL B CG2 1 
ATOM   1597 N N   . VAL B 1 126 ? -7.135  -9.685  3.775   1.00 62.91 ? 126 VAL B N   1 
ATOM   1598 C CA  . VAL B 1 126 ? -7.413  -8.571  2.879   1.00 61.91 ? 126 VAL B CA  1 
ATOM   1599 C C   . VAL B 1 126 ? -8.879  -8.591  2.493   1.00 62.14 ? 126 VAL B C   1 
ATOM   1600 O O   . VAL B 1 126 ? -9.382  -9.604  1.993   1.00 61.74 ? 126 VAL B O   1 
ATOM   1601 C CB  . VAL B 1 126 ? -6.562  -8.663  1.599   1.00 62.07 ? 126 VAL B CB  1 
ATOM   1602 C CG1 . VAL B 1 126 ? -6.957  -7.561  0.602   1.00 61.03 ? 126 VAL B CG1 1 
ATOM   1603 C CG2 . VAL B 1 126 ? -5.099  -8.547  1.934   1.00 61.50 ? 126 VAL B CG2 1 
ATOM   1604 N N   . ARG B 1 127 ? -9.544  -7.466  2.695   1.00 62.63 ? 127 ARG B N   1 
ATOM   1605 C CA  . ARG B 1 127 ? -10.935 -7.316  2.325   1.00 63.01 ? 127 ARG B CA  1 
ATOM   1606 C C   . ARG B 1 127 ? -11.147 -6.374  1.182   1.00 62.87 ? 127 ARG B C   1 
ATOM   1607 O O   . ARG B 1 127 ? -12.056 -6.540  0.411   1.00 62.61 ? 127 ARG B O   1 
ATOM   1608 C CB  . ARG B 1 127 ? -11.752 -6.857  3.507   1.00 62.95 ? 127 ARG B CB  1 
ATOM   1609 C CG  . ARG B 1 127 ? -11.981 -7.942  4.505   1.00 66.28 ? 127 ARG B CG  1 
ATOM   1610 C CD  . ARG B 1 127 ? -13.114 -8.849  4.090   1.00 68.79 ? 127 ARG B CD  1 
ATOM   1611 N NE  . ARG B 1 127 ? -14.319 -8.504  4.824   1.00 71.96 ? 127 ARG B NE  1 
ATOM   1612 C CZ  . ARG B 1 127 ? -15.475 -9.133  4.704   1.00 74.39 ? 127 ARG B CZ  1 
ATOM   1613 N NH1 . ARG B 1 127 ? -15.591 -10.158 3.874   1.00 74.76 ? 127 ARG B NH1 1 
ATOM   1614 N NH2 . ARG B 1 127 ? -16.514 -8.736  5.422   1.00 75.02 ? 127 ARG B NH2 1 
ATOM   1615 N N   . ALA B 1 128 ? -10.283 -5.382  1.089   1.00 63.06 ? 128 ALA B N   1 
ATOM   1616 C CA  . ALA B 1 128 ? -10.310 -4.374  0.015   1.00 63.08 ? 128 ALA B CA  1 
ATOM   1617 C C   . ALA B 1 128 ? -8.909  -3.888  -0.369  1.00 63.24 ? 128 ALA B C   1 
ATOM   1618 O O   . ALA B 1 128 ? -7.988  -3.833  0.469   1.00 62.93 ? 128 ALA B O   1 
ATOM   1619 C CB  . ALA B 1 128 ? -11.188 -3.199  0.405   1.00 62.49 ? 128 ALA B CB  1 
ATOM   1620 N N   . CYS B 1 129 ? -8.776  -3.521  -1.643  1.00 63.39 ? 129 CYS B N   1 
ATOM   1621 C CA  . CYS B 1 129 ? -7.502  -3.074  -2.237  1.00 63.26 ? 129 CYS B CA  1 
ATOM   1622 C C   . CYS B 1 129 ? -7.641  -1.693  -2.876  1.00 62.91 ? 129 CYS B C   1 
ATOM   1623 O O   . CYS B 1 129 ? -8.715  -1.318  -3.338  1.00 62.98 ? 129 CYS B O   1 
ATOM   1624 C CB  . CYS B 1 129 ? -7.041  -4.080  -3.291  1.00 62.98 ? 129 CYS B CB  1 
ATOM   1625 S SG  . CYS B 1 129 ? -6.786  -5.764  -2.618  1.00 63.31 ? 129 CYS B SG  1 
ATOM   1626 N N   . GLY B 1 130 ? -6.553  -0.940  -2.909  1.00 62.66 ? 130 GLY B N   1 
ATOM   1627 C CA  . GLY B 1 130 ? -6.564  0.371   -3.548  1.00 62.07 ? 130 GLY B CA  1 
ATOM   1628 C C   . GLY B 1 130 ? -5.167  0.802   -3.898  1.00 61.79 ? 130 GLY B C   1 
ATOM   1629 O O   . GLY B 1 130 ? -4.205  0.198   -3.455  1.00 62.58 ? 130 GLY B O   1 
ATOM   1630 N N   . CYS B 1 131 ? -5.046  1.881   -4.659  1.00 61.49 ? 131 CYS B N   1 
ATOM   1631 C CA  . CYS B 1 131 ? -3.752  2.302   -5.177  1.00 60.84 ? 131 CYS B CA  1 
ATOM   1632 C C   . CYS B 1 131 ? -3.121  3.323   -4.274  1.00 61.14 ? 131 CYS B C   1 
ATOM   1633 O O   . CYS B 1 131 ? -3.736  4.303   -3.927  1.00 61.21 ? 131 CYS B O   1 
ATOM   1634 C CB  . CYS B 1 131 ? -3.907  2.820   -6.590  1.00 60.51 ? 131 CYS B CB  1 
ATOM   1635 S SG  . CYS B 1 131 ? -4.307  1.459   -7.661  1.00 58.49 ? 131 CYS B SG  1 
ATOM   1636 N N   . HIS B 1 132 ? -1.882  3.057   -3.885  1.00 61.96 ? 132 HIS B N   1 
ATOM   1637 C CA  . HIS B 1 132 ? -1.218  3.787   -2.824  1.00 62.47 ? 132 HIS B CA  1 
ATOM   1638 C C   . HIS B 1 132 ? 0.145   4.130   -3.339  1.00 62.00 ? 132 HIS B C   1 
ATOM   1639 O O   . HIS B 1 132 ? 0.717   3.304   -4.064  1.00 61.89 ? 132 HIS B O   1 
ATOM   1640 C CB  . HIS B 1 132 ? -1.033  2.884   -1.612  1.00 63.20 ? 132 HIS B CB  1 
ATOM   1641 C CG  . HIS B 1 132 ? -2.314  2.434   -0.979  1.00 66.82 ? 132 HIS B CG  1 
ATOM   1642 N ND1 . HIS B 1 132 ? -2.890  3.092   0.090   1.00 70.21 ? 132 HIS B ND1 1 
ATOM   1643 C CD2 . HIS B 1 132 ? -3.112  1.372   -1.244  1.00 69.13 ? 132 HIS B CD2 1 
ATOM   1644 C CE1 . HIS B 1 132 ? -3.988  2.452   0.457   1.00 72.29 ? 132 HIS B CE1 1 
ATOM   1645 N NE2 . HIS B 1 132 ? -4.145  1.404   -0.337  1.00 71.74 ? 132 HIS B NE2 1 
ATOM   1646 O OXT . HIS B 1 132 ? 0.699   5.180   -3.026  1.00 61.52 ? 132 HIS B OXT 1 
HETATM 1647 O O   . HOH C 2 .   ? -0.304  -5.133  4.353   1.00 59.69 ? 133 HOH A O   1 
HETATM 1648 O O   . HOH C 2 .   ? -5.981  11.002  0.087   1.00 59.85 ? 134 HOH A O   1 
HETATM 1649 O O   . HOH C 2 .   ? 12.816  5.117   3.334   1.00 64.10 ? 135 HOH A O   1 
HETATM 1650 O O   . HOH C 2 .   ? -0.133  -5.719  -1.401  1.00 52.56 ? 136 HOH A O   1 
HETATM 1651 O O   . HOH C 2 .   ? 0.253   -8.100  2.080   1.00 51.01 ? 137 HOH A O   1 
HETATM 1652 O O   . HOH C 2 .   ? 0.027   -6.385  11.877  1.00 59.29 ? 138 HOH A O   1 
HETATM 1653 O O   . HOH C 2 .   ? -2.012  14.175  5.221   1.00 75.35 ? 139 HOH A O   1 
HETATM 1654 O O   . HOH C 2 .   ? -1.564  -2.642  5.040   1.00 62.66 ? 140 HOH A O   1 
HETATM 1655 O O   . HOH C 2 .   ? -11.426 24.893  0.282   1.00 71.41 ? 141 HOH A O   1 
HETATM 1656 O O   . HOH C 2 .   ? 3.162   -15.014 -12.242 1.00 74.10 ? 142 HOH A O   1 
HETATM 1657 O O   . HOH C 2 .   ? -0.593  -9.263  16.317  1.00 66.40 ? 143 HOH A O   1 
HETATM 1658 O O   . HOH C 2 .   ? 0.539   -7.416  -3.238  1.00 53.40 ? 144 HOH A O   1 
HETATM 1659 O O   . HOH C 2 .   ? -10.860 28.749  0.387   1.00 69.14 ? 145 HOH A O   1 
HETATM 1660 O O   . HOH C 2 .   ? 8.141   -4.250  9.747   1.00 77.32 ? 146 HOH A O   1 
HETATM 1661 O O   . HOH C 2 .   ? 8.891   25.980  -5.260  1.00 57.34 ? 147 HOH A O   1 
HETATM 1662 O O   . HOH C 2 .   ? 13.210  15.715  -7.859  1.00 80.40 ? 148 HOH A O   1 
HETATM 1663 O O   . HOH C 2 .   ? 10.763  1.839   -10.899 1.00 74.91 ? 149 HOH A O   1 
HETATM 1664 O O   . HOH C 2 .   ? -1.767  -7.914  -0.660  1.00 45.01 ? 150 HOH A O   1 
HETATM 1665 O O   . HOH C 2 .   ? -1.063  11.419  7.868   1.00 77.54 ? 151 HOH A O   1 
HETATM 1666 O O   . HOH C 2 .   ? 1.736   29.585  -10.563 1.00 85.95 ? 152 HOH A O   1 
HETATM 1667 O O   . HOH C 2 .   ? -1.176  16.179  7.563   1.00 69.53 ? 153 HOH A O   1 
HETATM 1668 O O   . HOH C 2 .   ? -2.439  17.258  -15.435 1.00 72.97 ? 154 HOH A O   1 
HETATM 1669 O O   . HOH C 2 .   ? -9.178  31.365  -13.649 1.00 82.35 ? 155 HOH A O   1 
HETATM 1670 O O   . HOH C 2 .   ? 11.020  4.926   4.577   1.00 56.19 ? 156 HOH A O   1 
HETATM 1671 O O   . HOH C 2 .   ? 0.127   -6.603  15.244  1.00 64.00 ? 157 HOH A O   1 
HETATM 1672 O O   . HOH C 2 .   ? 9.097   23.783  -13.597 1.00 77.06 ? 158 HOH A O   1 
HETATM 1673 O O   . HOH C 2 .   ? 5.500   -12.682 -9.014  1.00 76.13 ? 159 HOH A O   1 
HETATM 1674 O O   . HOH C 2 .   ? -10.588 33.167  -15.787 1.00 80.20 ? 160 HOH A O   1 
HETATM 1675 O O   . HOH C 2 .   ? -5.982  21.647  -8.930  1.00 69.37 ? 161 HOH A O   1 
HETATM 1676 O O   . HOH C 2 .   ? 1.072   -12.848 -12.745 1.00 85.96 ? 162 HOH A O   1 
HETATM 1677 O O   . HOH D 2 .   ? -6.212  -17.810 25.365  1.00 53.93 ? 133 HOH B O   1 
HETATM 1678 O O   . HOH D 2 .   ? -3.034  -26.612 8.763   1.00 59.97 ? 134 HOH B O   1 
HETATM 1679 O O   . HOH D 2 .   ? -7.153  -6.586  12.054  1.00 61.19 ? 135 HOH B O   1 
HETATM 1680 O O   . HOH D 2 .   ? 1.447   6.986   -4.712  1.00 45.79 ? 136 HOH B O   1 
HETATM 1681 O O   . HOH D 2 .   ? -11.501 -5.455  -5.049  1.00 58.53 ? 137 HOH B O   1 
HETATM 1682 O O   . HOH D 2 .   ? -8.792  2.452   -12.626 1.00 60.41 ? 138 HOH B O   1 
HETATM 1683 O O   . HOH D 2 .   ? -9.655  -13.797 -7.403  1.00 69.03 ? 139 HOH B O   1 
HETATM 1684 O O   . HOH D 2 .   ? -10.177 -19.810 8.373   1.00 65.64 ? 140 HOH B O   1 
HETATM 1685 O O   . HOH D 2 .   ? 2.737   -22.128 29.267  1.00 76.61 ? 141 HOH B O   1 
HETATM 1686 O O   . HOH D 2 .   ? -10.662 -17.877 6.196   1.00 69.68 ? 142 HOH B O   1 
HETATM 1687 O O   . HOH D 2 .   ? 3.315   3.140   -3.968  1.00 47.72 ? 143 HOH B O   1 
HETATM 1688 O O   . HOH D 2 .   ? -11.900 -15.365 13.083  1.00 70.09 ? 144 HOH B O   1 
HETATM 1689 O O   . HOH D 2 .   ? -10.738 -12.992 14.889  1.00 81.15 ? 145 HOH B O   1 
HETATM 1690 O O   . HOH D 2 .   ? -2.451  2.347   4.141   1.00 75.08 ? 146 HOH B O   1 
HETATM 1691 O O   . HOH D 2 .   ? 0.527   -0.312  -10.663 1.00 70.07 ? 147 HOH B O   1 
HETATM 1692 O O   . HOH D 2 .   ? 4.379   0.346   -7.805  1.00 64.24 ? 148 HOH B O   1 
HETATM 1693 O O   . HOH D 2 .   ? 1.562   -10.790 -10.328 1.00 72.39 ? 149 HOH B O   1 
HETATM 1694 O O   . HOH D 2 .   ? -0.434  6.767   -1.481  1.00 58.62 ? 150 HOH B O   1 
HETATM 1695 O O   . HOH D 2 .   ? 4.617   5.900   -3.592  1.00 50.29 ? 151 HOH B O   1 
HETATM 1696 O O   . HOH D 2 .   ? 15.202  6.774   -10.644 1.00 73.73 ? 152 HOH B O   1 
HETATM 1697 O O   . HOH D 2 .   ? -15.059 -17.529 -1.453  1.00 87.12 ? 153 HOH B O   1 
HETATM 1698 O O   . HOH D 2 .   ? -5.756  -12.365 21.346  1.00 65.47 ? 154 HOH B O   1 
HETATM 1699 O O   . HOH D 2 .   ? 5.152   3.661   -5.926  1.00 60.22 ? 155 HOH B O   1 
HETATM 1700 O O   . HOH D 2 .   ? -8.044  -16.022 24.889  1.00 86.12 ? 156 HOH B O   1 
HETATM 1701 O O   . HOH D 2 .   ? -8.560  2.082   -16.932 1.00 73.05 ? 157 HOH B O   1 
HETATM 1702 O O   . HOH D 2 .   ? -10.344 -6.706  12.628  1.00 69.06 ? 158 HOH B O   1 
HETATM 1703 O O   . HOH D 2 .   ? -7.352  8.916   0.795   1.00 65.85 ? 159 HOH B O   1 
HETATM 1704 O O   . HOH D 2 .   ? -11.053 -3.992  -3.608  1.00 56.17 ? 160 HOH B O   1 
HETATM 1705 O O   . HOH D 2 .   ? -8.599  -13.215 21.696  1.00 67.17 ? 161 HOH B O   1 
HETATM 1706 O O   . HOH D 2 .   ? 1.701   -34.150 5.305   1.00 85.63 ? 162 HOH B O   1 
HETATM 1707 O O   . HOH D 2 .   ? -1.915  -27.136 1.608   1.00 87.13 ? 163 HOH B O   1 
HETATM 1708 O O   . HOH D 2 .   ? 5.245   1.153   -12.886 1.00 60.44 ? 164 HOH B O   1 
HETATM 1709 O O   . HOH D 2 .   ? -2.595  -26.508 11.210  1.00 73.92 ? 165 HOH B O   1 
HETATM 1710 O O   . HOH D 2 .   ? -3.498  6.077   -16.255 1.00 61.19 ? 166 HOH B O   1 
HETATM 1711 O O   . HOH D 2 .   ? -10.919 -2.495  9.098   1.00 79.79 ? 167 HOH B O   1 
# 
